data_3ZTD
#
_entry.id   3ZTD
#
_cell.length_a   94.081
_cell.length_b   94.081
_cell.length_c   366.494
_cell.angle_alpha   90.00
_cell.angle_beta   90.00
_cell.angle_gamma   90.00
#
_symmetry.space_group_name_H-M   'P 41 2 2'
#
loop_
_entity.id
_entity.type
_entity.pdbx_description
1 polymer 'TRANSCRIPTION ELONGATION FACTOR B POLYPEPTIDE 2'
2 polymer 'TRANSCRIPTION ELONGATION FACTOR B POLYPEPTIDE 1'
3 polymer 'VON HIPPEL-LINDAU DISEASE TUMOR SUPPRESSOR'
4 non-polymer 'METHYL 4-[({(4R)-4-HYDROXY-1-[(3-METHYLISOXAZOL-5-YL)ACETYL]-L-PROLYL}AMINO)METHYL]BENZOATE'
5 water water
#
loop_
_entity_poly.entity_id
_entity_poly.type
_entity_poly.pdbx_seq_one_letter_code
_entity_poly.pdbx_strand_id
1 'polypeptide(L)'
;MDVFLMIRRHKTTIFTDAKESSTVFELKRIVEGILKRPPDEQRLYKDDQLLDDGKTLGECGFTSQTARPQAPATVGLAFR
ADDTFEALCIEPFSSPPELPDVMKPQDSGSSANEQAVQ
;
A,D,G,J
2 'polypeptide(L)'
;MMYVKLISSDGHEFIVKREHALTSGTIKAMLSGPGQFAENETNEVNFREIPSHVLSKVCMYFTYKVRYTNSSTEIPEFPI
APEIALELLMAANFLDC
;
B,E,H,K
3 'polypeptide(L)'
;GSMEAGRPRPVLRSVNSREPSQVIFCNRSPRVVLPVWLNFDGEPQPYPTLPPGTGRRIHSYRGHLWLFRDAGTHDGLLVN
QTELFVPSLNVDGQPIFANITLPVYTLKERCLQVVRSLVKPENYRRLDIVRSLYEDLEDHPNVQKDLERLTQERIAHQRM
GD
;
C,F,I,L
#
loop_
_chem_comp.id
_chem_comp.type
_chem_comp.name
_chem_comp.formula
ZTD non-polymer 'METHYL 4-[({(4R)-4-HYDROXY-1-[(3-METHYLISOXAZOL-5-YL)ACETYL]-L-PROLYL}AMINO)METHYL]BENZOATE' 'C20 H23 N3 O6'
#
# COMPACT_ATOMS: atom_id res chain seq x y z
N MET A 1 16.30 -28.50 -25.08
CA MET A 1 15.34 -27.42 -25.37
C MET A 1 14.85 -27.42 -26.78
N ASP A 2 13.54 -27.22 -26.92
CA ASP A 2 13.00 -26.79 -28.18
C ASP A 2 13.10 -25.27 -28.23
N VAL A 3 13.15 -24.75 -29.44
CA VAL A 3 13.23 -23.34 -29.65
C VAL A 3 12.09 -23.14 -30.66
N PHE A 4 11.29 -22.06 -30.51
CA PHE A 4 10.10 -21.85 -31.36
C PHE A 4 10.26 -20.63 -32.22
N LEU A 5 10.37 -20.88 -33.54
CA LEU A 5 10.79 -19.83 -34.45
C LEU A 5 9.73 -19.50 -35.43
N MET A 6 9.96 -18.37 -36.07
CA MET A 6 9.13 -17.92 -37.12
C MET A 6 10.15 -17.60 -38.21
N ILE A 7 10.15 -18.40 -39.28
CA ILE A 7 11.10 -18.17 -40.36
C ILE A 7 10.41 -17.23 -41.40
N ARG A 8 10.95 -16.03 -41.61
CA ARG A 8 10.21 -15.00 -42.32
C ARG A 8 10.96 -14.40 -43.46
N ARG A 9 10.28 -14.28 -44.58
CA ARG A 9 10.90 -13.80 -45.78
C ARG A 9 9.79 -13.36 -46.71
N HIS A 10 9.82 -12.08 -47.09
CA HIS A 10 8.86 -11.49 -48.01
C HIS A 10 7.42 -11.45 -47.48
N LYS A 11 6.45 -12.12 -48.11
CA LYS A 11 5.14 -12.34 -47.47
C LYS A 11 5.05 -13.80 -47.05
N THR A 12 6.21 -14.44 -47.02
CA THR A 12 6.24 -15.81 -46.57
C THR A 12 6.67 -15.87 -45.07
N THR A 13 6.06 -16.78 -44.30
CA THR A 13 6.30 -16.88 -42.85
C THR A 13 6.07 -18.34 -42.43
N ILE A 14 7.11 -19.01 -41.92
CA ILE A 14 7.06 -20.46 -41.52
C ILE A 14 7.14 -20.62 -39.97
N PHE A 15 6.21 -21.37 -39.37
CA PHE A 15 6.27 -21.61 -37.94
C PHE A 15 6.93 -22.99 -37.76
N THR A 16 8.06 -23.04 -37.09
CA THR A 16 8.59 -24.33 -36.81
C THR A 16 9.30 -24.30 -35.46
N ASP A 17 9.68 -25.49 -34.98
CA ASP A 17 10.43 -25.54 -33.75
C ASP A 17 11.75 -26.25 -34.01
N ALA A 18 12.78 -26.00 -33.19
CA ALA A 18 14.07 -26.70 -33.36
C ALA A 18 14.88 -26.81 -32.03
N LYS A 19 15.87 -27.68 -31.97
CA LYS A 19 16.66 -27.76 -30.75
C LYS A 19 17.54 -26.52 -30.56
N GLU A 20 17.94 -26.18 -29.33
CA GLU A 20 18.90 -25.06 -29.14
C GLU A 20 20.30 -25.38 -29.72
N SER A 21 20.66 -26.66 -29.72
CA SER A 21 21.93 -27.18 -30.29
C SER A 21 21.94 -27.43 -31.82
N SER A 22 20.80 -27.29 -32.50
CA SER A 22 20.72 -27.48 -33.93
C SER A 22 21.53 -26.35 -34.59
N THR A 23 22.06 -26.59 -35.79
CA THR A 23 22.84 -25.56 -36.40
C THR A 23 22.04 -24.77 -37.39
N VAL A 24 22.52 -23.53 -37.66
CA VAL A 24 21.97 -22.71 -38.73
C VAL A 24 21.83 -23.56 -39.99
N PHE A 25 22.87 -24.32 -40.34
CA PHE A 25 22.81 -25.12 -41.58
C PHE A 25 21.68 -26.14 -41.44
N GLU A 26 21.51 -26.68 -40.25
CA GLU A 26 20.36 -27.55 -40.12
C GLU A 26 18.97 -26.82 -40.26
N LEU A 27 18.81 -25.60 -39.70
CA LEU A 27 17.60 -24.88 -40.01
C LEU A 27 17.43 -24.78 -41.52
N LYS A 28 18.54 -24.51 -42.21
CA LYS A 28 18.50 -24.40 -43.64
C LYS A 28 17.98 -25.72 -44.30
N ARG A 29 18.31 -26.86 -43.70
CA ARG A 29 17.77 -28.04 -44.32
C ARG A 29 16.25 -28.02 -44.19
N ILE A 30 15.77 -27.67 -42.99
CA ILE A 30 14.34 -27.64 -42.74
C ILE A 30 13.66 -26.74 -43.75
N VAL A 31 14.23 -25.58 -44.03
CA VAL A 31 13.58 -24.69 -44.95
C VAL A 31 13.57 -25.44 -46.25
N GLU A 32 14.71 -26.06 -46.60
CA GLU A 32 14.83 -26.68 -47.97
C GLU A 32 13.74 -27.68 -48.14
N GLY A 33 13.53 -28.39 -47.02
CA GLY A 33 12.56 -29.44 -46.92
C GLY A 33 11.29 -28.83 -47.39
N ILE A 34 10.98 -27.62 -46.90
CA ILE A 34 9.69 -26.96 -47.12
C ILE A 34 9.64 -26.07 -48.34
N LEU A 35 10.58 -25.16 -48.49
CA LEU A 35 10.34 -24.22 -49.57
C LEU A 35 11.01 -24.65 -50.89
N LYS A 36 11.51 -25.90 -50.88
CA LYS A 36 12.09 -26.61 -52.05
C LYS A 36 13.34 -25.91 -52.58
N ARG A 37 14.17 -25.42 -51.66
CA ARG A 37 15.30 -24.62 -52.05
C ARG A 37 16.48 -24.91 -51.13
N PRO A 38 17.69 -25.07 -51.69
CA PRO A 38 18.82 -25.74 -51.02
C PRO A 38 19.62 -24.77 -50.17
N PRO A 39 20.36 -25.29 -49.15
CA PRO A 39 21.08 -24.43 -48.22
C PRO A 39 21.85 -23.26 -48.87
N ASP A 40 22.80 -23.51 -49.77
CA ASP A 40 23.32 -22.41 -50.63
C ASP A 40 22.13 -21.86 -51.41
N GLU A 41 22.08 -20.57 -51.67
CA GLU A 41 20.86 -20.05 -52.28
C GLU A 41 19.92 -19.58 -51.20
N GLN A 42 20.29 -19.79 -49.96
CA GLN A 42 19.59 -19.12 -48.90
C GLN A 42 20.48 -18.67 -47.80
N ARG A 43 20.16 -17.50 -47.25
CA ARG A 43 20.85 -16.99 -46.10
C ARG A 43 19.85 -16.66 -44.98
N LEU A 44 20.27 -16.93 -43.73
CA LEU A 44 19.50 -16.56 -42.51
C LEU A 44 20.06 -15.44 -41.65
N TYR A 45 19.16 -14.62 -41.13
CA TYR A 45 19.58 -13.51 -40.26
C TYR A 45 18.87 -13.54 -38.92
N LYS A 46 19.51 -13.02 -37.89
CA LYS A 46 18.81 -12.51 -36.70
C LYS A 46 18.79 -11.03 -36.92
N ASP A 47 17.63 -10.40 -36.78
CA ASP A 47 17.53 -9.02 -37.15
C ASP A 47 18.36 -8.84 -38.42
N ASP A 48 19.41 -8.05 -38.34
CA ASP A 48 20.11 -7.68 -39.58
C ASP A 48 21.40 -8.48 -39.76
N GLN A 49 21.84 -9.07 -38.66
CA GLN A 49 23.08 -9.80 -38.50
C GLN A 49 23.06 -11.05 -39.39
N LEU A 50 24.08 -11.25 -40.22
CA LEU A 50 24.19 -12.49 -41.01
C LEU A 50 24.75 -13.67 -40.21
N LEU A 51 24.00 -14.77 -40.17
CA LEU A 51 24.30 -15.95 -39.34
C LEU A 51 25.27 -16.99 -39.94
N ASP A 52 26.17 -17.53 -39.13
CA ASP A 52 27.16 -18.54 -39.62
C ASP A 52 26.66 -19.95 -39.55
N ASP A 53 26.49 -20.53 -40.75
CA ASP A 53 26.13 -21.97 -40.92
C ASP A 53 26.46 -22.94 -39.79
N GLY A 54 27.58 -22.78 -39.10
CA GLY A 54 28.07 -23.81 -38.19
C GLY A 54 27.79 -23.55 -36.74
N LYS A 55 27.13 -22.43 -36.49
CA LYS A 55 26.83 -22.04 -35.15
C LYS A 55 25.50 -22.61 -34.64
N THR A 56 25.33 -22.72 -33.33
CA THR A 56 24.03 -23.17 -32.79
C THR A 56 23.07 -22.01 -32.68
N LEU A 57 21.78 -22.33 -32.73
CA LEU A 57 20.77 -21.30 -32.75
C LEU A 57 20.81 -20.72 -31.36
N GLY A 58 21.15 -21.54 -30.38
CA GLY A 58 21.36 -21.03 -29.04
C GLY A 58 22.58 -20.14 -28.88
N GLU A 59 23.51 -20.17 -29.85
CA GLU A 59 24.65 -19.27 -29.89
C GLU A 59 24.27 -18.12 -30.74
N CYS A 60 23.50 -18.39 -31.79
CA CYS A 60 22.91 -17.31 -32.56
C CYS A 60 21.88 -16.51 -31.75
N GLY A 61 21.57 -16.95 -30.51
CA GLY A 61 20.72 -16.16 -29.65
C GLY A 61 19.21 -16.44 -29.70
N PHE A 62 18.84 -17.59 -30.27
CA PHE A 62 17.52 -18.13 -30.10
C PHE A 62 17.65 -19.03 -28.94
N THR A 63 17.03 -18.69 -27.81
CA THR A 63 17.05 -19.58 -26.62
C THR A 63 15.66 -19.82 -26.09
N SER A 64 15.54 -20.67 -25.08
CA SER A 64 14.23 -20.93 -24.50
C SER A 64 13.59 -19.73 -23.81
N GLN A 65 14.35 -18.84 -23.20
CA GLN A 65 13.72 -17.62 -22.64
C GLN A 65 13.10 -16.77 -23.76
N THR A 66 13.72 -16.92 -24.94
CA THR A 66 13.72 -16.00 -26.05
C THR A 66 12.74 -16.47 -27.11
N ALA A 67 12.70 -17.76 -27.40
CA ALA A 67 11.84 -18.22 -28.47
C ALA A 67 10.78 -19.21 -27.95
N ARG A 68 9.69 -18.64 -27.44
CA ARG A 68 8.67 -19.31 -26.67
C ARG A 68 7.46 -19.63 -27.57
N PRO A 69 6.89 -20.84 -27.42
CA PRO A 69 5.75 -21.23 -28.25
C PRO A 69 4.84 -20.06 -28.64
N GLN A 70 4.41 -19.30 -27.62
CA GLN A 70 3.44 -18.21 -27.73
C GLN A 70 3.98 -16.83 -28.07
N ALA A 71 5.32 -16.72 -28.13
CA ALA A 71 5.97 -15.50 -28.68
C ALA A 71 7.29 -15.98 -29.23
N PRO A 72 7.22 -16.66 -30.41
CA PRO A 72 8.32 -17.28 -31.14
C PRO A 72 9.26 -16.20 -31.55
N ALA A 73 10.53 -16.55 -31.80
CA ALA A 73 11.48 -15.60 -32.38
C ALA A 73 11.51 -15.63 -33.92
N THR A 74 11.85 -14.52 -34.56
CA THR A 74 11.94 -14.43 -36.03
C THR A 74 13.31 -14.78 -36.56
N VAL A 75 13.35 -15.49 -37.68
CA VAL A 75 14.59 -15.68 -38.41
C VAL A 75 14.37 -15.09 -39.77
N GLY A 76 15.23 -14.14 -40.18
CA GLY A 76 15.17 -13.57 -41.54
C GLY A 76 15.67 -14.57 -42.59
N LEU A 77 14.98 -14.68 -43.74
CA LEU A 77 15.44 -15.57 -44.83
C LEU A 77 15.64 -14.80 -46.13
N ALA A 78 16.73 -15.10 -46.86
CA ALA A 78 17.05 -14.55 -48.21
C ALA A 78 17.36 -15.59 -49.27
N PHE A 79 17.11 -15.27 -50.56
CA PHE A 79 17.32 -16.20 -51.69
C PHE A 79 18.34 -15.78 -52.77
N ARG A 80 18.22 -16.41 -53.97
CA ARG A 80 19.18 -16.44 -55.14
C ARG A 80 20.68 -16.78 -54.81
N ALA A 81 21.29 -17.70 -55.60
CA ALA A 81 22.57 -18.52 -55.28
C ALA A 81 23.80 -17.85 -54.65
N ASP A 83 25.05 -16.46 -58.27
CA ASP A 83 23.98 -15.89 -59.03
C ASP A 83 23.40 -14.63 -58.34
N THR A 84 24.23 -13.96 -57.52
CA THR A 84 23.88 -12.70 -56.79
C THR A 84 22.62 -12.77 -55.87
N PHE A 85 22.83 -12.68 -54.55
CA PHE A 85 21.71 -12.71 -53.56
C PHE A 85 20.98 -11.37 -53.26
N GLU A 86 19.66 -11.44 -53.48
CA GLU A 86 18.69 -10.44 -53.02
C GLU A 86 18.95 -10.00 -51.60
N ALA A 87 18.47 -8.83 -51.21
CA ALA A 87 18.70 -8.32 -49.86
C ALA A 87 17.51 -8.66 -48.95
N LEU A 88 17.76 -8.62 -47.64
CA LEU A 88 16.77 -9.09 -46.68
C LEU A 88 15.54 -8.19 -46.60
N CYS A 89 14.43 -8.65 -47.17
CA CYS A 89 13.20 -7.89 -47.07
C CYS A 89 12.08 -8.72 -46.38
N ILE A 90 11.52 -8.21 -45.28
CA ILE A 90 10.33 -8.84 -44.63
C ILE A 90 9.14 -7.89 -44.56
N GLU A 91 8.03 -8.27 -45.17
CA GLU A 91 6.90 -7.36 -45.21
C GLU A 91 6.32 -7.28 -43.82
N PRO A 92 5.93 -6.07 -43.37
CA PRO A 92 5.41 -5.96 -42.00
C PRO A 92 4.03 -6.59 -41.96
N PHE A 93 3.45 -6.79 -40.78
CA PHE A 93 2.06 -7.29 -40.78
C PHE A 93 1.05 -6.12 -40.82
N SER A 94 -0.19 -6.45 -41.20
CA SER A 94 -1.32 -5.54 -41.16
C SER A 94 -1.41 -4.80 -39.83
N SER A 95 -1.79 -3.53 -39.87
CA SER A 95 -2.00 -2.78 -38.64
C SER A 95 -3.41 -2.99 -38.10
N PRO A 96 -3.50 -3.21 -36.79
CA PRO A 96 -4.81 -3.17 -36.12
C PRO A 96 -5.44 -1.78 -36.23
N PRO A 97 -6.79 -1.69 -36.25
CA PRO A 97 -7.43 -0.42 -36.02
C PRO A 97 -7.26 -0.12 -34.55
N GLU A 98 -8.13 0.70 -33.99
CA GLU A 98 -8.02 0.98 -32.58
C GLU A 98 -8.84 2.18 -32.29
N LEU A 99 -9.26 2.31 -31.02
CA LEU A 99 -9.15 1.23 -30.06
C LEU A 99 -10.54 0.58 -29.81
N PRO A 100 -11.56 1.29 -29.25
CA PRO A 100 -11.84 2.63 -28.69
C PRO A 100 -12.32 2.51 -27.24
N ASP A 101 -12.85 3.61 -26.65
CA ASP A 101 -13.77 3.51 -25.49
C ASP A 101 -13.47 2.34 -24.52
N VAL A 102 -12.19 2.22 -24.19
CA VAL A 102 -11.58 1.10 -23.42
C VAL A 102 -10.16 1.53 -23.04
N MET A 103 -9.90 1.56 -21.73
CA MET A 103 -8.58 1.81 -21.10
C MET A 103 -8.79 2.43 -19.71
N MET B 2 2.15 -32.89 -44.23
CA MET B 2 3.07 -32.42 -43.14
C MET B 2 2.92 -30.93 -42.77
N TYR B 3 3.20 -30.04 -43.71
CA TYR B 3 2.94 -28.63 -43.49
C TYR B 3 1.73 -28.24 -44.33
N VAL B 4 0.98 -27.20 -43.94
CA VAL B 4 -0.02 -26.60 -44.82
C VAL B 4 0.09 -25.08 -44.87
N LYS B 5 -0.60 -24.45 -45.82
CA LYS B 5 -0.51 -23.01 -45.98
C LYS B 5 -1.81 -22.26 -45.62
N LEU B 6 -1.73 -21.25 -44.78
CA LEU B 6 -2.91 -20.50 -44.46
C LEU B 6 -2.65 -19.07 -44.89
N ILE B 7 -3.58 -18.42 -45.58
CA ILE B 7 -3.30 -17.08 -46.15
C ILE B 7 -4.29 -16.06 -45.71
N SER B 8 -3.76 -14.90 -45.34
CA SER B 8 -4.57 -13.86 -44.75
C SER B 8 -5.32 -13.04 -45.78
N SER B 9 -6.26 -12.23 -45.30
CA SER B 9 -7.07 -11.45 -46.19
C SER B 9 -6.13 -10.57 -47.05
N ASP B 10 -5.01 -10.15 -46.45
CA ASP B 10 -4.06 -9.33 -47.15
C ASP B 10 -2.87 -10.09 -47.79
N GLY B 11 -3.08 -11.33 -48.17
CA GLY B 11 -2.05 -12.09 -48.90
C GLY B 11 -0.82 -12.74 -48.25
N HIS B 12 -0.42 -12.37 -47.04
CA HIS B 12 0.69 -13.02 -46.37
C HIS B 12 0.44 -14.50 -46.22
N GLU B 13 1.47 -15.30 -46.36
CA GLU B 13 1.29 -16.74 -46.16
C GLU B 13 1.85 -17.27 -44.84
N PHE B 14 1.17 -18.24 -44.26
CA PHE B 14 1.63 -18.78 -43.01
C PHE B 14 1.84 -20.25 -43.10
N ILE B 15 3.08 -20.68 -43.04
CA ILE B 15 3.28 -22.09 -43.25
C ILE B 15 3.45 -22.78 -41.90
N VAL B 16 2.58 -23.77 -41.63
CA VAL B 16 2.48 -24.37 -40.32
C VAL B 16 2.23 -25.85 -40.44
N LYS B 17 2.57 -26.62 -39.41
CA LYS B 17 2.27 -28.05 -39.40
C LYS B 17 0.80 -28.45 -39.53
N ARG B 18 0.53 -29.60 -40.10
CA ARG B 18 -0.85 -29.94 -40.40
C ARG B 18 -1.64 -30.05 -39.12
N GLU B 19 -1.10 -30.93 -38.29
CA GLU B 19 -1.54 -31.22 -36.97
C GLU B 19 -1.78 -29.96 -36.16
N HIS B 20 -0.87 -29.00 -36.16
CA HIS B 20 -1.07 -27.78 -35.42
C HIS B 20 -2.33 -27.13 -35.92
N ALA B 21 -2.50 -27.14 -37.23
CA ALA B 21 -3.57 -26.45 -37.92
C ALA B 21 -4.88 -27.19 -37.67
N LEU B 22 -4.84 -28.50 -37.75
CA LEU B 22 -6.00 -29.33 -37.46
C LEU B 22 -6.53 -29.07 -36.05
N THR B 23 -5.89 -28.20 -35.31
CA THR B 23 -6.50 -27.75 -34.07
C THR B 23 -7.80 -26.93 -34.23
N SER B 24 -8.06 -26.41 -35.43
CA SER B 24 -9.32 -25.74 -35.70
C SER B 24 -10.25 -26.58 -36.56
N GLY B 25 -11.40 -27.02 -36.02
CA GLY B 25 -12.34 -27.84 -36.82
C GLY B 25 -12.74 -27.11 -38.10
N THR B 26 -12.85 -25.79 -38.03
CA THR B 26 -13.05 -25.02 -39.23
C THR B 26 -11.94 -25.36 -40.23
N ILE B 27 -10.67 -25.18 -39.85
CA ILE B 27 -9.58 -25.55 -40.77
C ILE B 27 -9.62 -27.06 -41.11
N LYS B 28 -9.87 -27.93 -40.11
CA LYS B 28 -10.02 -29.35 -40.34
C LYS B 28 -10.94 -29.68 -41.49
N ALA B 29 -12.08 -28.99 -41.53
CA ALA B 29 -13.05 -29.16 -42.58
C ALA B 29 -12.66 -28.52 -43.91
N MET B 30 -11.95 -27.40 -43.88
CA MET B 30 -11.59 -26.72 -45.14
C MET B 30 -10.49 -27.49 -45.91
N LEU B 31 -9.95 -28.57 -45.32
CA LEU B 31 -8.99 -29.49 -45.97
C LEU B 31 -9.62 -30.88 -45.99
N SER B 32 -10.64 -31.05 -46.82
CA SER B 32 -11.29 -32.37 -46.93
C SER B 32 -12.47 -32.31 -47.89
N ASN B 43 -1.89 -28.94 -49.09
CA ASN B 43 -3.07 -28.12 -49.34
C ASN B 43 -2.93 -26.70 -48.75
N GLU B 44 -3.83 -25.79 -49.18
CA GLU B 44 -3.76 -24.37 -48.87
C GLU B 44 -5.16 -23.91 -48.48
N VAL B 45 -5.27 -22.87 -47.64
CA VAL B 45 -6.58 -22.28 -47.35
C VAL B 45 -6.54 -20.76 -47.28
N ASN B 46 -7.41 -20.09 -48.01
CA ASN B 46 -7.42 -18.63 -47.95
C ASN B 46 -8.47 -18.23 -47.00
N PHE B 47 -8.18 -17.21 -46.22
CA PHE B 47 -9.13 -16.62 -45.30
C PHE B 47 -9.41 -15.22 -45.78
N ARG B 48 -10.52 -15.07 -46.53
CA ARG B 48 -10.95 -13.78 -47.09
C ARG B 48 -11.16 -12.71 -46.01
N GLU B 49 -11.32 -13.11 -44.76
CA GLU B 49 -11.74 -12.17 -43.71
C GLU B 49 -10.81 -12.00 -42.42
N ILE B 50 -9.57 -12.52 -42.45
CA ILE B 50 -8.68 -12.39 -41.31
C ILE B 50 -7.39 -11.81 -41.83
N PRO B 51 -6.99 -10.65 -41.27
CA PRO B 51 -5.74 -10.02 -41.66
C PRO B 51 -4.53 -10.69 -40.97
N SER B 52 -3.34 -10.51 -41.54
CA SER B 52 -2.14 -11.18 -41.07
C SER B 52 -1.83 -10.95 -39.59
N HIS B 53 -2.16 -9.76 -39.07
CA HIS B 53 -1.88 -9.53 -37.68
C HIS B 53 -2.74 -10.38 -36.74
N VAL B 54 -3.90 -10.81 -37.21
CA VAL B 54 -4.73 -11.73 -36.44
C VAL B 54 -4.30 -13.18 -36.70
N LEU B 55 -3.96 -13.50 -37.92
CA LEU B 55 -3.73 -14.92 -38.18
C LEU B 55 -2.36 -15.36 -37.72
N SER B 56 -1.45 -14.40 -37.56
CA SER B 56 -0.15 -14.74 -36.96
C SER B 56 -0.30 -15.15 -35.46
N LYS B 57 -1.23 -14.51 -34.74
CA LYS B 57 -1.56 -14.94 -33.38
C LYS B 57 -2.29 -16.29 -33.35
N VAL B 58 -3.28 -16.47 -34.20
CA VAL B 58 -3.90 -17.76 -34.28
C VAL B 58 -2.78 -18.81 -34.26
N CYS B 59 -1.73 -18.60 -35.05
CA CYS B 59 -0.79 -19.67 -35.31
C CYS B 59 0.02 -19.89 -34.09
N MET B 60 0.27 -18.79 -33.39
CA MET B 60 0.98 -18.89 -32.13
C MET B 60 0.12 -19.68 -31.17
N TYR B 61 -1.16 -19.32 -31.09
CA TYR B 61 -2.04 -20.10 -30.31
C TYR B 61 -1.96 -21.59 -30.75
N PHE B 62 -1.98 -21.92 -32.05
CA PHE B 62 -1.82 -23.35 -32.36
C PHE B 62 -0.56 -23.89 -31.71
N THR B 63 0.56 -23.18 -31.86
CA THR B 63 1.82 -23.75 -31.38
C THR B 63 1.83 -23.81 -29.83
N TYR B 64 1.13 -22.88 -29.20
CA TYR B 64 0.93 -22.89 -27.75
C TYR B 64 0.08 -24.05 -27.25
N LYS B 65 -1.08 -24.24 -27.89
CA LYS B 65 -1.96 -25.29 -27.61
C LYS B 65 -1.23 -26.61 -27.69
N VAL B 66 -0.37 -26.79 -28.68
CA VAL B 66 0.13 -28.14 -28.94
C VAL B 66 1.27 -28.41 -27.96
N ARG B 67 1.98 -27.35 -27.59
CA ARG B 67 3.09 -27.47 -26.67
C ARG B 67 2.56 -27.81 -25.27
N TYR B 68 1.57 -27.07 -24.79
CA TYR B 68 1.12 -27.22 -23.43
C TYR B 68 -0.08 -28.15 -23.20
N THR B 69 -0.79 -28.62 -24.20
CA THR B 69 -1.93 -29.45 -23.84
C THR B 69 -1.38 -30.79 -23.38
N ASN B 70 -1.76 -31.19 -22.16
CA ASN B 70 -1.22 -32.44 -21.55
C ASN B 70 0.14 -32.22 -20.87
N SER B 71 0.21 -31.25 -19.94
CA SER B 71 1.48 -30.86 -19.27
C SER B 71 1.38 -30.48 -17.76
N SER B 72 2.30 -31.07 -16.97
CA SER B 72 2.40 -30.90 -15.47
C SER B 72 3.19 -29.64 -14.98
N THR B 73 4.38 -29.38 -15.55
CA THR B 73 5.06 -28.12 -15.28
C THR B 73 4.13 -27.02 -15.72
N GLU B 74 3.59 -26.31 -14.74
CA GLU B 74 3.09 -24.97 -14.93
C GLU B 74 3.17 -24.46 -16.39
N ILE B 75 2.05 -23.88 -16.82
CA ILE B 75 1.77 -23.41 -18.15
C ILE B 75 1.71 -21.89 -18.07
N PRO B 76 2.26 -21.17 -19.06
CA PRO B 76 2.07 -19.71 -18.99
C PRO B 76 0.78 -19.18 -19.65
N GLU B 77 0.46 -17.96 -19.28
CA GLU B 77 -0.63 -17.28 -19.85
C GLU B 77 -0.36 -17.02 -21.32
N PHE B 78 -1.31 -17.40 -22.19
CA PHE B 78 -1.26 -16.90 -23.55
C PHE B 78 -1.61 -15.40 -23.64
N PRO B 79 -0.66 -14.50 -23.98
CA PRO B 79 -1.01 -13.06 -23.89
C PRO B 79 -1.78 -12.52 -25.14
N ILE B 80 -2.62 -11.51 -24.99
CA ILE B 80 -3.30 -10.87 -26.10
C ILE B 80 -3.23 -9.34 -25.92
N ALA B 81 -2.75 -8.66 -26.95
CA ALA B 81 -2.61 -7.25 -26.89
C ALA B 81 -4.02 -6.72 -26.73
N PRO B 82 -4.17 -5.50 -26.22
CA PRO B 82 -5.55 -5.00 -26.32
C PRO B 82 -6.04 -4.66 -27.71
N GLU B 83 -5.20 -4.06 -28.57
CA GLU B 83 -5.58 -3.76 -29.98
C GLU B 83 -6.14 -4.90 -30.82
N ILE B 84 -5.70 -6.14 -30.57
CA ILE B 84 -6.07 -7.22 -31.50
C ILE B 84 -7.18 -8.15 -30.97
N ALA B 85 -7.63 -7.87 -29.75
CA ALA B 85 -8.49 -8.74 -29.00
C ALA B 85 -9.80 -8.94 -29.74
N LEU B 86 -10.41 -7.84 -30.16
CA LEU B 86 -11.64 -7.93 -30.91
C LEU B 86 -11.50 -8.70 -32.23
N GLU B 87 -10.46 -8.41 -33.04
CA GLU B 87 -10.30 -9.24 -34.25
C GLU B 87 -10.04 -10.70 -33.92
N LEU B 88 -9.33 -10.93 -32.83
CA LEU B 88 -8.98 -12.28 -32.46
C LEU B 88 -10.17 -13.05 -31.93
N LEU B 89 -11.09 -12.34 -31.30
CA LEU B 89 -12.24 -12.99 -30.75
C LEU B 89 -13.02 -13.49 -31.87
N MET B 90 -13.16 -12.65 -32.88
CA MET B 90 -13.99 -12.99 -34.04
C MET B 90 -13.43 -14.10 -34.86
N ALA B 91 -12.11 -14.13 -34.98
CA ALA B 91 -11.44 -15.25 -35.65
C ALA B 91 -11.62 -16.54 -34.84
N ALA B 92 -11.35 -16.44 -33.54
CA ALA B 92 -11.42 -17.56 -32.64
C ALA B 92 -12.81 -18.15 -32.70
N ASN B 93 -13.81 -17.27 -32.75
CA ASN B 93 -15.17 -17.75 -32.91
C ASN B 93 -15.38 -18.48 -34.27
N PHE B 94 -14.91 -17.86 -35.35
CA PHE B 94 -15.10 -18.44 -36.65
C PHE B 94 -14.39 -19.78 -36.77
N LEU B 95 -13.21 -19.87 -36.18
CA LEU B 95 -12.32 -20.98 -36.44
C LEU B 95 -12.55 -22.13 -35.47
N ASP B 96 -13.42 -21.85 -34.49
CA ASP B 96 -13.80 -22.78 -33.41
C ASP B 96 -12.63 -23.36 -32.64
N CYS B 97 -11.85 -22.49 -32.00
CA CYS B 97 -10.65 -23.00 -31.39
C CYS B 97 -10.22 -22.23 -30.16
N LEU C 12 -23.33 -34.25 -5.05
CA LEU C 12 -21.92 -33.76 -5.29
C LEU C 12 -21.39 -32.86 -4.18
N ARG C 13 -21.08 -33.49 -3.05
CA ARG C 13 -20.68 -32.80 -1.85
C ARG C 13 -19.46 -33.47 -1.12
N SER C 14 -18.89 -32.77 -0.13
CA SER C 14 -17.90 -33.38 0.75
C SER C 14 -18.42 -34.62 1.52
N VAL C 15 -17.54 -35.58 1.74
CA VAL C 15 -17.81 -36.66 2.65
C VAL C 15 -17.39 -36.19 4.08
N ASN C 16 -18.29 -36.30 5.07
CA ASN C 16 -17.97 -35.87 6.44
C ASN C 16 -17.27 -36.97 7.25
N SER C 17 -15.95 -37.13 7.07
CA SER C 17 -15.21 -38.31 7.60
C SER C 17 -14.59 -38.00 8.94
N ARG C 18 -14.43 -36.70 9.20
CA ARG C 18 -13.74 -36.27 10.38
C ARG C 18 -12.30 -36.82 10.44
N GLU C 19 -11.64 -37.09 9.32
CA GLU C 19 -10.26 -37.57 9.38
C GLU C 19 -9.30 -36.53 8.93
N PRO C 20 -8.59 -35.91 9.87
CA PRO C 20 -7.71 -34.82 9.47
C PRO C 20 -6.81 -35.18 8.29
N SER C 21 -6.54 -34.21 7.44
CA SER C 21 -5.78 -34.49 6.25
C SER C 21 -5.19 -33.19 5.85
N GLN C 22 -3.89 -33.22 5.62
CA GLN C 22 -3.18 -31.99 5.59
C GLN C 22 -2.75 -31.70 4.16
N VAL C 23 -3.01 -30.47 3.72
CA VAL C 23 -2.85 -30.25 2.30
C VAL C 23 -1.90 -29.12 2.04
N ILE C 24 -1.21 -29.21 0.91
CA ILE C 24 -0.52 -28.01 0.42
C ILE C 24 -1.09 -27.46 -0.91
N PHE C 25 -1.57 -26.22 -0.86
CA PHE C 25 -2.05 -25.55 -2.03
C PHE C 25 -0.81 -24.86 -2.57
N CYS C 26 -0.27 -25.33 -3.69
CA CYS C 26 0.72 -24.53 -4.36
C CYS C 26 0.10 -23.87 -5.63
N ASN C 27 0.08 -22.53 -5.67
CA ASN C 27 -0.49 -21.80 -6.81
C ASN C 27 0.54 -21.53 -7.86
N ARG C 28 0.65 -22.37 -8.85
CA ARG C 28 1.52 -22.05 -9.97
C ARG C 28 0.74 -21.44 -11.18
N SER C 29 0.09 -20.30 -10.95
CA SER C 29 -0.69 -19.60 -11.94
C SER C 29 -0.33 -18.12 -11.80
N PRO C 30 -0.57 -17.33 -12.84
CA PRO C 30 -0.32 -15.94 -12.52
C PRO C 30 -1.51 -15.27 -11.99
N ARG C 31 -2.49 -16.03 -11.49
CA ARG C 31 -3.66 -15.31 -10.87
C ARG C 31 -3.73 -15.39 -9.37
N VAL C 32 -4.50 -14.46 -8.84
CA VAL C 32 -5.02 -14.59 -7.51
C VAL C 32 -6.00 -15.76 -7.53
N VAL C 33 -5.69 -16.85 -6.81
CA VAL C 33 -6.49 -18.06 -6.72
C VAL C 33 -7.48 -17.91 -5.55
N LEU C 34 -8.71 -18.43 -5.76
CA LEU C 34 -9.75 -18.54 -4.77
C LEU C 34 -10.02 -20.05 -4.58
N PRO C 35 -9.59 -20.64 -3.44
CA PRO C 35 -9.96 -21.99 -3.28
C PRO C 35 -11.43 -22.06 -2.85
N VAL C 36 -12.13 -23.12 -3.23
CA VAL C 36 -13.55 -23.27 -2.96
C VAL C 36 -13.86 -24.69 -2.46
N TRP C 37 -14.37 -24.77 -1.22
CA TRP C 37 -14.63 -26.06 -0.55
C TRP C 37 -16.11 -26.34 -0.66
N LEU C 38 -16.41 -27.56 -1.06
CA LEU C 38 -17.79 -28.04 -1.11
C LEU C 38 -18.22 -28.80 0.18
N ASN C 39 -18.49 -27.98 1.17
CA ASN C 39 -19.55 -28.13 2.15
C ASN C 39 -20.26 -29.47 2.09
N PHE C 40 -20.83 -29.91 3.21
CA PHE C 40 -21.50 -31.22 3.28
C PHE C 40 -22.84 -31.29 2.56
N ASP C 41 -23.52 -30.15 2.41
CA ASP C 41 -24.74 -30.10 1.58
C ASP C 41 -24.55 -29.70 0.18
N GLY C 42 -23.31 -29.70 -0.32
CA GLY C 42 -23.04 -29.35 -1.72
C GLY C 42 -22.85 -27.88 -2.02
N GLU C 43 -23.01 -26.99 -1.05
CA GLU C 43 -22.83 -25.56 -1.33
C GLU C 43 -21.37 -25.05 -1.40
N PRO C 44 -21.00 -24.38 -2.49
CA PRO C 44 -19.63 -23.93 -2.56
C PRO C 44 -19.27 -22.97 -1.41
N GLN C 45 -18.09 -23.13 -0.82
CA GLN C 45 -17.68 -22.27 0.29
C GLN C 45 -16.28 -21.68 0.08
N PRO C 46 -16.17 -20.36 0.04
CA PRO C 46 -14.93 -19.75 -0.37
C PRO C 46 -14.02 -19.48 0.80
N TYR C 47 -12.72 -19.71 0.57
CA TYR C 47 -11.61 -19.61 1.55
C TYR C 47 -10.66 -18.49 1.16
N PRO C 48 -9.71 -18.09 2.03
CA PRO C 48 -8.98 -16.83 1.70
C PRO C 48 -8.13 -17.02 0.49
N THR C 49 -7.96 -15.96 -0.30
CA THR C 49 -7.29 -16.10 -1.62
C THR C 49 -5.77 -16.19 -1.62
N LEU C 50 -5.22 -17.02 -2.50
CA LEU C 50 -3.82 -17.39 -2.53
C LEU C 50 -3.08 -16.61 -3.64
N PRO C 51 -2.10 -15.75 -3.28
CA PRO C 51 -1.42 -14.97 -4.37
C PRO C 51 -0.67 -15.83 -5.43
N PRO C 52 -0.36 -15.25 -6.62
CA PRO C 52 0.25 -15.94 -7.79
C PRO C 52 1.51 -16.82 -7.53
N GLY C 53 2.58 -16.31 -6.94
CA GLY C 53 3.66 -17.31 -6.68
C GLY C 53 3.51 -18.39 -5.58
N THR C 54 2.56 -18.10 -4.70
CA THR C 54 2.55 -18.41 -3.31
C THR C 54 1.85 -19.69 -2.91
N GLY C 55 2.18 -20.15 -1.70
CA GLY C 55 1.74 -21.47 -1.18
C GLY C 55 1.17 -21.34 0.23
N ARG C 56 0.56 -22.41 0.73
CA ARG C 56 -0.17 -22.35 1.99
C ARG C 56 -0.56 -23.72 2.42
N ARG C 57 -0.14 -24.09 3.63
CA ARG C 57 -0.52 -25.35 4.26
C ARG C 57 -1.98 -25.25 4.73
N ILE C 58 -2.73 -26.32 4.57
CA ILE C 58 -4.17 -26.32 4.85
C ILE C 58 -4.53 -27.58 5.56
N HIS C 59 -5.31 -27.46 6.64
CA HIS C 59 -5.98 -28.61 7.30
C HIS C 59 -7.37 -28.77 6.73
N SER C 60 -7.59 -29.96 6.22
CA SER C 60 -8.80 -30.35 5.61
C SER C 60 -8.96 -31.77 6.13
N TYR C 61 -9.40 -32.68 5.29
CA TYR C 61 -9.97 -33.91 5.79
C TYR C 61 -10.18 -34.91 4.65
N ARG C 62 -10.07 -36.19 4.93
CA ARG C 62 -10.23 -37.15 3.84
C ARG C 62 -11.61 -37.01 3.17
N GLY C 63 -11.67 -37.26 1.87
CA GLY C 63 -12.90 -37.17 1.11
C GLY C 63 -13.53 -35.80 0.88
N HIS C 64 -12.88 -34.72 1.30
CA HIS C 64 -13.46 -33.40 1.06
C HIS C 64 -13.20 -32.94 -0.37
N LEU C 65 -14.14 -32.17 -0.93
CA LEU C 65 -13.99 -31.70 -2.30
C LEU C 65 -13.48 -30.29 -2.38
N TRP C 66 -12.53 -30.00 -3.26
CA TRP C 66 -12.17 -28.60 -3.56
C TRP C 66 -12.05 -28.37 -5.05
N LEU C 67 -12.19 -27.12 -5.47
CA LEU C 67 -11.96 -26.76 -6.86
C LEU C 67 -11.37 -25.34 -6.86
N PHE C 68 -10.74 -24.87 -7.94
CA PHE C 68 -10.04 -23.60 -7.83
C PHE C 68 -10.40 -22.71 -8.97
N ARG C 69 -10.44 -21.40 -8.72
CA ARG C 69 -10.94 -20.44 -9.66
C ARG C 69 -10.14 -19.18 -9.53
N ASP C 70 -10.18 -18.27 -10.51
CA ASP C 70 -9.45 -16.99 -10.43
C ASP C 70 -10.27 -16.03 -9.55
N ALA C 71 -9.67 -15.48 -8.53
CA ALA C 71 -10.47 -14.75 -7.55
C ALA C 71 -11.21 -13.54 -8.02
N GLY C 72 -10.69 -12.84 -9.02
CA GLY C 72 -11.30 -11.63 -9.58
C GLY C 72 -12.47 -11.96 -10.50
N THR C 73 -12.31 -12.94 -11.40
CA THR C 73 -13.20 -13.12 -12.54
C THR C 73 -13.75 -14.53 -12.61
N HIS C 74 -13.48 -15.38 -11.64
CA HIS C 74 -13.94 -16.78 -11.69
C HIS C 74 -13.50 -17.70 -12.86
N ASP C 75 -12.57 -17.29 -13.72
CA ASP C 75 -12.03 -18.24 -14.71
C ASP C 75 -11.71 -19.59 -14.00
N GLY C 76 -11.94 -20.73 -14.68
CA GLY C 76 -11.60 -22.05 -14.12
C GLY C 76 -10.10 -22.33 -14.09
N LEU C 77 -9.60 -23.13 -13.16
CA LEU C 77 -8.18 -23.46 -13.10
C LEU C 77 -8.12 -24.90 -12.76
N LEU C 78 -7.00 -25.55 -13.01
CA LEU C 78 -6.97 -26.97 -12.79
C LEU C 78 -6.19 -27.22 -11.53
N VAL C 79 -6.51 -28.33 -10.89
CA VAL C 79 -5.72 -28.80 -9.79
C VAL C 79 -5.15 -30.21 -10.11
N ASN C 80 -3.82 -30.44 -10.07
CA ASN C 80 -3.28 -31.81 -10.36
C ASN C 80 -4.01 -32.32 -11.57
N GLN C 81 -4.21 -31.39 -12.49
CA GLN C 81 -4.58 -31.72 -13.86
C GLN C 81 -6.05 -31.97 -14.05
N THR C 82 -6.78 -32.47 -13.06
CA THR C 82 -8.21 -32.67 -13.22
C THR C 82 -8.96 -31.45 -12.64
N GLU C 83 -10.27 -31.57 -12.50
CA GLU C 83 -11.00 -30.38 -12.09
C GLU C 83 -11.29 -30.26 -10.58
N LEU C 84 -11.39 -31.44 -9.95
CA LEU C 84 -11.68 -31.60 -8.53
C LEU C 84 -10.53 -32.25 -7.78
N PHE C 85 -10.13 -31.62 -6.68
CA PHE C 85 -9.16 -32.16 -5.72
C PHE C 85 -9.84 -32.78 -4.44
N VAL C 86 -9.45 -34.02 -4.15
CA VAL C 86 -9.93 -34.70 -2.95
C VAL C 86 -8.77 -35.14 -2.06
N PRO C 87 -8.60 -34.47 -0.90
CA PRO C 87 -7.55 -34.97 0.02
C PRO C 87 -7.70 -36.47 0.26
N SER C 88 -6.60 -37.18 0.04
CA SER C 88 -6.57 -38.64 0.03
C SER C 88 -6.22 -39.13 1.42
N ASP C 92 0.45 -42.96 5.27
CA ASP C 92 1.12 -42.09 4.31
C ASP C 92 2.36 -41.52 5.03
N GLY C 93 2.41 -40.19 5.13
CA GLY C 93 3.49 -39.53 5.84
C GLY C 93 3.49 -38.09 5.39
N GLN C 94 2.66 -37.27 6.03
CA GLN C 94 2.51 -35.86 5.70
C GLN C 94 2.18 -35.52 4.19
N PRO C 95 2.28 -34.22 3.82
CA PRO C 95 1.21 -33.54 3.07
C PRO C 95 0.84 -34.02 1.65
N ILE C 96 -0.37 -33.63 1.20
CA ILE C 96 -0.84 -33.95 -0.14
C ILE C 96 -0.85 -32.65 -0.93
N PHE C 97 -0.36 -32.75 -2.17
CA PHE C 97 -0.07 -31.60 -3.05
C PHE C 97 -1.14 -31.20 -4.05
N ALA C 98 -1.66 -29.99 -3.91
CA ALA C 98 -2.64 -29.43 -4.84
C ALA C 98 -1.97 -28.32 -5.64
N ASN C 99 -1.53 -28.72 -6.84
CA ASN C 99 -0.84 -27.81 -7.78
C ASN C 99 -1.86 -27.09 -8.69
N ILE C 100 -2.01 -25.80 -8.45
CA ILE C 100 -3.02 -25.07 -9.14
C ILE C 100 -2.39 -24.39 -10.36
N THR C 101 -2.92 -24.74 -11.54
CA THR C 101 -2.40 -24.27 -12.87
C THR C 101 -3.49 -23.65 -13.77
N LEU C 102 -3.11 -22.70 -14.66
CA LEU C 102 -3.93 -22.33 -15.78
C LEU C 102 -4.25 -23.58 -16.54
N PRO C 103 -5.49 -23.69 -17.06
CA PRO C 103 -5.59 -24.68 -18.16
C PRO C 103 -5.15 -24.05 -19.46
N VAL C 104 -5.06 -24.86 -20.49
CA VAL C 104 -5.00 -24.31 -21.84
C VAL C 104 -6.41 -23.89 -22.21
N TYR C 105 -6.71 -22.64 -21.92
CA TYR C 105 -7.95 -22.07 -22.38
C TYR C 105 -8.20 -22.30 -23.87
N THR C 106 -9.41 -22.05 -24.37
CA THR C 106 -9.60 -22.05 -25.84
C THR C 106 -9.20 -20.67 -26.27
N LEU C 107 -8.84 -20.52 -27.53
CA LEU C 107 -8.54 -19.17 -27.94
C LEU C 107 -9.76 -18.26 -27.77
N LYS C 108 -10.97 -18.81 -27.98
CA LYS C 108 -12.25 -17.99 -27.82
C LYS C 108 -12.40 -17.59 -26.36
N GLU C 109 -12.34 -18.59 -25.44
CA GLU C 109 -12.48 -18.26 -24.01
C GLU C 109 -11.45 -17.24 -23.60
N ARG C 110 -10.24 -17.41 -24.12
CA ARG C 110 -9.17 -16.57 -23.71
C ARG C 110 -9.55 -15.18 -24.13
N CYS C 111 -10.00 -15.04 -25.38
CA CYS C 111 -10.34 -13.74 -25.94
C CYS C 111 -11.48 -13.09 -25.15
N LEU C 112 -12.47 -13.92 -24.79
CA LEU C 112 -13.51 -13.42 -23.95
C LEU C 112 -12.83 -12.82 -22.73
N GLN C 113 -11.90 -13.54 -22.11
CA GLN C 113 -11.35 -13.07 -20.82
C GLN C 113 -10.78 -11.68 -20.89
N VAL C 114 -9.88 -11.49 -21.85
CA VAL C 114 -9.30 -10.16 -22.04
C VAL C 114 -10.38 -9.10 -22.23
N VAL C 115 -11.36 -9.44 -23.06
CA VAL C 115 -12.36 -8.47 -23.43
C VAL C 115 -13.19 -8.11 -22.19
N ARG C 116 -13.66 -9.13 -21.47
CA ARG C 116 -14.36 -8.91 -20.18
C ARG C 116 -13.49 -8.06 -19.30
N SER C 117 -12.21 -8.42 -19.21
CA SER C 117 -11.32 -7.68 -18.32
C SER C 117 -11.03 -6.23 -18.76
N LEU C 118 -11.39 -5.85 -19.97
CA LEU C 118 -11.01 -4.54 -20.43
C LEU C 118 -12.14 -3.56 -20.51
N VAL C 119 -13.34 -4.03 -20.16
CA VAL C 119 -14.59 -3.34 -20.55
C VAL C 119 -15.70 -3.52 -19.49
N LYS C 120 -16.12 -2.39 -18.90
CA LYS C 120 -17.32 -2.33 -18.07
C LYS C 120 -18.45 -3.09 -18.79
N PRO C 121 -19.07 -4.04 -18.10
CA PRO C 121 -20.02 -4.92 -18.74
C PRO C 121 -21.27 -4.27 -19.27
N GLU C 122 -21.52 -3.04 -18.85
CA GLU C 122 -22.58 -2.22 -19.45
C GLU C 122 -22.31 -1.96 -20.94
N ASN C 123 -21.03 -1.73 -21.30
CA ASN C 123 -20.69 -1.33 -22.69
C ASN C 123 -20.44 -2.44 -23.73
N TYR C 124 -20.82 -3.68 -23.43
CA TYR C 124 -20.64 -4.77 -24.38
C TYR C 124 -21.48 -4.46 -25.60
N ARG C 125 -22.73 -4.06 -25.33
CA ARG C 125 -23.72 -3.68 -26.35
C ARG C 125 -23.09 -2.91 -27.49
N ARG C 126 -22.17 -2.00 -27.14
CA ARG C 126 -21.59 -1.01 -28.04
C ARG C 126 -20.23 -1.32 -28.70
N LEU C 127 -19.80 -2.60 -28.73
CA LEU C 127 -18.53 -2.98 -29.41
C LEU C 127 -18.95 -3.75 -30.62
N ASP C 128 -18.42 -3.41 -31.78
CA ASP C 128 -19.02 -3.90 -33.00
C ASP C 128 -18.71 -5.38 -33.31
N ILE C 129 -19.59 -6.27 -32.85
CA ILE C 129 -19.42 -7.70 -33.05
C ILE C 129 -20.77 -8.39 -33.15
N VAL C 130 -20.78 -9.56 -33.76
CA VAL C 130 -21.98 -10.38 -33.84
C VAL C 130 -22.71 -10.62 -32.48
N ARG C 131 -24.03 -10.49 -32.47
CA ARG C 131 -24.85 -10.64 -31.25
C ARG C 131 -24.73 -12.00 -30.50
N SER C 132 -24.20 -13.02 -31.17
CA SER C 132 -23.93 -14.30 -30.51
C SER C 132 -22.70 -14.19 -29.59
N LEU C 133 -21.85 -13.22 -29.93
CA LEU C 133 -20.72 -12.87 -29.11
C LEU C 133 -21.04 -12.02 -27.86
N TYR C 134 -21.99 -11.07 -27.94
CA TYR C 134 -22.43 -10.33 -26.76
C TYR C 134 -22.96 -11.23 -25.65
N GLU C 135 -23.73 -12.24 -26.04
CA GLU C 135 -24.33 -13.14 -25.07
C GLU C 135 -23.26 -14.04 -24.47
N ASP C 136 -22.12 -14.11 -25.15
CA ASP C 136 -21.04 -15.02 -24.77
C ASP C 136 -20.18 -14.33 -23.72
N LEU C 137 -19.91 -13.05 -23.97
CA LEU C 137 -19.20 -12.20 -23.06
C LEU C 137 -19.94 -12.07 -21.76
N GLU C 138 -21.24 -11.82 -21.82
CA GLU C 138 -22.06 -11.71 -20.60
C GLU C 138 -22.34 -13.03 -19.87
N ASP C 139 -21.95 -14.15 -20.45
CA ASP C 139 -22.03 -15.43 -19.77
C ASP C 139 -20.71 -15.78 -19.00
N HIS C 140 -20.17 -14.79 -18.29
CA HIS C 140 -19.24 -14.98 -17.15
C HIS C 140 -19.16 -16.40 -16.57
N PRO C 141 -17.93 -16.93 -16.40
CA PRO C 141 -17.88 -18.23 -15.76
C PRO C 141 -18.36 -18.09 -14.31
N ASN C 142 -18.84 -19.18 -13.74
CA ASN C 142 -19.37 -19.15 -12.39
C ASN C 142 -19.42 -20.57 -11.77
N VAL C 143 -19.21 -20.65 -10.44
CA VAL C 143 -19.13 -21.94 -9.75
C VAL C 143 -20.41 -22.72 -9.95
N GLN C 144 -21.53 -22.01 -9.78
CA GLN C 144 -22.80 -22.70 -9.72
C GLN C 144 -23.02 -23.45 -11.04
N LYS C 145 -23.05 -22.72 -12.15
CA LYS C 145 -23.07 -23.33 -13.50
C LYS C 145 -22.09 -24.50 -13.67
N ASP C 146 -20.81 -24.34 -13.31
CA ASP C 146 -19.83 -25.38 -13.55
C ASP C 146 -20.15 -26.62 -12.72
N LEU C 147 -20.72 -26.38 -11.55
CA LEU C 147 -21.09 -27.46 -10.70
C LEU C 147 -22.19 -28.26 -11.32
N GLU C 148 -22.99 -27.60 -12.15
CA GLU C 148 -24.01 -28.33 -12.89
C GLU C 148 -23.53 -29.09 -14.12
N ARG C 149 -22.55 -28.54 -14.85
CA ARG C 149 -21.85 -29.34 -15.87
C ARG C 149 -21.24 -30.55 -15.16
N LEU C 150 -20.45 -30.31 -14.11
CA LEU C 150 -19.81 -31.42 -13.38
C LEU C 150 -20.82 -32.43 -12.82
N THR C 151 -21.90 -31.93 -12.21
CA THR C 151 -22.85 -32.77 -11.48
C THR C 151 -23.79 -33.55 -12.41
N GLN C 152 -23.25 -34.14 -13.48
CA GLN C 152 -24.05 -34.75 -14.56
C GLN C 152 -23.27 -35.84 -15.33
N GLU C 153 -21.95 -35.80 -15.17
CA GLU C 153 -21.04 -36.74 -15.81
C GLU C 153 -20.95 -38.03 -14.96
N MET D 1 0.57 18.30 -15.68
CA MET D 1 -0.57 17.36 -15.73
C MET D 1 -0.97 17.21 -17.22
N ASP D 2 -2.28 17.32 -17.55
CA ASP D 2 -2.72 17.58 -18.93
C ASP D 2 -2.74 19.09 -19.08
N VAL D 3 -2.58 19.63 -20.30
CA VAL D 3 -2.81 21.05 -20.53
C VAL D 3 -3.95 21.15 -21.54
N PHE D 4 -4.66 22.27 -21.54
CA PHE D 4 -5.80 22.41 -22.42
C PHE D 4 -5.63 23.60 -23.28
N LEU D 5 -5.39 23.30 -24.54
CA LEU D 5 -5.02 24.31 -25.49
C LEU D 5 -6.11 24.65 -26.45
N MET D 6 -5.93 25.83 -27.02
CA MET D 6 -6.69 26.25 -28.18
C MET D 6 -5.59 26.50 -29.24
N ILE D 7 -5.85 26.10 -30.48
CA ILE D 7 -4.84 26.21 -31.57
C ILE D 7 -5.39 27.03 -32.69
N ARG D 8 -4.82 28.21 -32.87
CA ARG D 8 -5.51 29.17 -33.70
C ARG D 8 -4.69 29.65 -34.91
N ARG D 9 -5.35 29.64 -36.06
CA ARG D 9 -4.83 30.13 -37.31
C ARG D 9 -6.00 30.72 -38.07
N HIS D 10 -5.84 31.95 -38.54
CA HIS D 10 -6.85 32.59 -39.41
C HIS D 10 -8.24 32.61 -38.76
N LYS D 11 -9.12 31.75 -39.30
CA LYS D 11 -10.49 31.55 -38.83
C LYS D 11 -10.69 30.14 -38.28
N THR D 12 -9.65 29.29 -38.39
CA THR D 12 -9.54 27.97 -37.74
C THR D 12 -9.16 28.00 -36.23
N THR D 13 -9.85 27.13 -35.46
CA THR D 13 -9.57 26.90 -34.05
C THR D 13 -9.64 25.41 -33.73
N ILE D 14 -8.61 24.88 -33.10
CA ILE D 14 -8.64 23.46 -32.67
C ILE D 14 -8.71 23.35 -31.12
N PHE D 15 -9.64 22.57 -30.57
CA PHE D 15 -9.63 22.35 -29.13
C PHE D 15 -8.97 21.03 -28.86
N THR D 16 -7.91 21.02 -28.05
CA THR D 16 -7.19 19.78 -27.75
C THR D 16 -6.44 19.80 -26.42
N ASP D 17 -5.97 18.64 -26.02
CA ASP D 17 -5.32 18.44 -24.76
C ASP D 17 -3.93 17.90 -25.05
N ALA D 18 -2.99 18.25 -24.21
CA ALA D 18 -1.67 17.68 -24.36
C ALA D 18 -1.08 17.55 -22.99
N LYS D 19 -0.10 16.68 -22.87
CA LYS D 19 0.71 16.60 -21.68
C LYS D 19 1.63 17.83 -21.51
N GLU D 20 1.93 18.18 -20.26
CA GLU D 20 2.79 19.33 -20.01
C GLU D 20 4.16 19.14 -20.60
N SER D 21 4.64 17.90 -20.61
CA SER D 21 5.99 17.56 -21.08
C SER D 21 6.07 17.07 -22.55
N SER D 22 4.91 16.79 -23.16
CA SER D 22 4.81 16.54 -24.59
C SER D 22 5.56 17.68 -25.28
N THR D 23 5.98 17.53 -26.52
CA THR D 23 6.76 18.60 -27.10
C THR D 23 6.04 19.30 -28.21
N VAL D 24 6.54 20.49 -28.52
CA VAL D 24 6.11 21.29 -29.66
C VAL D 24 6.00 20.38 -30.90
N PHE D 25 6.94 19.44 -31.04
CA PHE D 25 6.95 18.61 -32.20
C PHE D 25 5.84 17.57 -32.10
N GLU D 26 5.79 16.81 -31.00
CA GLU D 26 4.63 15.96 -30.71
C GLU D 26 3.30 16.63 -31.14
N LEU D 27 3.23 17.96 -30.89
CA LEU D 27 2.07 18.82 -31.17
C LEU D 27 1.98 19.37 -32.62
N LYS D 28 3.09 19.47 -33.34
CA LYS D 28 2.99 19.69 -34.77
C LYS D 28 2.42 18.43 -35.45
N ARG D 29 2.72 17.30 -34.84
CA ARG D 29 2.23 16.00 -35.29
C ARG D 29 0.71 15.83 -35.10
N ILE D 30 0.17 16.48 -34.08
CA ILE D 30 -1.23 16.34 -33.76
C ILE D 30 -2.07 17.23 -34.66
N VAL D 31 -1.52 18.35 -35.07
CA VAL D 31 -2.10 19.19 -36.14
C VAL D 31 -1.98 18.53 -37.51
N GLU D 32 -0.94 17.69 -37.67
CA GLU D 32 -0.73 16.92 -38.87
C GLU D 32 -1.92 16.04 -39.14
N GLY D 33 -2.26 15.25 -38.14
CA GLY D 33 -3.31 14.27 -38.28
C GLY D 33 -4.68 14.92 -38.27
N ILE D 34 -4.73 16.27 -38.36
CA ILE D 34 -6.02 17.01 -38.35
C ILE D 34 -6.21 17.82 -39.59
N LEU D 35 -5.52 18.94 -39.66
CA LEU D 35 -5.56 19.79 -40.83
C LEU D 35 -4.68 19.25 -41.96
N LYS D 36 -4.35 17.94 -41.86
CA LYS D 36 -3.67 17.18 -42.91
C LYS D 36 -2.54 17.98 -43.57
N ARG D 37 -1.68 18.60 -42.75
CA ARG D 37 -0.47 19.30 -43.23
C ARG D 37 0.77 19.02 -42.37
N PRO D 38 1.79 18.33 -42.95
CA PRO D 38 3.13 17.99 -42.43
C PRO D 38 3.79 18.92 -41.36
N PRO D 39 4.39 18.30 -40.29
CA PRO D 39 4.95 19.00 -39.13
C PRO D 39 6.00 20.04 -39.50
N ASP D 40 6.51 19.97 -40.71
CA ASP D 40 7.59 20.84 -41.14
C ASP D 40 7.07 21.90 -42.14
N GLU D 41 5.81 22.25 -42.02
CA GLU D 41 5.22 23.28 -42.87
C GLU D 41 4.47 24.29 -42.00
N GLN D 42 4.66 24.16 -40.68
CA GLN D 42 3.94 24.93 -39.68
C GLN D 42 4.83 25.32 -38.52
N ARG D 43 4.88 26.61 -38.23
CA ARG D 43 5.58 27.14 -37.07
C ARG D 43 4.53 27.54 -35.99
N LEU D 44 4.84 27.31 -34.71
CA LEU D 44 3.87 27.59 -33.61
C LEU D 44 4.29 28.71 -32.68
N TYR D 45 3.31 29.53 -32.30
CA TYR D 45 3.60 30.71 -31.51
C TYR D 45 2.89 30.71 -30.18
N LYS D 46 3.46 31.47 -29.23
CA LYS D 46 2.77 31.85 -28.01
C LYS D 46 2.78 33.36 -27.99
N ASP D 47 1.74 33.97 -28.58
CA ASP D 47 1.79 35.33 -29.17
C ASP D 47 3.07 35.46 -29.93
N ASP D 48 3.04 36.10 -31.10
CA ASP D 48 4.26 36.77 -31.61
C ASP D 48 5.62 35.98 -31.50
N GLN D 49 5.71 34.94 -30.71
CA GLN D 49 7.02 34.33 -30.48
C GLN D 49 7.05 32.92 -31.02
N LEU D 50 8.03 32.65 -31.86
CA LEU D 50 8.16 31.37 -32.51
C LEU D 50 8.70 30.31 -31.55
N LEU D 51 8.16 29.09 -31.63
CA LEU D 51 8.49 28.01 -30.70
C LEU D 51 9.46 26.94 -31.25
N ASP D 52 10.40 26.52 -30.39
CA ASP D 52 11.46 25.56 -30.75
C ASP D 52 10.94 24.13 -30.62
N ASP D 53 10.56 23.56 -31.77
CA ASP D 53 10.17 22.18 -31.90
C ASP D 53 10.52 21.24 -30.72
N GLY D 54 11.80 21.17 -30.37
CA GLY D 54 12.28 20.13 -29.45
C GLY D 54 12.24 20.50 -27.98
N LYS D 55 11.39 21.47 -27.63
CA LYS D 55 11.17 21.94 -26.23
C LYS D 55 9.75 21.60 -25.68
N THR D 56 9.60 21.49 -24.36
CA THR D 56 8.33 21.03 -23.81
C THR D 56 7.27 22.15 -23.77
N LEU D 57 6.04 21.72 -23.45
CA LEU D 57 4.91 22.57 -23.59
C LEU D 57 4.89 23.49 -22.41
N GLY D 58 5.28 22.92 -21.26
CA GLY D 58 5.51 23.70 -20.03
C GLY D 58 6.77 24.55 -20.12
N GLU D 59 7.75 24.06 -20.86
CA GLU D 59 8.95 24.82 -21.17
C GLU D 59 8.53 26.12 -21.86
N CYS D 60 7.57 26.02 -22.78
CA CYS D 60 7.12 27.20 -23.55
C CYS D 60 6.08 28.01 -22.82
N GLY D 61 5.66 27.52 -21.65
CA GLY D 61 4.75 28.28 -20.84
C GLY D 61 3.27 28.04 -20.93
N PHE D 62 2.92 26.81 -21.26
CA PHE D 62 1.56 26.31 -21.15
C PHE D 62 1.67 25.36 -20.02
N THR D 63 0.94 25.63 -18.95
CA THR D 63 0.92 24.67 -17.79
C THR D 63 -0.45 24.54 -17.19
N SER D 64 -0.62 23.54 -16.36
CA SER D 64 -1.91 23.30 -15.76
C SER D 64 -2.58 24.54 -15.35
N GLN D 65 -1.91 25.36 -14.52
CA GLN D 65 -2.55 26.55 -13.95
C GLN D 65 -2.96 27.56 -15.03
N THR D 66 -2.26 27.49 -16.14
CA THR D 66 -2.32 28.51 -17.16
C THR D 66 -3.10 28.04 -18.37
N ALA D 67 -3.33 26.74 -18.52
CA ALA D 67 -4.11 26.20 -19.63
C ALA D 67 -5.17 25.22 -19.11
N ARG D 68 -6.32 25.78 -18.71
CA ARG D 68 -7.41 25.11 -17.97
C ARG D 68 -8.60 24.68 -18.87
N PRO D 69 -9.32 23.60 -18.50
CA PRO D 69 -10.32 23.16 -19.49
C PRO D 69 -11.33 24.26 -19.86
N GLN D 70 -11.69 25.06 -18.88
CA GLN D 70 -12.69 26.11 -19.04
C GLN D 70 -12.13 27.41 -19.53
N ALA D 71 -10.83 27.41 -19.83
CA ALA D 71 -10.08 28.65 -20.07
C ALA D 71 -8.77 28.25 -20.72
N PRO D 72 -8.86 27.82 -21.96
CA PRO D 72 -7.67 27.26 -22.60
C PRO D 72 -6.65 28.34 -23.02
N ALA D 73 -5.37 27.99 -23.06
CA ALA D 73 -4.39 28.91 -23.62
C ALA D 73 -4.30 28.87 -25.15
N THR D 74 -4.11 30.03 -25.76
CA THR D 74 -4.02 30.08 -27.20
C THR D 74 -2.60 29.77 -27.68
N VAL D 75 -2.53 29.16 -28.85
CA VAL D 75 -1.27 28.82 -29.55
C VAL D 75 -1.49 29.15 -31.02
N GLY D 76 -0.70 30.07 -31.57
CA GLY D 76 -0.85 30.49 -32.97
C GLY D 76 -0.21 29.52 -33.95
N LEU D 77 -0.67 29.60 -35.18
CA LEU D 77 -0.18 28.70 -36.23
C LEU D 77 -0.05 29.44 -37.61
N ALA D 78 0.97 29.02 -38.38
CA ALA D 78 1.32 29.59 -39.69
C ALA D 78 1.77 28.51 -40.73
N PHE D 79 1.27 28.71 -41.96
CA PHE D 79 1.29 27.70 -43.01
C PHE D 79 2.21 28.09 -44.19
N ASP D 82 6.49 25.17 -49.20
CA ASP D 82 7.85 25.37 -49.70
C ASP D 82 8.21 26.87 -49.91
N ASP D 83 7.27 27.68 -50.35
CA ASP D 83 7.65 29.04 -50.77
C ASP D 83 7.54 30.14 -49.68
N THR D 84 8.32 30.05 -48.59
CA THR D 84 8.41 31.10 -47.53
C THR D 84 7.14 31.35 -46.66
N PHE D 85 7.15 30.85 -45.43
CA PHE D 85 6.00 30.87 -44.51
C PHE D 85 5.32 32.25 -44.28
N GLU D 86 3.98 32.24 -44.26
CA GLU D 86 3.09 33.41 -44.13
C GLU D 86 3.24 34.15 -42.81
N ALA D 87 2.73 35.36 -42.72
CA ALA D 87 2.65 36.02 -41.42
C ALA D 87 1.55 35.41 -40.50
N LEU D 88 1.86 35.30 -39.19
CA LEU D 88 0.90 34.84 -38.17
C LEU D 88 -0.29 35.78 -38.06
N CYS D 89 -1.43 35.25 -38.43
CA CYS D 89 -2.64 36.02 -38.41
C CYS D 89 -3.73 35.23 -37.71
N ILE D 90 -4.26 35.79 -36.63
CA ILE D 90 -5.44 35.23 -35.98
C ILE D 90 -6.58 36.20 -36.07
N GLU D 91 -7.53 35.90 -36.95
CA GLU D 91 -8.76 36.67 -37.04
C GLU D 91 -9.50 36.47 -35.73
N PRO D 92 -9.88 37.58 -35.06
CA PRO D 92 -10.58 37.63 -33.77
C PRO D 92 -11.96 37.00 -33.81
N PHE D 93 -12.59 36.88 -32.65
CA PHE D 93 -14.00 36.47 -32.56
C PHE D 93 -14.92 37.71 -32.56
N SER D 94 -16.14 37.54 -33.05
CA SER D 94 -17.21 38.55 -32.91
C SER D 94 -17.23 39.20 -31.53
N SER D 95 -17.84 40.36 -31.44
CA SER D 95 -17.91 41.04 -30.17
C SER D 95 -19.32 41.06 -29.57
N PRO D 96 -19.42 40.77 -28.26
CA PRO D 96 -20.77 40.76 -27.65
C PRO D 96 -21.51 42.14 -27.72
N PRO D 97 -22.83 42.17 -27.45
CA PRO D 97 -23.61 43.42 -27.30
C PRO D 97 -23.29 44.15 -25.97
N GLU D 98 -24.28 44.63 -25.22
CA GLU D 98 -23.98 45.42 -24.00
C GLU D 98 -24.89 45.19 -22.75
N LEU D 99 -26.22 45.13 -22.96
CA LEU D 99 -27.30 44.90 -21.93
C LEU D 99 -27.17 45.60 -20.55
N PRO D 100 -28.15 46.49 -20.17
CA PRO D 100 -28.07 47.41 -19.00
C PRO D 100 -28.61 46.63 -17.85
N ASP D 101 -29.65 47.13 -17.15
CA ASP D 101 -30.63 46.29 -16.41
C ASP D 101 -30.08 44.97 -15.83
N VAL D 102 -28.73 44.87 -15.79
CA VAL D 102 -27.95 43.69 -15.47
C VAL D 102 -26.77 44.13 -14.59
N MET E 2 -13.00 10.68 -35.27
CA MET E 2 -12.22 11.33 -34.16
C MET E 2 -12.75 12.78 -33.90
N TYR E 3 -12.45 13.72 -34.79
CA TYR E 3 -12.78 15.13 -34.57
C TYR E 3 -14.04 15.60 -35.35
N VAL E 4 -14.46 16.86 -35.20
CA VAL E 4 -15.57 17.38 -35.98
C VAL E 4 -15.49 18.89 -36.03
N LYS E 5 -16.31 19.48 -36.88
CA LYS E 5 -16.26 20.89 -37.10
C LYS E 5 -17.59 21.57 -36.83
N LEU E 6 -17.55 22.66 -36.09
CA LEU E 6 -18.75 23.40 -35.78
C LEU E 6 -18.50 24.81 -36.24
N ILE E 7 -19.33 25.31 -37.15
CA ILE E 7 -19.08 26.64 -37.71
C ILE E 7 -20.00 27.69 -37.13
N SER E 8 -19.47 28.87 -36.85
CA SER E 8 -20.33 29.93 -36.30
C SER E 8 -21.18 30.60 -37.36
N SER E 9 -22.19 31.31 -36.91
CA SER E 9 -22.93 32.20 -37.79
C SER E 9 -22.03 33.07 -38.72
N ASP E 10 -20.79 33.33 -38.30
CA ASP E 10 -19.84 34.23 -39.01
C ASP E 10 -18.56 33.51 -39.52
N GLY E 11 -18.66 32.24 -39.87
CA GLY E 11 -17.57 31.56 -40.56
C GLY E 11 -16.40 30.95 -39.77
N HIS E 12 -16.22 31.36 -38.50
CA HIS E 12 -15.19 30.72 -37.68
C HIS E 12 -15.51 29.27 -37.57
N GLU E 13 -14.47 28.48 -37.76
CA GLU E 13 -14.57 27.07 -37.72
C GLU E 13 -13.94 26.59 -36.41
N PHE E 14 -14.65 25.77 -35.64
CA PHE E 14 -14.09 25.17 -34.43
C PHE E 14 -13.92 23.66 -34.53
N ILE E 15 -12.67 23.22 -34.43
CA ILE E 15 -12.43 21.83 -34.56
C ILE E 15 -12.34 21.22 -33.16
N VAL E 16 -13.19 20.24 -32.90
CA VAL E 16 -13.43 19.69 -31.58
C VAL E 16 -13.61 18.17 -31.74
N LYS E 17 -13.36 17.41 -30.67
CA LYS E 17 -13.54 15.95 -30.64
C LYS E 17 -15.00 15.46 -30.68
N ARG E 18 -15.20 14.25 -31.20
CA ARG E 18 -16.55 13.73 -31.42
C ARG E 18 -17.28 13.49 -30.09
N GLU E 19 -16.58 12.93 -29.09
CA GLU E 19 -17.16 12.72 -27.78
C GLU E 19 -17.52 14.08 -27.19
N HIS E 20 -16.61 15.03 -27.23
CA HIS E 20 -16.89 16.38 -26.73
C HIS E 20 -18.06 16.95 -27.50
N ALA E 21 -18.14 16.68 -28.79
CA ALA E 21 -19.27 17.22 -29.52
C ALA E 21 -20.59 16.57 -29.01
N LEU E 22 -20.58 15.27 -28.77
CA LEU E 22 -21.80 14.50 -28.51
C LEU E 22 -22.42 14.77 -27.12
N THR E 23 -21.78 15.64 -26.36
CA THR E 23 -22.42 16.22 -25.18
C THR E 23 -23.81 16.80 -25.52
N SER E 24 -23.88 17.58 -26.59
CA SER E 24 -25.14 18.16 -27.06
C SER E 24 -26.07 17.22 -27.83
N GLY E 25 -27.32 17.08 -27.39
CA GLY E 25 -28.25 16.16 -28.10
C GLY E 25 -28.54 16.63 -29.51
N THR E 26 -28.64 17.96 -29.64
CA THR E 26 -28.96 18.63 -30.89
C THR E 26 -27.85 18.28 -31.86
N ILE E 27 -26.64 18.71 -31.53
CA ILE E 27 -25.50 18.35 -32.31
C ILE E 27 -25.47 16.83 -32.57
N LYS E 28 -25.64 16.02 -31.53
CA LYS E 28 -25.72 14.57 -31.73
C LYS E 28 -26.56 14.13 -32.93
N ALA E 29 -27.74 14.74 -33.14
CA ALA E 29 -28.57 14.36 -34.30
C ALA E 29 -28.19 15.14 -35.56
N MET E 30 -28.00 16.45 -35.44
CA MET E 30 -27.51 17.27 -36.55
C MET E 30 -26.42 16.57 -37.35
N LEU E 31 -25.46 15.98 -36.64
CA LEU E 31 -24.41 15.24 -37.32
C LEU E 31 -24.85 13.81 -37.28
N SER E 32 -24.64 13.10 -38.39
CA SER E 32 -24.97 11.68 -38.48
C SER E 32 -26.49 11.39 -38.20
N GLY E 33 -27.31 11.80 -39.17
CA GLY E 33 -28.73 11.50 -39.18
C GLY E 33 -29.39 12.26 -40.30
N ASN E 43 -17.37 15.00 -41.02
CA ASN E 43 -18.74 15.57 -41.09
C ASN E 43 -18.88 16.86 -40.23
N GLU E 44 -19.62 17.85 -40.73
CA GLU E 44 -19.57 19.27 -40.27
C GLU E 44 -20.96 19.84 -39.96
N VAL E 45 -21.09 20.63 -38.89
CA VAL E 45 -22.39 21.26 -38.59
C VAL E 45 -22.30 22.78 -38.62
N ASN E 46 -23.34 23.44 -39.13
CA ASN E 46 -23.30 24.88 -39.43
C ASN E 46 -24.34 25.59 -38.62
N PHE E 47 -24.00 26.75 -38.09
CA PHE E 47 -24.87 27.33 -37.07
C PHE E 47 -25.31 28.70 -37.45
N ARG E 48 -26.29 28.73 -38.35
CA ARG E 48 -26.88 29.95 -38.83
C ARG E 48 -27.03 31.06 -37.76
N GLU E 49 -27.27 30.77 -36.48
CA GLU E 49 -27.49 31.93 -35.53
C GLU E 49 -26.69 31.96 -34.19
N ILE E 50 -25.67 31.12 -34.11
CA ILE E 50 -24.73 31.16 -33.01
C ILE E 50 -23.42 31.81 -33.44
N PRO E 51 -23.10 33.00 -32.89
CA PRO E 51 -21.84 33.73 -33.15
C PRO E 51 -20.53 33.01 -32.67
N SER E 52 -19.37 33.45 -33.16
CA SER E 52 -18.10 32.94 -32.68
C SER E 52 -17.87 33.20 -31.17
N HIS E 53 -18.31 34.35 -30.67
CA HIS E 53 -18.11 34.56 -29.25
C HIS E 53 -18.93 33.60 -28.36
N VAL E 54 -19.90 32.89 -28.93
CA VAL E 54 -20.71 32.00 -28.09
C VAL E 54 -20.28 30.58 -28.26
N LEU E 55 -19.98 30.19 -29.50
CA LEU E 55 -19.53 28.82 -29.83
C LEU E 55 -18.14 28.50 -29.30
N SER E 56 -17.28 29.51 -29.12
CA SER E 56 -16.01 29.25 -28.39
C SER E 56 -16.28 28.84 -26.91
N LYS E 57 -17.16 29.59 -26.24
CA LYS E 57 -17.53 29.27 -24.88
C LYS E 57 -18.15 27.88 -24.76
N VAL E 58 -19.06 27.57 -25.69
CA VAL E 58 -19.71 26.28 -25.76
C VAL E 58 -18.70 25.13 -25.81
N CYS E 59 -17.77 25.18 -26.74
CA CYS E 59 -16.75 24.14 -26.83
C CYS E 59 -15.89 24.14 -25.59
N MET E 60 -15.71 25.29 -24.95
CA MET E 60 -14.91 25.33 -23.75
C MET E 60 -15.67 24.51 -22.73
N TYR E 61 -16.94 24.85 -22.65
CA TYR E 61 -17.79 24.11 -21.79
C TYR E 61 -17.67 22.62 -22.02
N PHE E 62 -17.59 22.19 -23.29
CA PHE E 62 -17.53 20.74 -23.59
C PHE E 62 -16.27 20.13 -22.97
N THR E 63 -15.12 20.79 -23.09
CA THR E 63 -13.87 20.27 -22.51
C THR E 63 -13.99 20.14 -21.01
N TYR E 64 -14.58 21.19 -20.43
CA TYR E 64 -14.88 21.20 -19.01
C TYR E 64 -15.80 20.02 -18.60
N LYS E 65 -16.96 19.90 -19.26
CA LYS E 65 -17.83 18.80 -18.96
C LYS E 65 -17.03 17.48 -18.98
N VAL E 66 -16.62 17.05 -20.18
CA VAL E 66 -15.86 15.82 -20.37
C VAL E 66 -14.77 15.60 -19.34
N ARG E 67 -14.07 16.67 -18.95
CA ARG E 67 -12.95 16.50 -18.06
C ARG E 67 -13.36 16.24 -16.60
N TYR E 68 -14.36 17.00 -16.08
CA TYR E 68 -14.79 16.93 -14.67
C TYR E 68 -16.03 16.11 -14.31
N THR E 69 -16.88 15.79 -15.28
CA THR E 69 -18.02 14.90 -15.00
C THR E 69 -17.44 13.57 -14.62
N ASN E 70 -17.96 12.99 -13.55
CA ASN E 70 -17.40 11.77 -12.98
C ASN E 70 -15.99 12.08 -12.45
N SER E 71 -15.92 12.89 -11.40
CA SER E 71 -14.62 13.25 -10.87
C SER E 71 -14.56 13.19 -9.35
N SER E 72 -13.63 12.41 -8.82
CA SER E 72 -13.37 12.29 -7.36
C SER E 72 -12.88 13.60 -6.68
N THR E 73 -12.16 14.45 -7.43
CA THR E 73 -11.48 15.65 -6.89
C THR E 73 -12.36 16.89 -6.77
N GLU E 74 -11.77 18.00 -6.34
CA GLU E 74 -12.45 19.28 -6.45
C GLU E 74 -12.56 19.80 -7.92
N ILE E 75 -13.80 19.99 -8.36
CA ILE E 75 -14.16 20.72 -9.60
C ILE E 75 -14.14 22.28 -9.40
N PRO E 76 -13.72 23.07 -10.41
CA PRO E 76 -13.82 24.55 -10.30
C PRO E 76 -15.10 25.16 -10.90
N GLU E 77 -15.38 26.42 -10.65
CA GLU E 77 -16.54 27.00 -11.26
C GLU E 77 -16.33 27.03 -12.80
N PHE E 78 -17.39 26.75 -13.55
CA PHE E 78 -17.37 27.23 -14.94
C PHE E 78 -17.69 28.74 -15.04
N PRO E 79 -16.74 29.55 -15.56
CA PRO E 79 -16.92 31.02 -15.48
C PRO E 79 -17.71 31.62 -16.67
N ILE E 80 -18.71 32.46 -16.40
CA ILE E 80 -19.45 33.12 -17.49
C ILE E 80 -19.33 34.67 -17.43
N ALA E 81 -18.66 35.21 -18.45
CA ALA E 81 -18.68 36.62 -18.69
C ALA E 81 -20.15 37.16 -18.77
N PRO E 82 -20.49 38.12 -17.88
CA PRO E 82 -21.87 38.70 -17.87
C PRO E 82 -22.38 39.22 -19.24
N GLU E 83 -21.51 39.72 -20.09
CA GLU E 83 -21.85 40.08 -21.50
C GLU E 83 -22.28 38.91 -22.44
N ILE E 84 -21.66 37.73 -22.29
CA ILE E 84 -21.98 36.58 -23.18
C ILE E 84 -23.11 35.73 -22.58
N ALA E 85 -23.53 36.09 -21.37
CA ALA E 85 -24.44 35.27 -20.58
C ALA E 85 -25.79 35.04 -21.25
N LEU E 86 -26.37 36.13 -21.76
CA LEU E 86 -27.64 36.05 -22.48
C LEU E 86 -27.55 35.27 -23.78
N GLU E 87 -26.49 35.49 -24.55
CA GLU E 87 -26.30 34.63 -25.71
C GLU E 87 -26.13 33.18 -25.30
N LEU E 88 -25.15 32.91 -24.45
CA LEU E 88 -24.76 31.51 -24.19
C LEU E 88 -25.99 30.79 -23.72
N LEU E 89 -26.84 31.51 -22.95
CA LEU E 89 -28.09 30.92 -22.43
C LEU E 89 -28.89 30.32 -23.57
N MET E 90 -29.24 31.19 -24.54
CA MET E 90 -29.99 30.82 -25.74
C MET E 90 -29.30 29.68 -26.42
N ALA E 91 -27.98 29.77 -26.59
CA ALA E 91 -27.31 28.68 -27.28
C ALA E 91 -27.41 27.39 -26.51
N ALA E 92 -27.18 27.45 -25.19
CA ALA E 92 -27.36 26.26 -24.37
C ALA E 92 -28.79 25.80 -24.44
N ASN E 93 -29.74 26.71 -24.50
CA ASN E 93 -31.12 26.20 -24.59
C ASN E 93 -31.36 25.37 -25.90
N PHE E 94 -30.90 25.92 -27.01
CA PHE E 94 -31.05 25.29 -28.28
C PHE E 94 -30.34 23.97 -28.40
N LEU E 95 -29.09 23.88 -27.95
CA LEU E 95 -28.21 22.72 -28.14
C LEU E 95 -28.43 21.60 -27.12
N ASP E 96 -29.16 21.93 -26.05
CA ASP E 96 -29.52 21.00 -24.94
C ASP E 96 -28.37 20.38 -24.14
N CYS E 97 -27.49 21.25 -23.65
CA CYS E 97 -26.34 20.83 -22.87
C CYS E 97 -26.20 21.64 -21.55
N LEU F 12 -38.24 8.50 2.93
CA LEU F 12 -37.23 9.62 2.78
C LEU F 12 -37.07 10.53 4.02
N ARG F 13 -36.48 9.95 5.06
CA ARG F 13 -36.34 10.63 6.35
C ARG F 13 -35.21 9.96 7.13
N SER F 14 -34.81 10.59 8.25
CA SER F 14 -33.77 9.99 9.11
C SER F 14 -34.34 8.85 9.95
N VAL F 15 -33.61 7.73 9.95
CA VAL F 15 -33.88 6.56 10.80
C VAL F 15 -33.42 6.97 12.22
N ASN F 16 -34.34 6.95 13.18
CA ASN F 16 -33.99 7.33 14.53
C ASN F 16 -33.24 6.14 15.20
N SER F 17 -31.90 6.07 15.03
CA SER F 17 -31.04 4.88 15.36
C SER F 17 -30.27 5.06 16.63
N ARG F 18 -29.98 6.32 16.96
CA ARG F 18 -29.25 6.65 18.18
C ARG F 18 -27.86 5.95 18.27
N GLU F 19 -27.33 5.46 17.14
CA GLU F 19 -25.91 5.12 17.05
C GLU F 19 -25.17 6.41 16.76
N PRO F 20 -24.28 6.86 17.67
CA PRO F 20 -23.42 7.98 17.20
C PRO F 20 -22.55 7.74 15.92
N SER F 21 -22.46 8.77 15.08
CA SER F 21 -21.62 8.75 13.86
C SER F 21 -20.98 10.12 13.67
N GLN F 22 -19.66 10.13 13.54
CA GLN F 22 -18.97 11.39 13.65
C GLN F 22 -18.63 11.69 12.23
N VAL F 23 -19.06 12.87 11.77
CA VAL F 23 -18.77 13.28 10.40
C VAL F 23 -17.83 14.46 10.35
N ILE F 24 -17.13 14.59 9.23
CA ILE F 24 -16.51 15.86 8.88
C ILE F 24 -17.11 16.38 7.56
N PHE F 25 -17.67 17.58 7.61
CA PHE F 25 -18.05 18.28 6.40
C PHE F 25 -16.85 18.97 5.78
N CYS F 26 -16.35 18.52 4.65
CA CYS F 26 -15.34 19.35 4.02
C CYS F 26 -15.92 20.03 2.76
N ASN F 27 -15.82 21.35 2.71
CA ASN F 27 -16.46 22.14 1.65
C ASN F 27 -15.49 22.46 0.56
N ARG F 28 -15.54 21.69 -0.52
CA ARG F 28 -14.65 21.93 -1.69
C ARG F 28 -15.35 22.60 -2.87
N SER F 29 -15.86 23.79 -2.63
CA SER F 29 -16.65 24.48 -3.64
C SER F 29 -16.45 25.93 -3.33
N PRO F 30 -16.68 26.82 -4.31
CA PRO F 30 -16.42 28.23 -3.98
C PRO F 30 -17.64 28.88 -3.38
N ARG F 31 -18.60 28.01 -3.06
CA ARG F 31 -19.89 28.45 -2.57
C ARG F 31 -19.93 28.42 -1.05
N VAL F 32 -20.69 29.34 -0.48
CA VAL F 32 -21.14 29.23 0.90
C VAL F 32 -22.16 28.14 0.90
N VAL F 33 -21.79 27.02 1.53
CA VAL F 33 -22.65 25.84 1.64
C VAL F 33 -23.71 25.93 2.78
N LEU F 34 -24.89 25.29 2.62
CA LEU F 34 -25.90 25.12 3.66
C LEU F 34 -26.24 23.66 3.82
N PRO F 35 -25.76 23.03 4.91
CA PRO F 35 -26.09 21.64 5.11
C PRO F 35 -27.55 21.59 5.59
N VAL F 36 -28.31 20.60 5.11
CA VAL F 36 -29.72 20.46 5.39
C VAL F 36 -29.94 19.02 5.92
N TRP F 37 -30.17 18.89 7.23
CA TRP F 37 -30.56 17.61 7.81
C TRP F 37 -32.01 17.29 7.48
N LEU F 38 -32.27 16.05 7.10
CA LEU F 38 -33.61 15.58 6.94
C LEU F 38 -34.16 14.87 8.20
N ASN F 39 -34.51 15.67 9.19
CA ASN F 39 -35.64 15.46 10.13
C ASN F 39 -36.37 14.13 10.18
N PHE F 40 -36.90 13.79 11.33
CA PHE F 40 -37.46 12.45 11.42
C PHE F 40 -38.74 12.18 10.63
N ASP F 41 -39.43 13.30 10.29
CA ASP F 41 -40.66 13.32 9.42
C ASP F 41 -40.45 13.70 7.96
N GLY F 42 -39.22 14.09 7.61
CA GLY F 42 -38.95 14.59 6.29
C GLY F 42 -38.96 16.10 6.22
N GLU F 43 -39.14 16.83 7.32
CA GLU F 43 -38.87 18.28 7.19
C GLU F 43 -37.37 18.63 6.98
N PRO F 44 -37.04 19.23 5.83
CA PRO F 44 -35.67 19.68 5.71
C PRO F 44 -35.30 20.53 6.91
N GLN F 45 -34.16 20.23 7.49
CA GLN F 45 -33.65 21.06 8.57
C GLN F 45 -32.27 21.68 8.34
N PRO F 46 -32.23 23.00 8.35
CA PRO F 46 -30.96 23.59 8.00
C PRO F 46 -30.07 23.87 9.22
N TYR F 47 -28.77 23.57 9.07
CA TYR F 47 -27.71 23.79 10.06
C TYR F 47 -26.86 24.97 9.63
N PRO F 48 -25.90 25.40 10.47
CA PRO F 48 -25.17 26.67 10.13
C PRO F 48 -24.30 26.59 8.89
N THR F 49 -24.19 27.71 8.16
CA THR F 49 -23.46 27.74 6.87
C THR F 49 -21.95 27.59 6.98
N LEU F 50 -21.30 27.10 5.94
CA LEU F 50 -19.83 26.85 5.95
C LEU F 50 -19.11 27.52 4.79
N PRO F 51 -18.22 28.52 5.07
CA PRO F 51 -17.66 29.25 3.94
C PRO F 51 -16.83 28.34 3.06
N PRO F 52 -16.63 28.79 1.81
CA PRO F 52 -15.89 28.18 0.71
C PRO F 52 -14.84 27.13 1.05
N GLY F 53 -13.71 27.44 1.64
CA GLY F 53 -12.70 26.35 1.73
C GLY F 53 -12.67 25.46 2.98
N THR F 54 -13.46 25.89 3.97
CA THR F 54 -13.67 25.36 5.30
C THR F 54 -14.19 23.92 5.54
N GLY F 55 -13.73 23.33 6.64
CA GLY F 55 -14.20 22.05 7.14
C GLY F 55 -14.80 22.24 8.53
N ARG F 56 -15.48 21.19 9.04
CA ARG F 56 -16.19 21.32 10.32
C ARG F 56 -16.64 19.98 10.86
N ARG F 57 -16.44 19.86 12.16
CA ARG F 57 -16.73 18.63 12.86
C ARG F 57 -18.22 18.62 13.28
N ILE F 58 -18.90 17.48 13.02
CA ILE F 58 -20.34 17.27 13.23
C ILE F 58 -20.71 15.92 13.89
N HIS F 59 -21.47 15.99 14.98
CA HIS F 59 -22.03 14.79 15.63
C HIS F 59 -23.37 14.53 15.01
N SER F 60 -23.44 13.39 14.34
CA SER F 60 -24.64 12.93 13.72
C SER F 60 -24.77 11.48 14.11
N TYR F 61 -25.45 10.68 13.28
CA TYR F 61 -25.85 9.32 13.67
C TYR F 61 -26.16 8.41 12.51
N ARG F 62 -26.01 7.10 12.68
CA ARG F 62 -26.20 6.15 11.57
C ARG F 62 -27.59 6.27 10.99
N GLY F 63 -27.67 6.34 9.68
CA GLY F 63 -28.95 6.34 8.97
C GLY F 63 -29.60 7.72 8.89
N HIS F 64 -28.88 8.76 9.30
CA HIS F 64 -29.35 10.07 9.01
C HIS F 64 -29.18 10.49 7.54
N LEU F 65 -30.14 11.29 7.08
CA LEU F 65 -30.17 11.83 5.73
C LEU F 65 -29.78 13.28 5.71
N TRP F 66 -28.75 13.58 4.90
CA TRP F 66 -28.21 14.94 4.70
C TRP F 66 -28.15 15.41 3.24
N LEU F 67 -28.27 16.74 3.08
CA LEU F 67 -28.27 17.41 1.77
C LEU F 67 -27.54 18.74 1.85
N PHE F 68 -27.05 19.26 0.71
CA PHE F 68 -26.18 20.45 0.69
C PHE F 68 -26.45 21.37 -0.49
N ARG F 69 -26.61 22.67 -0.24
CA ARG F 69 -26.99 23.69 -1.23
C ARG F 69 -26.16 24.93 -1.05
N ASP F 70 -25.98 25.68 -2.13
CA ASP F 70 -25.41 26.98 -2.06
C ASP F 70 -26.37 27.70 -1.14
N ALA F 71 -25.83 28.51 -0.24
CA ALA F 71 -26.65 29.13 0.83
C ALA F 71 -27.43 30.35 0.41
N GLY F 72 -26.89 31.16 -0.49
CA GLY F 72 -27.64 32.29 -1.06
C GLY F 72 -28.73 31.81 -2.00
N THR F 73 -28.37 30.99 -3.00
CA THR F 73 -29.31 30.66 -4.06
C THR F 73 -29.99 29.29 -4.03
N HIS F 74 -29.62 28.39 -3.13
CA HIS F 74 -30.22 27.08 -3.14
C HIS F 74 -29.85 26.20 -4.33
N ASP F 75 -28.90 26.65 -5.18
CA ASP F 75 -28.29 25.76 -6.16
C ASP F 75 -27.89 24.43 -5.50
N GLY F 76 -28.08 23.30 -6.22
CA GLY F 76 -27.69 21.99 -5.72
C GLY F 76 -26.19 21.81 -5.74
N LEU F 77 -25.68 20.93 -4.84
CA LEU F 77 -24.24 20.55 -4.65
C LEU F 77 -24.15 19.06 -4.44
N LEU F 78 -23.11 18.42 -4.96
CA LEU F 78 -22.92 17.00 -4.65
C LEU F 78 -22.17 16.73 -3.27
N VAL F 79 -22.20 15.49 -2.82
CA VAL F 79 -21.54 15.11 -1.63
C VAL F 79 -21.12 13.66 -1.81
N ASN F 80 -19.81 13.46 -1.77
CA ASN F 80 -19.21 12.20 -2.06
C ASN F 80 -19.83 11.73 -3.31
N GLN F 81 -19.97 12.66 -4.25
CA GLN F 81 -20.39 12.28 -5.61
C GLN F 81 -21.88 12.16 -5.84
N THR F 82 -22.65 11.78 -4.86
CA THR F 82 -24.07 11.59 -5.09
C THR F 82 -24.80 12.82 -4.54
N GLU F 83 -26.09 12.68 -4.30
CA GLU F 83 -26.87 13.82 -3.96
C GLU F 83 -27.18 13.84 -2.47
N LEU F 84 -27.29 12.63 -1.92
CA LEU F 84 -27.57 12.40 -0.51
C LEU F 84 -26.39 11.72 0.20
N PHE F 85 -26.16 12.15 1.45
CA PHE F 85 -25.11 11.60 2.30
C PHE F 85 -25.72 10.94 3.55
N VAL F 86 -25.34 9.68 3.77
CA VAL F 86 -25.85 8.95 4.93
C VAL F 86 -24.66 8.58 5.79
N PRO F 87 -24.47 9.32 6.91
CA PRO F 87 -23.37 8.98 7.81
C PRO F 87 -23.36 7.46 7.96
N SER F 88 -22.20 6.81 7.81
CA SER F 88 -22.13 5.36 8.00
C SER F 88 -21.34 5.06 9.28
N LEU F 89 -21.12 3.76 9.54
CA LEU F 89 -20.30 3.29 10.64
C LEU F 89 -18.93 3.94 10.62
N ASN F 90 -18.42 4.32 11.80
CA ASN F 90 -17.06 4.91 11.91
C ASN F 90 -15.89 3.97 11.49
N VAL F 91 -15.57 2.96 12.34
CA VAL F 91 -14.50 1.94 12.08
C VAL F 91 -13.17 2.28 12.74
N ASP F 92 -13.13 2.24 14.08
CA ASP F 92 -11.90 2.32 14.90
C ASP F 92 -10.78 2.95 14.12
N GLY F 93 -10.84 4.28 14.01
CA GLY F 93 -10.14 5.05 12.93
C GLY F 93 -11.18 5.98 12.29
N GLN F 94 -12.37 5.93 12.91
CA GLN F 94 -13.36 7.02 13.08
C GLN F 94 -13.84 7.92 11.90
N PRO F 95 -13.58 9.25 11.92
CA PRO F 95 -14.59 10.11 11.27
C PRO F 95 -14.76 9.92 9.74
N ILE F 96 -16.00 10.08 9.24
CA ILE F 96 -16.34 9.95 7.81
C ILE F 96 -16.26 11.32 7.11
N PHE F 97 -15.70 11.37 5.90
CA PHE F 97 -15.77 12.62 5.14
C PHE F 97 -17.03 12.73 4.31
N ALA F 98 -17.71 13.87 4.48
CA ALA F 98 -18.66 14.45 3.52
C ALA F 98 -17.93 15.50 2.67
N ASN F 99 -17.69 15.07 1.43
CA ASN F 99 -17.01 15.82 0.38
C ASN F 99 -17.99 16.61 -0.48
N ILE F 100 -17.99 17.93 -0.29
CA ILE F 100 -18.98 18.78 -0.87
C ILE F 100 -18.36 19.53 -2.02
N THR F 101 -18.92 19.33 -3.21
CA THR F 101 -18.31 19.87 -4.43
C THR F 101 -19.42 20.38 -5.30
N LEU F 102 -19.07 21.18 -6.31
CA LEU F 102 -20.02 21.58 -7.33
C LEU F 102 -20.37 20.35 -8.13
N PRO F 103 -21.58 20.31 -8.68
CA PRO F 103 -21.81 19.36 -9.78
C PRO F 103 -21.20 19.96 -11.00
N VAL F 104 -21.05 19.18 -12.07
CA VAL F 104 -21.01 19.78 -13.41
C VAL F 104 -22.43 20.14 -13.77
N TYR F 105 -22.79 21.39 -13.52
CA TYR F 105 -24.11 21.88 -13.94
C TYR F 105 -24.24 21.78 -15.48
N THR F 106 -25.46 21.84 -15.98
CA THR F 106 -25.65 21.96 -17.43
C THR F 106 -25.21 23.38 -17.71
N LEU F 107 -24.84 23.62 -18.96
CA LEU F 107 -24.51 24.97 -19.45
C LEU F 107 -25.77 25.78 -19.40
N LYS F 108 -26.92 25.15 -19.67
CA LYS F 108 -28.19 25.86 -19.51
C LYS F 108 -28.32 26.32 -18.04
N GLU F 109 -28.31 25.35 -17.12
CA GLU F 109 -28.49 25.69 -15.73
C GLU F 109 -27.47 26.76 -15.25
N ARG F 110 -26.24 26.66 -15.74
CA ARG F 110 -25.20 27.53 -15.30
C ARG F 110 -25.42 28.92 -15.82
N CYS F 111 -26.10 29.04 -16.97
CA CYS F 111 -26.46 30.36 -17.51
C CYS F 111 -27.66 30.90 -16.75
N LEU F 112 -28.64 30.05 -16.50
CA LEU F 112 -29.71 30.45 -15.61
C LEU F 112 -29.09 31.06 -14.38
N GLN F 113 -28.10 30.37 -13.78
CA GLN F 113 -27.53 30.78 -12.48
C GLN F 113 -26.91 32.15 -12.56
N VAL F 114 -26.15 32.42 -13.59
CA VAL F 114 -25.52 33.74 -13.63
C VAL F 114 -26.50 34.91 -13.81
N VAL F 115 -27.66 34.67 -14.43
CA VAL F 115 -28.47 35.80 -14.82
C VAL F 115 -29.34 36.10 -13.62
N ARG F 116 -29.74 35.05 -12.89
CA ARG F 116 -30.53 35.24 -11.65
C ARG F 116 -29.78 36.23 -10.77
N SER F 117 -28.46 36.07 -10.83
CA SER F 117 -27.54 36.63 -9.87
C SER F 117 -27.08 38.01 -10.30
N LEU F 118 -27.36 38.33 -11.54
CA LEU F 118 -27.21 39.69 -12.04
C LEU F 118 -28.51 40.46 -12.10
N VAL F 119 -29.68 39.80 -11.97
CA VAL F 119 -30.93 40.45 -12.36
C VAL F 119 -32.03 40.25 -11.32
N LYS F 120 -32.53 41.39 -10.79
CA LYS F 120 -33.57 41.41 -9.76
C LYS F 120 -34.77 40.71 -10.43
N PRO F 121 -35.37 39.74 -9.73
CA PRO F 121 -36.49 38.93 -10.22
C PRO F 121 -37.61 39.69 -10.94
N GLU F 122 -37.74 40.98 -10.63
CA GLU F 122 -38.81 41.84 -11.12
C GLU F 122 -38.47 42.35 -12.51
N ASN F 123 -37.23 42.17 -12.92
CA ASN F 123 -36.74 42.60 -14.23
C ASN F 123 -36.60 41.49 -15.28
N TYR F 124 -36.79 40.24 -14.87
CA TYR F 124 -36.55 39.11 -15.76
C TYR F 124 -37.21 39.35 -17.14
N ARG F 125 -38.46 39.83 -17.09
CA ARG F 125 -39.32 40.06 -18.25
C ARG F 125 -38.89 41.22 -19.16
N ARG F 126 -37.91 42.03 -18.73
CA ARG F 126 -37.36 43.14 -19.54
C ARG F 126 -36.09 42.70 -20.36
N LEU F 127 -35.98 41.39 -20.67
CA LEU F 127 -34.77 40.83 -21.31
C LEU F 127 -35.08 40.19 -22.68
N ASP F 128 -34.26 40.47 -23.70
CA ASP F 128 -34.51 39.94 -25.04
C ASP F 128 -34.36 38.40 -25.09
N ILE F 129 -35.41 37.63 -24.74
CA ILE F 129 -35.41 36.16 -24.94
C ILE F 129 -36.79 35.50 -24.97
N VAL F 130 -36.82 34.23 -25.34
CA VAL F 130 -38.07 33.49 -25.43
C VAL F 130 -38.79 33.33 -24.10
N ARG F 131 -40.12 33.34 -24.12
CA ARG F 131 -40.94 33.19 -22.90
C ARG F 131 -40.74 31.85 -22.14
N SER F 132 -40.28 30.82 -22.83
CA SER F 132 -39.92 29.55 -22.17
C SER F 132 -38.66 29.72 -21.29
N LEU F 133 -37.87 30.78 -21.57
CA LEU F 133 -36.71 31.14 -20.75
C LEU F 133 -36.99 31.99 -19.52
N TYR F 134 -37.98 32.88 -19.57
CA TYR F 134 -38.48 33.57 -18.38
C TYR F 134 -38.97 32.55 -17.44
N GLU F 135 -39.64 31.54 -17.97
CA GLU F 135 -40.29 30.54 -17.13
C GLU F 135 -39.23 29.79 -16.30
N ASP F 136 -38.08 29.57 -16.94
CA ASP F 136 -36.95 28.83 -16.38
C ASP F 136 -36.06 29.63 -15.40
N LEU F 137 -35.81 30.92 -15.68
CA LEU F 137 -35.25 31.82 -14.66
C LEU F 137 -36.14 31.89 -13.41
N GLU F 138 -37.43 32.19 -13.59
CA GLU F 138 -38.40 32.41 -12.48
C GLU F 138 -38.61 31.16 -11.59
N ASP F 139 -38.06 30.03 -12.01
CA ASP F 139 -38.21 28.79 -11.28
C ASP F 139 -36.95 28.41 -10.45
N HIS F 140 -36.66 29.16 -9.37
CA HIS F 140 -35.40 29.02 -8.63
C HIS F 140 -35.21 27.60 -8.05
N PRO F 141 -33.95 27.14 -7.92
CA PRO F 141 -33.81 25.80 -7.35
C PRO F 141 -34.28 25.85 -5.91
N ASN F 142 -34.64 24.68 -5.38
CA ASN F 142 -35.40 24.67 -4.15
C ASN F 142 -35.50 23.22 -3.64
N VAL F 143 -35.24 23.02 -2.34
CA VAL F 143 -35.22 21.72 -1.71
C VAL F 143 -36.52 20.90 -1.83
N GLN F 144 -37.66 21.56 -1.70
CA GLN F 144 -38.91 20.84 -1.75
C GLN F 144 -38.99 20.04 -3.02
N LYS F 145 -38.86 20.74 -4.15
CA LYS F 145 -38.90 20.13 -5.50
C LYS F 145 -37.96 18.93 -5.60
N ASP F 146 -36.70 19.15 -5.24
CA ASP F 146 -35.69 18.13 -5.23
C ASP F 146 -36.12 16.91 -4.43
N LEU F 147 -36.69 17.15 -3.25
CA LEU F 147 -37.12 16.05 -2.39
C LEU F 147 -38.13 15.22 -3.12
N GLU F 148 -39.13 15.93 -3.63
CA GLU F 148 -40.21 15.39 -4.47
C GLU F 148 -39.63 14.64 -5.69
N ARG F 149 -38.73 15.31 -6.41
CA ARG F 149 -37.99 14.72 -7.54
C ARG F 149 -37.10 13.53 -7.15
N LEU F 150 -36.62 13.51 -5.90
CA LEU F 150 -35.78 12.39 -5.44
C LEU F 150 -36.64 11.23 -5.04
N THR F 151 -37.91 11.55 -4.81
CA THR F 151 -38.87 10.58 -4.29
C THR F 151 -39.32 9.47 -5.26
N GLN F 152 -39.30 9.72 -6.58
CA GLN F 152 -39.47 8.62 -7.55
C GLN F 152 -38.28 7.63 -7.50
N GLU F 153 -38.24 6.83 -6.42
CA GLU F 153 -37.10 5.97 -6.06
C GLU F 153 -37.38 4.48 -6.31
N MET G 1 20.64 13.43 24.78
CA MET G 1 19.90 14.74 25.00
C MET G 1 19.24 15.39 23.73
N ASP G 2 17.96 15.05 23.54
CA ASP G 2 17.17 15.41 22.39
C ASP G 2 16.91 16.90 22.29
N VAL G 3 17.12 17.46 21.13
CA VAL G 3 16.89 18.88 20.97
C VAL G 3 15.70 19.09 20.01
N PHE G 4 14.92 20.17 20.20
CA PHE G 4 13.71 20.40 19.37
C PHE G 4 13.74 21.73 18.63
N LEU G 5 13.76 21.62 17.30
CA LEU G 5 14.11 22.70 16.43
C LEU G 5 13.00 22.96 15.44
N MET G 6 13.01 24.20 14.94
CA MET G 6 12.13 24.68 13.90
C MET G 6 12.97 25.27 12.72
N ILE G 7 13.13 24.54 11.62
CA ILE G 7 13.91 25.01 10.45
C ILE G 7 13.11 25.91 9.49
N ARG G 8 13.59 27.10 9.18
CA ARG G 8 12.72 28.11 8.58
C ARG G 8 13.36 28.86 7.39
N ARG G 9 12.61 29.05 6.31
CA ARG G 9 13.05 29.90 5.15
C ARG G 9 11.82 30.33 4.36
N HIS G 10 11.55 31.64 4.28
CA HIS G 10 10.46 32.15 3.44
C HIS G 10 9.22 31.31 3.74
N LYS G 11 8.32 31.72 4.63
CA LYS G 11 7.03 30.98 4.62
C LYS G 11 7.15 29.44 4.49
N THR G 12 8.31 28.87 4.82
CA THR G 12 8.54 27.41 4.88
C THR G 12 9.22 27.08 6.20
N THR G 13 8.78 26.01 6.83
CA THR G 13 9.23 25.72 8.17
C THR G 13 9.12 24.26 8.54
N ILE G 14 10.26 23.62 8.78
CA ILE G 14 10.28 22.20 9.11
C ILE G 14 10.26 22.08 10.63
N PHE G 15 9.48 21.12 11.14
CA PHE G 15 9.46 20.76 12.56
C PHE G 15 10.03 19.36 12.63
N THR G 16 11.33 19.32 12.96
CA THR G 16 12.05 18.07 13.31
C THR G 16 12.72 18.18 14.70
N ASP G 17 13.34 17.08 15.11
CA ASP G 17 14.08 17.05 16.34
C ASP G 17 15.48 16.47 16.05
N ALA G 18 16.37 16.50 17.05
CA ALA G 18 17.67 15.87 16.92
C ALA G 18 18.52 15.95 18.22
N LYS G 19 19.69 15.34 18.15
CA LYS G 19 20.60 15.21 19.27
C LYS G 19 21.49 16.43 19.41
N GLU G 20 21.67 16.89 20.63
CA GLU G 20 22.67 17.90 20.93
C GLU G 20 24.02 17.63 20.23
N SER G 21 24.39 16.35 20.14
CA SER G 21 25.74 15.91 19.80
C SER G 21 25.97 15.74 18.33
N SER G 22 24.99 16.09 17.53
CA SER G 22 25.09 15.82 16.13
C SER G 22 25.29 17.11 15.37
N THR G 23 25.71 16.96 14.12
CA THR G 23 26.35 18.09 13.51
C THR G 23 25.38 18.84 12.68
N VAL G 24 25.59 20.14 12.67
CA VAL G 24 25.11 21.01 11.59
C VAL G 24 25.04 20.28 10.21
N PHE G 25 26.09 19.60 9.79
CA PHE G 25 26.04 18.80 8.57
C PHE G 25 24.94 17.71 8.62
N GLU G 26 24.99 16.84 9.62
CA GLU G 26 24.04 15.71 9.72
C GLU G 26 22.59 16.14 9.70
N LEU G 27 22.42 17.46 9.77
CA LEU G 27 21.17 18.14 9.87
C LEU G 27 20.79 18.67 8.50
N LYS G 28 21.80 19.00 7.68
CA LYS G 28 21.60 19.37 6.27
C LYS G 28 21.16 18.12 5.51
N ARG G 29 21.67 16.99 5.97
CA ARG G 29 21.27 15.69 5.46
C ARG G 29 19.80 15.41 5.70
N ILE G 30 19.29 16.04 6.77
CA ILE G 30 17.91 15.91 7.22
C ILE G 30 17.06 16.99 6.61
N VAL G 31 17.64 18.13 6.29
CA VAL G 31 16.93 19.06 5.43
C VAL G 31 16.64 18.35 4.09
N GLU G 32 17.65 17.65 3.57
CA GLU G 32 17.69 17.15 2.21
C GLU G 32 16.94 15.81 1.96
N GLY G 33 16.93 14.92 2.95
CA GLY G 33 15.93 13.84 2.95
C GLY G 33 14.54 14.43 2.68
N ILE G 34 14.21 15.52 3.35
CA ILE G 34 12.92 16.21 3.20
C ILE G 34 12.93 16.99 1.90
N LEU G 35 13.22 18.29 1.99
CA LEU G 35 13.18 19.26 0.89
C LEU G 35 14.01 18.97 -0.40
N LYS G 36 14.96 18.01 -0.28
CA LYS G 36 15.65 17.36 -1.42
C LYS G 36 16.64 18.29 -2.17
N ARG G 37 17.80 18.51 -1.56
CA ARG G 37 18.75 19.56 -1.94
C ARG G 37 20.02 19.31 -1.11
N PRO G 38 21.14 18.93 -1.77
CA PRO G 38 22.38 18.63 -1.04
C PRO G 38 22.77 19.70 -0.02
N PRO G 39 23.39 19.24 1.07
CA PRO G 39 24.08 20.06 2.05
C PRO G 39 24.86 21.25 1.46
N ASP G 40 25.57 21.02 0.36
CA ASP G 40 26.39 22.07 -0.24
C ASP G 40 25.58 23.23 -0.80
N GLU G 41 24.28 22.99 -1.01
CA GLU G 41 23.37 24.04 -1.51
C GLU G 41 22.54 24.72 -0.41
N GLN G 42 22.78 24.33 0.84
CA GLN G 42 22.14 25.03 1.96
C GLN G 42 23.12 25.65 2.96
N ARG G 43 22.70 26.72 3.60
CA ARG G 43 23.43 27.33 4.70
C ARG G 43 22.48 27.47 5.91
N LEU G 44 22.88 27.00 7.08
CA LEU G 44 22.04 27.21 8.25
C LEU G 44 22.55 28.33 9.13
N TYR G 45 21.66 29.09 9.76
CA TYR G 45 22.10 30.18 10.64
C TYR G 45 21.59 30.03 12.05
N LYS G 46 22.11 30.83 12.97
CA LYS G 46 21.42 31.03 14.24
C LYS G 46 21.41 32.51 14.56
N ASP G 47 20.38 33.23 14.12
CA ASP G 47 20.37 34.72 14.10
C ASP G 47 21.57 35.31 13.35
N ASP G 48 21.65 35.13 12.04
CA ASP G 48 22.74 35.81 11.30
C ASP G 48 24.07 35.04 11.30
N GLN G 49 24.29 34.21 12.32
CA GLN G 49 25.51 33.41 12.35
C GLN G 49 25.46 32.19 11.39
N LEU G 50 26.28 32.21 10.34
CA LEU G 50 26.48 31.08 9.42
C LEU G 50 27.11 29.95 10.21
N LEU G 51 26.59 28.73 10.10
CA LEU G 51 27.01 27.64 10.96
C LEU G 51 27.90 26.62 10.30
N ASP G 52 29.06 26.36 10.90
CA ASP G 52 30.06 25.44 10.34
C ASP G 52 29.52 23.99 10.31
N ASP G 53 29.77 23.25 9.24
CA ASP G 53 29.37 21.82 9.19
C ASP G 53 29.82 20.90 10.30
N GLY G 54 31.07 21.03 10.74
CA GLY G 54 31.66 20.13 11.76
C GLY G 54 31.21 20.32 13.21
N LYS G 55 30.59 21.47 13.50
CA LYS G 55 30.14 21.86 14.84
C LYS G 55 28.97 20.97 15.34
N THR G 56 28.65 21.06 16.62
CA THR G 56 27.46 20.39 17.10
C THR G 56 26.36 21.38 17.47
N LEU G 57 25.12 20.93 17.36
CA LEU G 57 23.97 21.70 17.78
C LEU G 57 24.22 22.18 19.21
N GLY G 58 24.77 21.28 20.03
CA GLY G 58 25.09 21.64 21.40
C GLY G 58 26.01 22.86 21.42
N GLU G 59 27.13 22.69 20.69
CA GLU G 59 28.19 23.66 20.56
C GLU G 59 27.63 24.90 19.92
N CYS G 60 26.43 24.79 19.36
CA CYS G 60 25.87 25.91 18.64
C CYS G 60 24.87 26.71 19.43
N GLY G 61 24.48 26.20 20.58
CA GLY G 61 23.56 26.96 21.39
C GLY G 61 22.26 26.25 21.51
N PHE G 62 22.02 25.28 20.62
CA PHE G 62 20.78 24.48 20.70
C PHE G 62 20.99 23.43 21.75
N THR G 63 20.27 23.58 22.85
CA THR G 63 20.40 22.74 23.99
C THR G 63 19.02 22.54 24.52
N SER G 64 18.70 21.35 24.96
CA SER G 64 17.37 21.12 25.52
C SER G 64 16.68 22.32 26.22
N GLN G 65 17.36 23.05 27.11
CA GLN G 65 16.69 24.18 27.80
C GLN G 65 16.31 25.34 26.87
N THR G 66 16.87 25.33 25.68
CA THR G 66 16.67 26.41 24.73
C THR G 66 15.85 25.93 23.53
N ALA G 67 15.64 24.60 23.44
CA ALA G 67 15.02 24.01 22.25
C ALA G 67 14.11 22.84 22.60
N ARG G 68 12.96 23.18 23.19
CA ARG G 68 12.03 22.18 23.78
C ARG G 68 10.81 21.95 22.86
N PRO G 69 10.04 20.87 23.08
CA PRO G 69 8.94 20.68 22.14
C PRO G 69 7.88 21.78 22.14
N GLN G 70 7.53 22.35 23.29
CA GLN G 70 6.56 23.49 23.36
C GLN G 70 7.08 24.78 22.78
N ALA G 71 8.40 24.83 22.57
CA ALA G 71 9.07 26.10 22.27
C ALA G 71 10.38 25.84 21.55
N PRO G 72 10.27 25.25 20.35
CA PRO G 72 11.44 24.80 19.65
C PRO G 72 12.36 25.98 19.28
N ALA G 73 13.65 25.71 19.06
CA ALA G 73 14.57 26.77 18.65
C ALA G 73 14.53 27.01 17.12
N THR G 74 14.74 28.25 16.66
CA THR G 74 14.62 28.55 15.25
C THR G 74 15.97 28.41 14.58
N VAL G 75 16.02 27.71 13.45
CA VAL G 75 17.21 27.75 12.59
C VAL G 75 16.99 28.27 11.18
N GLY G 76 17.91 29.13 10.73
CA GLY G 76 17.87 29.77 9.39
C GLY G 76 18.23 28.84 8.26
N LEU G 77 17.56 29.01 7.12
CA LEU G 77 17.82 28.20 5.91
C LEU G 77 17.93 29.06 4.66
N ALA G 78 18.98 28.84 3.87
CA ALA G 78 19.18 29.46 2.54
C ALA G 78 19.84 28.54 1.44
N PHE G 79 19.25 28.60 0.24
CA PHE G 79 19.57 27.74 -0.95
C PHE G 79 20.47 28.36 -2.10
N ARG G 80 20.43 27.74 -3.31
CA ARG G 80 21.21 28.08 -4.55
C ARG G 80 22.77 28.08 -4.39
N ALA G 81 23.44 27.23 -5.21
CA ALA G 81 24.82 26.63 -5.04
C ALA G 81 26.09 27.47 -5.36
N ASP G 82 26.51 27.46 -6.63
CA ASP G 82 27.54 28.43 -7.14
C ASP G 82 26.77 29.69 -7.53
N ASP G 83 26.01 29.59 -8.64
CA ASP G 83 24.95 30.54 -8.99
C ASP G 83 24.37 31.14 -7.70
N THR G 84 25.22 31.96 -7.05
CA THR G 84 25.05 32.68 -5.74
C THR G 84 24.07 32.12 -4.69
N PHE G 85 24.58 31.87 -3.48
CA PHE G 85 23.72 31.71 -2.29
C PHE G 85 22.79 32.89 -2.10
N GLU G 86 21.57 32.61 -1.61
CA GLU G 86 20.60 33.67 -1.29
C GLU G 86 20.87 34.44 0.03
N ALA G 87 20.06 35.47 0.28
CA ALA G 87 20.08 36.05 1.60
C ALA G 87 19.09 35.25 2.46
N LEU G 88 19.51 34.88 3.68
CA LEU G 88 18.57 34.37 4.68
C LEU G 88 17.31 35.27 4.78
N CYS G 89 16.17 34.69 4.44
CA CYS G 89 14.93 35.39 4.72
C CYS G 89 13.86 34.48 5.36
N ILE G 90 13.29 34.96 6.45
CA ILE G 90 12.25 34.20 7.15
C ILE G 90 11.01 35.07 7.19
N GLU G 91 9.90 34.60 6.61
CA GLU G 91 8.67 35.40 6.72
C GLU G 91 8.05 35.20 8.10
N PRO G 92 7.71 36.29 8.77
CA PRO G 92 7.12 36.08 10.09
C PRO G 92 5.73 35.44 9.98
N PHE G 93 5.13 35.07 11.11
CA PHE G 93 3.79 34.49 11.08
C PHE G 93 2.80 35.62 11.15
N SER G 94 1.51 35.30 10.99
CA SER G 94 0.45 36.30 11.06
C SER G 94 0.51 37.02 12.38
N SER G 95 -0.06 38.21 12.42
CA SER G 95 -0.22 38.91 13.67
C SER G 95 -1.56 38.51 14.25
N PRO G 96 -1.60 38.38 15.59
CA PRO G 96 -2.81 38.18 16.38
C PRO G 96 -3.48 39.54 16.75
N PRO G 97 -4.83 39.60 16.77
CA PRO G 97 -5.59 40.82 17.07
C PRO G 97 -5.34 41.39 18.49
N GLU G 98 -6.15 42.37 18.89
CA GLU G 98 -6.13 42.84 20.26
C GLU G 98 -6.94 41.88 21.19
N LEU G 99 -7.34 42.27 22.41
CA LEU G 99 -7.93 41.27 23.35
C LEU G 99 -9.48 41.13 23.54
N PRO G 100 -10.21 42.02 24.30
CA PRO G 100 -10.08 43.15 25.27
C PRO G 100 -10.77 42.86 26.64
N ASP G 101 -11.87 42.09 26.64
CA ASP G 101 -12.34 41.36 27.84
C ASP G 101 -11.31 40.29 28.35
N VAL G 102 -10.24 40.05 27.57
CA VAL G 102 -9.19 39.08 27.90
C VAL G 102 -7.98 39.73 28.63
N MET H 2 6.74 9.34 6.36
CA MET H 2 7.71 10.25 7.00
C MET H 2 7.15 11.67 7.30
N TYR H 3 6.96 12.53 6.30
CA TYR H 3 6.60 13.93 6.57
C TYR H 3 5.32 14.38 5.86
N VAL H 4 4.74 15.51 6.28
CA VAL H 4 3.56 16.02 5.64
C VAL H 4 3.46 17.53 5.77
N LYS H 5 2.72 18.16 4.88
CA LYS H 5 2.71 19.59 4.85
C LYS H 5 1.33 20.05 5.29
N LEU H 6 1.32 21.19 6.00
CA LEU H 6 0.12 21.75 6.56
C LEU H 6 0.21 23.23 6.29
N ILE H 7 -0.69 23.77 5.49
CA ILE H 7 -0.53 25.16 5.02
C ILE H 7 -1.51 26.08 5.72
N SER H 8 -1.18 27.34 5.93
CA SER H 8 -2.06 28.20 6.68
C SER H 8 -2.87 29.11 5.75
N SER H 9 -3.83 29.84 6.32
CA SER H 9 -4.72 30.70 5.58
C SER H 9 -3.85 31.71 4.82
N ASP H 10 -3.09 32.49 5.60
CA ASP H 10 -2.13 33.49 5.15
C ASP H 10 -0.96 32.85 4.41
N GLY H 11 -1.07 31.58 4.05
CA GLY H 11 -0.12 31.00 3.17
C GLY H 11 1.06 30.19 3.70
N HIS H 12 1.42 30.35 4.99
CA HIS H 12 2.58 29.64 5.53
C HIS H 12 2.54 28.13 5.39
N GLU H 13 3.66 27.54 4.99
CA GLU H 13 3.79 26.07 4.86
C GLU H 13 4.53 25.46 6.05
N PHE H 14 3.95 24.46 6.71
CA PHE H 14 4.60 23.79 7.83
C PHE H 14 4.91 22.31 7.55
N ILE H 15 6.17 21.91 7.54
CA ILE H 15 6.44 20.48 7.33
C ILE H 15 6.57 19.81 8.73
N VAL H 16 6.19 18.54 8.87
CA VAL H 16 5.93 17.92 10.18
C VAL H 16 5.87 16.41 10.01
N LYS H 17 6.11 15.66 11.08
CA LYS H 17 6.12 14.22 10.94
C LYS H 17 4.72 13.65 10.89
N ARG H 18 4.51 12.74 9.98
CA ARG H 18 3.28 11.95 9.93
C ARG H 18 2.83 11.54 11.33
N GLU H 19 3.62 10.71 12.03
CA GLU H 19 3.19 10.23 13.38
C GLU H 19 2.71 11.42 14.22
N HIS H 20 3.40 12.56 14.10
CA HIS H 20 3.01 13.74 14.85
C HIS H 20 1.72 14.34 14.37
N ALA H 21 1.48 14.33 13.08
CA ALA H 21 0.24 14.93 12.59
C ALA H 21 -0.93 14.04 13.07
N LEU H 22 -0.65 12.76 13.26
CA LEU H 22 -1.70 11.80 13.63
C LEU H 22 -2.39 12.13 15.00
N THR H 23 -1.74 12.95 15.81
CA THR H 23 -2.27 13.52 17.02
C THR H 23 -3.57 14.24 16.76
N SER H 24 -3.65 14.97 15.66
CA SER H 24 -4.94 15.45 15.20
C SER H 24 -5.69 14.34 14.53
N GLY H 25 -6.79 13.94 15.13
CA GLY H 25 -7.61 12.81 14.64
C GLY H 25 -8.23 13.10 13.27
N THR H 26 -8.55 14.38 13.07
CA THR H 26 -8.97 14.93 11.79
C THR H 26 -7.95 14.57 10.70
N ILE H 27 -6.68 14.90 10.95
CA ILE H 27 -5.60 14.75 9.98
C ILE H 27 -5.33 13.24 9.91
N LYS H 28 -5.37 12.61 11.10
CA LYS H 28 -5.18 11.18 11.26
C LYS H 28 -6.06 10.41 10.32
N ALA H 29 -7.22 10.98 9.98
CA ALA H 29 -8.19 10.35 9.09
C ALA H 29 -8.16 10.97 7.71
N MET H 30 -7.95 12.28 7.65
CA MET H 30 -7.78 13.08 6.41
C MET H 30 -6.63 12.59 5.50
N LEU H 31 -5.84 11.65 6.00
CA LEU H 31 -4.65 11.11 5.29
C LEU H 31 -4.74 9.58 5.17
N SER H 32 -5.16 8.96 6.27
CA SER H 32 -5.43 7.54 6.33
C SER H 32 -6.72 7.27 5.57
N THR H 42 -0.72 14.77 -2.82
CA THR H 42 -0.24 13.43 -2.43
C THR H 42 -0.24 13.21 -0.90
N ASN H 43 0.34 14.17 -0.15
CA ASN H 43 0.33 14.22 1.34
C ASN H 43 0.50 15.67 1.87
N GLU H 44 -0.49 16.51 1.50
CA GLU H 44 -0.65 17.94 1.83
C GLU H 44 -2.12 18.25 2.29
N VAL H 45 -2.34 19.39 2.98
CA VAL H 45 -3.64 19.77 3.61
C VAL H 45 -3.75 21.29 3.77
N ASN H 46 -4.95 21.87 3.71
CA ASN H 46 -5.10 23.32 3.52
C ASN H 46 -6.15 24.09 4.37
N PHE H 47 -5.79 24.77 5.46
CA PHE H 47 -6.80 25.47 6.26
C PHE H 47 -6.97 26.91 5.82
N ARG H 48 -8.02 27.23 5.04
CA ARG H 48 -8.38 28.64 4.78
C ARG H 48 -8.70 29.28 6.11
N GLU H 49 -9.13 28.39 6.99
CA GLU H 49 -9.77 28.71 8.24
C GLU H 49 -8.75 29.16 9.35
N ILE H 50 -7.53 28.62 9.36
CA ILE H 50 -6.55 28.73 10.47
C ILE H 50 -5.20 29.45 10.06
N PRO H 51 -4.91 30.63 10.65
CA PRO H 51 -3.73 31.44 10.30
C PRO H 51 -2.38 30.88 10.83
N SER H 52 -1.28 31.38 10.25
CA SER H 52 0.08 30.91 10.55
C SER H 52 0.43 30.90 12.05
N HIS H 53 0.02 31.94 12.74
CA HIS H 53 0.32 32.05 14.12
C HIS H 53 -0.59 31.19 15.03
N VAL H 54 -1.59 30.51 14.46
CA VAL H 54 -2.32 29.53 15.26
C VAL H 54 -1.76 28.17 14.93
N LEU H 55 -1.42 27.95 13.65
CA LEU H 55 -0.97 26.65 13.15
C LEU H 55 0.45 26.39 13.57
N SER H 56 1.16 27.46 13.93
CA SER H 56 2.47 27.26 14.49
C SER H 56 2.31 26.60 15.86
N LYS H 57 1.48 27.16 16.75
CA LYS H 57 1.35 26.48 18.02
C LYS H 57 0.84 25.04 17.87
N VAL H 58 -0.14 24.82 16.98
CA VAL H 58 -0.67 23.50 16.83
C VAL H 58 0.46 22.48 16.62
N CYS H 59 1.41 22.85 15.77
CA CYS H 59 2.52 21.94 15.48
C CYS H 59 3.42 21.78 16.68
N MET H 60 3.62 22.85 17.42
CA MET H 60 4.43 22.77 18.64
C MET H 60 3.73 21.77 19.56
N TYR H 61 2.41 21.93 19.73
CA TYR H 61 1.62 20.99 20.47
C TYR H 61 1.81 19.54 20.00
N PHE H 62 1.82 19.31 18.70
CA PHE H 62 2.03 17.92 18.28
C PHE H 62 3.32 17.42 18.84
N THR H 63 4.37 18.23 18.81
CA THR H 63 5.65 17.67 19.19
C THR H 63 5.65 17.47 20.71
N TYR H 64 5.00 18.38 21.44
CA TYR H 64 4.79 18.19 22.90
C TYR H 64 4.11 16.86 23.32
N LYS H 65 2.90 16.70 22.81
CA LYS H 65 2.07 15.59 23.12
C LYS H 65 2.83 14.28 22.86
N VAL H 66 3.62 14.26 21.79
CA VAL H 66 4.27 13.05 21.34
C VAL H 66 5.43 12.81 22.24
N ARG H 67 6.09 13.89 22.66
CA ARG H 67 7.21 13.72 23.57
C ARG H 67 6.74 13.32 24.97
N TYR H 68 5.59 13.81 25.40
CA TYR H 68 5.21 13.61 26.81
C TYR H 68 4.06 12.61 27.29
N THR H 69 3.37 11.92 26.37
CA THR H 69 2.40 10.85 26.72
C THR H 69 3.18 9.54 26.89
N ASN H 70 2.59 8.58 27.61
CA ASN H 70 3.29 7.33 27.99
C ASN H 70 4.81 7.53 28.33
N SER H 71 5.04 8.59 29.11
CA SER H 71 6.35 9.05 29.54
C SER H 71 6.16 9.40 31.02
N SER H 72 7.05 8.87 31.88
CA SER H 72 6.91 9.03 33.34
C SER H 72 7.68 10.26 33.93
N THR H 73 8.61 10.79 33.11
CA THR H 73 9.45 11.94 33.49
C THR H 73 8.67 13.33 33.48
N GLU H 74 8.59 14.01 34.64
CA GLU H 74 7.95 15.34 34.80
C GLU H 74 7.69 16.17 33.50
N ILE H 75 6.43 16.51 33.34
CA ILE H 75 5.82 17.14 32.18
C ILE H 75 5.60 18.63 32.44
N PRO H 76 6.00 19.50 31.50
CA PRO H 76 5.91 20.96 31.61
C PRO H 76 4.62 21.59 31.09
N GLU H 77 4.29 22.78 31.58
CA GLU H 77 3.13 23.48 31.13
C GLU H 77 3.21 23.71 29.64
N PHE H 78 2.08 23.53 28.92
CA PHE H 78 2.00 23.98 27.50
C PHE H 78 1.60 25.43 27.47
N PRO H 79 2.57 26.30 27.20
CA PRO H 79 2.32 27.74 27.33
C PRO H 79 1.42 28.22 26.20
N ILE H 80 0.50 29.12 26.52
CA ILE H 80 -0.39 29.63 25.48
C ILE H 80 -0.61 31.09 25.73
N ALA H 81 -0.03 31.91 24.87
CA ALA H 81 -0.13 33.35 24.98
C ALA H 81 -1.58 33.89 24.87
N PRO H 82 -1.94 34.77 25.83
CA PRO H 82 -3.14 35.55 25.89
C PRO H 82 -3.69 35.82 24.49
N GLU H 83 -2.86 36.38 23.60
CA GLU H 83 -3.42 37.01 22.42
C GLU H 83 -3.88 36.02 21.34
N ILE H 84 -3.74 34.74 21.65
CA ILE H 84 -3.73 33.66 20.67
C ILE H 84 -4.67 32.54 21.11
N ALA H 85 -5.28 32.66 22.29
CA ALA H 85 -6.08 31.56 22.84
C ALA H 85 -7.40 31.28 22.13
N LEU H 86 -8.10 32.32 21.71
CA LEU H 86 -9.42 32.12 21.13
C LEU H 86 -9.36 31.30 19.86
N GLU H 87 -8.23 31.38 19.17
CA GLU H 87 -8.19 30.83 17.85
C GLU H 87 -7.70 29.42 17.85
N LEU H 88 -6.81 29.19 18.80
CA LEU H 88 -6.17 27.88 19.00
C LEU H 88 -7.24 26.90 19.48
N LEU H 89 -8.15 27.49 20.24
CA LEU H 89 -9.26 26.84 20.79
C LEU H 89 -10.15 26.31 19.64
N MET H 90 -10.72 27.25 18.86
CA MET H 90 -11.50 26.95 17.63
C MET H 90 -10.71 26.00 16.74
N ALA H 91 -9.42 26.28 16.61
CA ALA H 91 -8.59 25.46 15.82
C ALA H 91 -8.48 24.06 16.45
N ALA H 92 -8.28 23.99 17.79
CA ALA H 92 -8.21 22.73 18.53
C ALA H 92 -9.47 21.94 18.36
N ASN H 93 -10.60 22.65 18.39
CA ASN H 93 -11.89 21.98 18.23
C ASN H 93 -12.04 21.35 16.88
N PHE H 94 -11.64 22.10 15.86
CA PHE H 94 -11.60 21.50 14.58
C PHE H 94 -10.68 20.27 14.45
N LEU H 95 -9.37 20.40 14.75
CA LEU H 95 -8.39 19.29 14.50
C LEU H 95 -8.65 18.03 15.33
N ASP H 96 -9.49 18.20 16.36
CA ASP H 96 -9.74 17.17 17.36
C ASP H 96 -8.42 16.71 18.01
N CYS H 97 -7.91 17.54 18.91
CA CYS H 97 -6.67 17.21 19.61
C CYS H 97 -6.44 17.93 20.96
N LEU I 12 -17.18 3.59 45.40
CA LEU I 12 -16.01 4.59 45.32
C LEU I 12 -15.82 5.41 46.58
N ARG I 13 -15.26 4.77 47.57
CA ARG I 13 -15.08 5.46 48.82
C ARG I 13 -13.83 4.91 49.42
N SER I 14 -13.38 5.52 50.51
CA SER I 14 -12.34 4.87 51.34
C SER I 14 -12.93 3.75 52.21
N VAL I 15 -12.28 2.58 52.12
CA VAL I 15 -12.57 1.41 52.98
C VAL I 15 -11.98 1.72 54.36
N ASN I 16 -12.81 1.71 55.37
CA ASN I 16 -12.37 2.00 56.73
C ASN I 16 -11.47 0.85 57.28
N SER I 17 -10.19 0.86 56.93
CA SER I 17 -9.30 -0.26 57.20
C SER I 17 -8.79 -0.17 58.60
N ARG I 18 -8.71 1.09 59.06
CA ARG I 18 -8.03 1.45 60.28
C ARG I 18 -6.57 0.93 60.28
N GLU I 19 -6.08 0.48 59.12
CA GLU I 19 -4.70 0.00 58.98
C GLU I 19 -3.97 1.22 58.50
N PRO I 20 -3.16 1.82 59.40
CA PRO I 20 -2.45 3.02 58.98
C PRO I 20 -1.50 2.72 57.79
N SER I 21 -1.09 3.79 57.09
CA SER I 21 -0.19 3.74 55.94
C SER I 21 0.39 5.14 55.75
N GLN I 22 1.71 5.21 55.69
CA GLN I 22 2.42 6.46 55.67
C GLN I 22 2.71 6.81 54.21
N VAL I 23 2.43 8.04 53.79
CA VAL I 23 2.60 8.44 52.37
C VAL I 23 3.38 9.73 52.20
N ILE I 24 4.09 9.87 51.07
CA ILE I 24 4.65 11.19 50.71
C ILE I 24 3.90 11.69 49.51
N PHE I 25 3.48 12.94 49.63
CA PHE I 25 2.85 13.69 48.57
C PHE I 25 3.92 14.48 47.84
N CYS I 26 4.26 14.04 46.62
CA CYS I 26 5.36 14.67 45.86
C CYS I 26 4.83 15.53 44.70
N ASN I 27 4.85 16.85 44.84
CA ASN I 27 4.32 17.69 43.78
C ASN I 27 5.30 17.97 42.63
N ARG I 28 5.39 17.01 41.69
CA ARG I 28 6.19 17.14 40.50
C ARG I 28 5.40 17.84 39.39
N SER I 29 4.75 18.96 39.73
CA SER I 29 3.93 19.74 38.81
C SER I 29 4.12 21.23 39.11
N PRO I 30 3.70 22.15 38.20
CA PRO I 30 3.83 23.63 38.43
C PRO I 30 2.54 24.30 38.95
N ARG I 31 1.62 23.49 39.44
CA ARG I 31 0.36 23.98 39.91
C ARG I 31 0.34 23.88 41.41
N VAL I 32 -0.27 24.85 42.07
CA VAL I 32 -0.69 24.63 43.44
C VAL I 32 -1.65 23.43 43.49
N VAL I 33 -1.17 22.28 43.93
CA VAL I 33 -2.01 21.05 43.99
C VAL I 33 -2.90 21.01 45.22
N LEU I 34 -4.08 20.40 45.11
CA LEU I 34 -4.97 20.24 46.26
C LEU I 34 -5.29 18.80 46.38
N PRO I 35 -4.83 18.14 47.46
CA PRO I 35 -5.17 16.73 47.64
C PRO I 35 -6.59 16.59 48.16
N VAL I 36 -7.33 15.58 47.72
CA VAL I 36 -8.73 15.36 48.11
C VAL I 36 -8.87 13.93 48.59
N TRP I 37 -9.27 13.76 49.83
CA TRP I 37 -9.54 12.42 50.30
C TRP I 37 -11.01 12.05 50.02
N LEU I 38 -11.27 10.81 49.62
CA LEU I 38 -12.67 10.42 49.63
C LEU I 38 -13.03 9.74 50.93
N ASN I 39 -13.60 10.53 51.83
CA ASN I 39 -14.58 10.15 52.81
C ASN I 39 -15.26 8.75 52.75
N PHE I 40 -15.67 8.24 53.90
CA PHE I 40 -16.32 6.92 54.03
C PHE I 40 -17.70 6.86 53.40
N ASP I 41 -18.20 8.03 53.04
CA ASP I 41 -19.52 8.19 52.39
C ASP I 41 -19.40 8.61 50.96
N GLY I 42 -18.15 8.61 50.47
CA GLY I 42 -17.83 9.04 49.11
C GLY I 42 -17.68 10.55 48.93
N GLU I 43 -17.78 11.35 50.01
CA GLU I 43 -17.60 12.81 49.90
C GLU I 43 -16.17 13.30 49.72
N PRO I 44 -15.90 13.98 48.60
CA PRO I 44 -14.67 14.73 48.49
C PRO I 44 -14.37 15.50 49.77
N GLN I 45 -13.13 15.37 50.23
CA GLN I 45 -12.66 16.13 51.36
C GLN I 45 -11.33 16.78 51.11
N PRO I 46 -11.31 18.11 51.05
CA PRO I 46 -10.10 18.92 50.88
C PRO I 46 -9.11 18.78 52.03
N TYR I 47 -7.86 18.63 51.66
CA TYR I 47 -6.75 18.77 52.56
C TYR I 47 -5.84 19.97 52.21
N PRO I 48 -4.88 20.26 53.07
CA PRO I 48 -4.05 21.46 52.83
C PRO I 48 -3.23 21.43 51.53
N THR I 49 -3.10 22.58 50.88
CA THR I 49 -2.50 22.65 49.52
C THR I 49 -0.96 22.47 49.47
N LEU I 50 -0.40 22.19 48.31
CA LEU I 50 1.08 22.05 48.20
C LEU I 50 1.64 22.96 47.12
N PRO I 51 2.66 23.80 47.41
CA PRO I 51 3.15 24.72 46.35
C PRO I 51 3.94 23.93 45.39
N PRO I 52 4.00 24.41 44.12
CA PRO I 52 4.63 23.69 43.02
C PRO I 52 5.99 23.05 43.39
N GLY I 53 6.85 23.77 44.08
CA GLY I 53 8.12 23.15 44.52
C GLY I 53 8.17 21.74 45.17
N THR I 54 7.14 21.38 45.96
CA THR I 54 7.31 20.70 47.24
C THR I 54 6.87 19.25 47.44
N GLY I 55 7.11 18.73 48.65
CA GLY I 55 6.76 17.38 49.04
C GLY I 55 6.48 17.34 50.53
N ARG I 56 5.62 16.40 50.99
CA ARG I 56 5.06 16.37 52.36
C ARG I 56 4.70 14.97 52.77
N ARG I 57 5.18 14.55 53.93
CA ARG I 57 4.91 13.25 54.47
C ARG I 57 3.55 13.33 55.10
N ILE I 58 2.73 12.30 54.93
CA ILE I 58 1.30 12.36 55.24
C ILE I 58 0.94 11.09 55.96
N HIS I 59 0.08 11.17 56.98
CA HIS I 59 -0.48 9.92 57.57
C HIS I 59 -1.82 9.56 56.96
N SER I 60 -2.03 8.28 56.65
CA SER I 60 -3.25 7.79 56.01
C SER I 60 -3.41 6.28 56.30
N TYR I 61 -4.18 5.59 55.48
CA TYR I 61 -4.65 4.25 55.86
C TYR I 61 -4.83 3.34 54.64
N ARG I 62 -4.55 2.04 54.77
CA ARG I 62 -4.60 1.09 53.61
C ARG I 62 -5.96 1.14 52.89
N GLY I 63 -5.91 1.34 51.58
CA GLY I 63 -7.10 1.43 50.76
C GLY I 63 -8.06 2.57 51.06
N HIS I 64 -7.54 3.73 51.46
CA HIS I 64 -8.27 5.00 51.29
C HIS I 64 -8.09 5.56 49.85
N LEU I 65 -9.09 6.23 49.32
CA LEU I 65 -9.00 6.76 47.97
C LEU I 65 -8.68 8.25 47.97
N TRP I 66 -7.68 8.60 47.14
CA TRP I 66 -7.23 10.01 47.01
C TRP I 66 -7.17 10.55 45.58
N LEU I 67 -7.47 11.83 45.43
CA LEU I 67 -7.64 12.44 44.12
C LEU I 67 -6.80 13.71 44.15
N PHE I 68 -6.28 14.24 43.02
CA PHE I 68 -5.51 15.52 43.07
C PHE I 68 -5.73 16.61 42.00
N ARG I 69 -6.25 17.75 42.44
CA ARG I 69 -6.66 18.87 41.57
C ARG I 69 -5.73 20.07 41.65
N ASP I 70 -5.72 20.90 40.61
CA ASP I 70 -5.17 22.22 40.72
C ASP I 70 -6.02 22.92 41.77
N ALA I 71 -5.40 23.55 42.76
CA ALA I 71 -6.18 24.24 43.81
C ALA I 71 -6.99 25.41 43.30
N GLY I 72 -6.48 26.14 42.30
CA GLY I 72 -7.12 27.41 41.92
C GLY I 72 -8.33 27.11 41.02
N THR I 73 -8.17 26.11 40.16
CA THR I 73 -9.03 25.93 39.03
C THR I 73 -9.65 24.55 38.92
N HIS I 74 -9.14 23.59 39.66
CA HIS I 74 -9.73 22.25 39.74
C HIS I 74 -9.39 21.32 38.60
N ASP I 75 -8.64 21.82 37.63
CA ASP I 75 -8.09 20.93 36.62
C ASP I 75 -7.67 19.63 37.28
N GLY I 76 -7.96 18.50 36.65
CA GLY I 76 -7.40 17.23 37.15
C GLY I 76 -5.89 17.07 36.96
N LEU I 77 -5.24 16.26 37.80
CA LEU I 77 -3.82 15.92 37.69
C LEU I 77 -3.67 14.43 37.80
N LEU I 78 -2.53 13.91 37.43
CA LEU I 78 -2.31 12.47 37.56
C LEU I 78 -1.56 12.10 38.89
N VAL I 79 -1.79 10.92 39.42
CA VAL I 79 -0.97 10.58 40.52
C VAL I 79 -0.44 9.24 40.20
N ASN I 80 0.90 9.17 40.10
CA ASN I 80 1.59 7.98 39.68
C ASN I 80 0.94 7.50 38.46
N GLN I 81 0.61 8.40 37.53
CA GLN I 81 0.00 8.01 36.28
C GLN I 81 -1.56 7.89 36.23
N THR I 82 -2.22 7.28 37.21
CA THR I 82 -3.67 7.12 37.14
C THR I 82 -4.37 8.34 37.79
N GLU I 83 -5.68 8.21 37.96
CA GLU I 83 -6.51 9.29 38.48
C GLU I 83 -6.64 9.23 40.02
N LEU I 84 -6.50 8.02 40.54
CA LEU I 84 -6.72 7.75 41.96
C LEU I 84 -5.55 7.07 42.69
N PHE I 85 -5.36 7.54 43.90
CA PHE I 85 -4.34 7.07 44.77
C PHE I 85 -4.92 6.28 45.97
N VAL I 86 -4.46 5.03 46.09
CA VAL I 86 -4.94 4.06 47.10
C VAL I 86 -3.73 3.58 47.90
N PRO I 87 -3.48 4.24 49.03
CA PRO I 87 -2.26 3.92 49.81
C PRO I 87 -2.31 2.43 50.12
N SER I 88 -1.21 1.73 49.91
CA SER I 88 -1.27 0.30 50.21
C SER I 88 -0.47 -0.02 51.48
N LEU I 89 0.01 -1.24 51.60
CA LEU I 89 0.81 -1.68 52.73
C LEU I 89 2.25 -1.13 52.75
N ASN I 90 2.71 -0.71 53.96
CA ASN I 90 4.06 -0.16 54.30
C ASN I 90 5.16 -1.22 54.58
N VAL I 91 5.54 -2.01 53.55
CA VAL I 91 6.63 -3.02 53.57
C VAL I 91 8.01 -2.55 54.07
N ASP I 92 8.54 -3.20 55.12
CA ASP I 92 9.79 -2.80 55.86
C ASP I 92 9.79 -1.31 56.28
N GLY I 93 8.62 -0.84 56.73
CA GLY I 93 8.45 0.59 57.11
C GLY I 93 8.98 1.67 56.15
N GLN I 94 8.72 1.50 54.85
CA GLN I 94 9.08 2.56 53.86
C GLN I 94 7.83 3.30 53.26
N PRO I 95 7.83 4.63 53.28
CA PRO I 95 6.73 5.36 52.69
C PRO I 95 6.31 4.95 51.24
N ILE I 96 5.09 5.31 50.88
CA ILE I 96 4.57 5.04 49.55
C ILE I 96 4.67 6.35 48.86
N PHE I 97 5.19 6.35 47.67
CA PHE I 97 5.13 7.61 46.98
C PHE I 97 3.92 7.80 46.09
N ALA I 98 3.34 9.01 46.26
CA ALA I 98 2.28 9.54 45.39
C ALA I 98 2.90 10.64 44.54
N ASN I 99 3.37 10.31 43.33
CA ASN I 99 3.96 11.33 42.42
C ASN I 99 2.87 12.02 41.59
N ILE I 100 2.83 13.33 41.71
CA ILE I 100 1.71 14.12 41.21
C ILE I 100 2.25 14.96 40.11
N THR I 101 1.74 14.76 38.90
CA THR I 101 2.26 15.42 37.69
C THR I 101 1.09 15.96 36.94
N LEU I 102 1.28 16.89 36.01
CA LEU I 102 0.23 17.25 35.05
C LEU I 102 0.11 16.16 34.05
N PRO I 103 -1.08 16.07 33.41
CA PRO I 103 -1.19 15.12 32.32
C PRO I 103 -0.93 15.87 31.03
N VAL I 104 -0.98 15.15 29.91
CA VAL I 104 -0.97 15.86 28.66
C VAL I 104 -2.38 16.31 28.41
N TYR I 105 -2.76 17.51 28.85
CA TYR I 105 -4.03 18.03 28.43
C TYR I 105 -4.16 18.04 26.86
N THR I 106 -5.37 17.81 26.37
CA THR I 106 -5.62 18.03 24.97
C THR I 106 -5.37 19.52 24.84
N LEU I 107 -4.97 19.88 23.62
CA LEU I 107 -4.92 21.28 23.27
C LEU I 107 -6.26 21.92 23.57
N LYS I 108 -7.37 21.27 23.22
CA LYS I 108 -8.70 21.91 23.40
C LYS I 108 -8.86 22.27 24.88
N GLU I 109 -8.65 21.22 25.69
CA GLU I 109 -8.68 21.33 27.12
C GLU I 109 -7.74 22.43 27.57
N ARG I 110 -6.51 22.40 27.09
CA ARG I 110 -5.59 23.44 27.46
C ARG I 110 -6.05 24.86 27.16
N CYS I 111 -6.67 25.12 26.01
CA CYS I 111 -7.12 26.52 25.77
C CYS I 111 -8.24 26.96 26.69
N LEU I 112 -9.24 26.10 26.88
CA LEU I 112 -10.30 26.38 27.89
C LEU I 112 -9.60 26.89 29.17
N GLN I 113 -8.62 26.12 29.62
CA GLN I 113 -7.86 26.51 30.78
C GLN I 113 -7.40 27.92 30.61
N VAL I 114 -6.69 28.21 29.53
CA VAL I 114 -6.18 29.58 29.37
C VAL I 114 -7.33 30.60 29.34
N VAL I 115 -8.37 30.35 28.54
CA VAL I 115 -9.44 31.33 28.46
C VAL I 115 -10.26 31.50 29.77
N ARG I 116 -10.66 30.41 30.44
CA ARG I 116 -11.26 30.54 31.81
C ARG I 116 -10.38 31.42 32.69
N SER I 117 -9.07 31.21 32.59
CA SER I 117 -8.07 31.89 33.41
C SER I 117 -8.00 33.37 33.07
N LEU I 118 -8.52 33.76 31.90
CA LEU I 118 -8.46 35.17 31.52
C LEU I 118 -9.82 35.77 31.64
N VAL I 119 -10.84 34.99 31.31
CA VAL I 119 -12.16 35.57 31.18
C VAL I 119 -13.03 35.45 32.46
N LYS I 120 -13.57 36.58 32.91
CA LYS I 120 -14.54 36.59 34.02
C LYS I 120 -15.75 35.80 33.54
N PRO I 121 -16.40 35.04 34.43
CA PRO I 121 -17.37 34.06 33.93
C PRO I 121 -18.72 34.63 33.49
N GLU I 122 -18.93 35.94 33.76
CA GLU I 122 -20.12 36.68 33.28
C GLU I 122 -19.99 36.82 31.77
N ASN I 123 -18.81 37.30 31.37
CA ASN I 123 -18.48 37.68 30.01
C ASN I 123 -18.08 36.58 29.05
N TYR I 124 -18.07 35.32 29.49
CA TYR I 124 -17.99 34.17 28.56
C TYR I 124 -18.95 34.41 27.38
N ARG I 125 -20.09 35.03 27.69
CA ARG I 125 -21.13 35.41 26.75
C ARG I 125 -20.54 36.30 25.66
N ARG I 126 -20.10 37.50 26.04
CA ARG I 126 -19.39 38.46 25.16
C ARG I 126 -18.25 37.94 24.23
N LEU I 127 -17.90 36.65 24.38
CA LEU I 127 -16.86 36.04 23.54
C LEU I 127 -17.47 35.75 22.20
N ASP I 128 -16.67 35.94 21.16
CA ASP I 128 -17.16 35.77 19.81
C ASP I 128 -16.82 34.36 19.32
N ILE I 129 -17.53 33.39 19.92
CA ILE I 129 -17.30 31.98 19.61
C ILE I 129 -18.60 31.22 19.38
N VAL I 130 -18.49 30.00 18.86
CA VAL I 130 -19.66 29.15 18.58
C VAL I 130 -20.33 28.55 19.86
N ARG I 131 -21.67 28.44 19.85
CA ARG I 131 -22.41 27.87 21.00
C ARG I 131 -21.70 26.69 21.63
N SER I 132 -21.43 25.64 20.86
CA SER I 132 -20.81 24.44 21.40
C SER I 132 -19.73 24.85 22.43
N LEU I 133 -18.89 25.83 22.03
CA LEU I 133 -17.77 26.26 22.84
C LEU I 133 -18.05 27.11 24.08
N TYR I 134 -19.16 27.85 24.15
CA TYR I 134 -19.53 28.48 25.44
C TYR I 134 -19.84 27.36 26.41
N GLU I 135 -20.81 26.54 26.03
CA GLU I 135 -21.22 25.41 26.87
C GLU I 135 -19.95 24.76 27.34
N ASP I 136 -19.04 24.50 26.40
CA ASP I 136 -17.75 23.82 26.71
C ASP I 136 -16.88 24.57 27.72
N LEU I 137 -16.92 25.90 27.69
CA LEU I 137 -16.21 26.74 28.61
C LEU I 137 -16.83 26.83 30.00
N GLU I 138 -18.09 26.41 30.17
CA GLU I 138 -18.85 26.64 31.42
C GLU I 138 -18.82 25.41 32.29
N ASP I 139 -18.87 24.26 31.63
CA ASP I 139 -18.45 23.01 32.17
C ASP I 139 -17.02 23.15 32.78
N HIS I 140 -16.93 23.91 33.89
CA HIS I 140 -15.73 23.98 34.71
C HIS I 140 -15.40 22.58 35.20
N PRO I 141 -14.11 22.25 35.27
CA PRO I 141 -13.90 20.88 35.75
C PRO I 141 -14.50 20.75 37.16
N ASN I 142 -14.75 19.54 37.61
CA ASN I 142 -15.50 19.43 38.83
C ASN I 142 -15.27 18.07 39.43
N VAL I 143 -14.85 18.04 40.68
CA VAL I 143 -14.67 16.77 41.38
C VAL I 143 -15.92 15.89 41.45
N GLN I 144 -17.08 16.44 41.77
CA GLN I 144 -18.19 15.52 41.87
C GLN I 144 -18.53 14.90 40.50
N LYS I 145 -18.68 15.75 39.49
CA LYS I 145 -18.99 15.29 38.13
C LYS I 145 -17.93 14.30 37.63
N ASP I 146 -16.68 14.63 37.89
CA ASP I 146 -15.54 13.70 37.70
C ASP I 146 -15.66 12.37 38.44
N LEU I 147 -16.09 12.38 39.70
CA LEU I 147 -16.36 11.15 40.40
C LEU I 147 -17.48 10.36 39.72
N GLU I 148 -18.45 11.09 39.15
CA GLU I 148 -19.53 10.47 38.33
C GLU I 148 -19.02 9.64 37.15
N ARG I 149 -18.12 10.20 36.33
CA ARG I 149 -17.43 9.49 35.23
C ARG I 149 -16.96 8.09 35.57
N LEU I 150 -16.12 7.99 36.59
CA LEU I 150 -15.28 6.81 36.77
C LEU I 150 -16.09 5.67 37.30
N THR I 151 -17.07 6.04 38.12
CA THR I 151 -18.11 5.13 38.66
C THR I 151 -18.70 4.25 37.55
N GLN I 152 -19.21 4.90 36.49
CA GLN I 152 -19.73 4.22 35.31
C GLN I 152 -18.76 3.17 34.78
N GLU I 153 -17.53 3.61 34.51
CA GLU I 153 -16.54 2.78 33.83
C GLU I 153 -16.03 1.70 34.80
N MET J 1 36.33 -30.68 16.08
CA MET J 1 35.38 -29.58 16.11
C MET J 1 34.86 -29.18 14.73
N ASP J 2 33.60 -29.58 14.53
CA ASP J 2 32.72 -29.08 13.52
C ASP J 2 32.57 -27.59 13.65
N VAL J 3 33.03 -26.85 12.66
CA VAL J 3 32.77 -25.44 12.61
C VAL J 3 31.72 -25.20 11.48
N PHE J 4 31.00 -24.07 11.52
CA PHE J 4 29.79 -23.82 10.67
C PHE J 4 29.78 -22.53 9.82
N LEU J 5 29.72 -22.67 8.50
CA LEU J 5 30.02 -21.58 7.57
C LEU J 5 28.91 -21.24 6.61
N MET J 6 29.02 -20.06 6.05
CA MET J 6 28.16 -19.58 5.04
C MET J 6 29.12 -19.11 3.93
N ILE J 7 29.29 -19.95 2.93
CA ILE J 7 30.19 -19.59 1.84
C ILE J 7 29.36 -18.84 0.85
N ARG J 8 29.74 -17.62 0.54
CA ARG J 8 28.84 -16.70 -0.15
C ARG J 8 29.57 -15.93 -1.30
N ARG J 9 28.98 -16.02 -2.51
CA ARG J 9 29.43 -15.26 -3.70
C ARG J 9 28.26 -14.62 -4.42
N HIS J 10 28.44 -13.37 -4.83
CA HIS J 10 27.37 -12.64 -5.51
C HIS J 10 26.02 -12.78 -4.77
N LYS J 11 25.22 -13.77 -5.19
CA LYS J 11 23.83 -14.01 -4.72
C LYS J 11 23.64 -15.49 -4.39
N THR J 12 24.69 -16.28 -4.60
CA THR J 12 24.69 -17.61 -4.07
C THR J 12 25.25 -17.49 -2.64
N THR J 13 24.85 -18.48 -1.84
CA THR J 13 25.33 -18.64 -0.50
C THR J 13 25.05 -20.06 -0.08
N ILE J 14 26.10 -20.75 0.38
CA ILE J 14 26.13 -22.16 0.69
C ILE J 14 26.30 -22.48 2.22
N PHE J 15 25.41 -23.30 2.79
CA PHE J 15 25.49 -23.66 4.19
C PHE J 15 26.17 -25.04 4.27
N THR J 16 27.41 -25.07 4.74
CA THR J 16 28.07 -26.32 4.98
C THR J 16 28.81 -26.33 6.30
N ASP J 17 29.31 -27.50 6.68
CA ASP J 17 30.18 -27.57 7.82
C ASP J 17 31.53 -28.24 7.52
N ALA J 18 32.48 -28.08 8.42
CA ALA J 18 33.77 -28.69 8.23
C ALA J 18 34.45 -28.72 9.60
N LYS J 19 35.56 -29.48 9.64
CA LYS J 19 36.36 -29.54 10.81
C LYS J 19 37.22 -28.29 10.94
N GLU J 20 37.51 -27.91 12.18
CA GLU J 20 38.36 -26.76 12.46
C GLU J 20 39.76 -27.02 11.89
N SER J 21 40.17 -28.29 11.86
CA SER J 21 41.46 -28.65 11.32
C SER J 21 41.42 -28.81 9.83
N SER J 22 40.23 -29.09 9.30
CA SER J 22 39.98 -29.00 7.85
C SER J 22 40.67 -27.76 7.20
N THR J 23 41.12 -27.85 5.96
CA THR J 23 41.85 -26.75 5.40
C THR J 23 41.09 -25.98 4.34
N VAL J 24 41.51 -24.74 4.17
CA VAL J 24 41.00 -23.86 3.17
C VAL J 24 40.92 -24.60 1.85
N PHE J 25 41.98 -25.34 1.48
CA PHE J 25 41.96 -26.04 0.18
C PHE J 25 40.73 -26.98 0.10
N GLU J 26 40.56 -27.72 1.19
CA GLU J 26 39.57 -28.76 1.30
C GLU J 26 38.18 -28.13 1.18
N LEU J 27 38.02 -26.91 1.72
CA LEU J 27 36.74 -26.20 1.56
C LEU J 27 36.51 -25.87 0.11
N LYS J 28 37.55 -25.40 -0.58
CA LYS J 28 37.51 -25.12 -2.00
C LYS J 28 37.03 -26.30 -2.80
N ARG J 29 37.38 -27.52 -2.39
CA ARG J 29 36.92 -28.76 -3.02
C ARG J 29 35.41 -28.93 -2.98
N ILE J 30 34.90 -28.91 -1.74
CA ILE J 30 33.48 -28.92 -1.40
C ILE J 30 32.74 -27.88 -2.24
N VAL J 31 33.25 -26.67 -2.39
CA VAL J 31 32.57 -25.73 -3.27
C VAL J 31 32.39 -26.37 -4.67
N GLU J 32 33.47 -26.98 -5.19
CA GLU J 32 33.46 -27.62 -6.52
C GLU J 32 32.50 -28.82 -6.60
N GLY J 33 32.61 -29.67 -5.56
CA GLY J 33 31.68 -30.78 -5.34
C GLY J 33 30.30 -30.32 -5.72
N ILE J 34 30.02 -29.02 -5.45
CA ILE J 34 28.70 -28.38 -5.51
C ILE J 34 28.54 -27.45 -6.70
N LEU J 35 29.37 -26.43 -6.78
CA LEU J 35 29.10 -25.38 -7.76
C LEU J 35 29.98 -25.55 -8.99
N LYS J 36 30.74 -26.66 -8.95
CA LYS J 36 31.48 -27.22 -10.07
C LYS J 36 32.49 -26.25 -10.69
N ARG J 37 33.55 -25.95 -9.96
CA ARG J 37 34.60 -25.15 -10.53
C ARG J 37 35.79 -25.53 -9.70
N PRO J 38 36.97 -25.74 -10.34
CA PRO J 38 38.04 -26.37 -9.60
C PRO J 38 38.67 -25.41 -8.59
N PRO J 39 39.26 -25.96 -7.52
CA PRO J 39 40.04 -25.16 -6.60
C PRO J 39 40.85 -24.09 -7.30
N ASP J 40 41.64 -24.46 -8.30
CA ASP J 40 42.39 -23.43 -9.06
C ASP J 40 41.62 -22.10 -9.42
N GLU J 41 40.31 -22.18 -9.67
CA GLU J 41 39.51 -21.04 -10.21
C GLU J 41 38.68 -20.30 -9.19
N GLN J 42 38.93 -20.60 -7.91
CA GLN J 42 38.25 -19.91 -6.82
C GLN J 42 39.22 -19.34 -5.81
N ARG J 43 38.93 -18.13 -5.35
CA ARG J 43 39.62 -17.49 -4.25
C ARG J 43 38.62 -17.39 -3.09
N LEU J 44 39.08 -17.77 -1.90
CA LEU J 44 38.30 -17.71 -0.69
C LEU J 44 38.71 -16.54 0.22
N TYR J 45 37.77 -15.66 0.57
CA TYR J 45 38.10 -14.55 1.50
C TYR J 45 37.55 -14.71 2.96
N LYS J 46 38.30 -14.30 3.98
CA LYS J 46 37.66 -13.93 5.24
C LYS J 46 37.73 -12.43 5.29
N ASP J 47 36.59 -11.74 5.29
CA ASP J 47 36.58 -10.34 5.55
C ASP J 47 37.64 -9.59 4.70
N ASP J 48 37.56 -9.68 3.35
CA ASP J 48 38.53 -8.93 2.47
C ASP J 48 39.93 -9.56 2.42
N GLN J 49 40.28 -10.33 3.44
CA GLN J 49 41.52 -11.01 3.46
C GLN J 49 41.53 -12.33 2.66
N LEU J 50 42.46 -12.42 1.72
CA LEU J 50 42.62 -13.63 0.89
C LEU J 50 43.18 -14.79 1.71
N LEU J 51 42.45 -15.89 1.78
CA LEU J 51 42.87 -16.99 2.60
C LEU J 51 43.79 -17.88 1.83
N ASP J 52 44.83 -18.36 2.50
CA ASP J 52 45.82 -19.40 2.05
C ASP J 52 45.31 -20.87 1.80
N ASP J 53 45.52 -21.46 0.62
CA ASP J 53 45.14 -22.92 0.44
C ASP J 53 45.57 -23.78 1.62
N GLY J 54 46.70 -23.53 2.21
CA GLY J 54 47.18 -24.46 3.23
C GLY J 54 46.79 -24.19 4.66
N LYS J 55 46.04 -23.16 4.93
CA LYS J 55 45.82 -22.85 6.32
C LYS J 55 44.60 -23.59 6.84
N THR J 56 44.60 -23.92 8.15
CA THR J 56 43.39 -24.51 8.72
C THR J 56 42.32 -23.43 8.91
N LEU J 57 41.09 -23.88 9.15
CA LEU J 57 40.04 -22.92 9.26
C LEU J 57 40.25 -22.34 10.64
N GLY J 58 40.75 -23.21 11.50
CA GLY J 58 41.18 -22.83 12.82
C GLY J 58 42.11 -21.63 12.70
N GLU J 59 43.25 -21.83 12.02
CA GLU J 59 44.16 -20.73 11.76
C GLU J 59 43.46 -19.57 11.04
N CYS J 60 42.54 -19.79 10.10
CA CYS J 60 41.73 -18.70 9.59
C CYS J 60 40.74 -18.08 10.61
N GLY J 61 40.61 -18.68 11.79
CA GLY J 61 39.84 -18.02 12.83
C GLY J 61 38.38 -18.40 12.78
N PHE J 62 38.06 -19.47 12.06
CA PHE J 62 36.69 -19.95 12.07
C PHE J 62 36.80 -21.00 13.08
N THR J 63 36.21 -20.77 14.25
CA THR J 63 36.26 -21.65 15.42
C THR J 63 34.88 -21.82 16.05
N SER J 64 34.75 -22.81 16.90
CA SER J 64 33.45 -23.05 17.56
C SER J 64 32.70 -21.84 18.12
N GLN J 65 33.41 -20.80 18.58
CA GLN J 65 32.77 -19.68 19.24
C GLN J 65 32.30 -18.72 18.20
N THR J 66 32.98 -18.73 17.07
CA THR J 66 32.77 -17.81 15.99
C THR J 66 31.95 -18.39 14.84
N ALA J 67 31.79 -19.70 14.79
CA ALA J 67 31.16 -20.34 13.63
C ALA J 67 30.20 -21.42 14.07
N ARG J 68 29.05 -20.97 14.56
CA ARG J 68 28.03 -21.71 15.34
C ARG J 68 26.82 -22.10 14.44
N PRO J 69 26.22 -23.28 14.67
CA PRO J 69 25.20 -23.74 13.72
C PRO J 69 24.09 -22.73 13.51
N GLN J 70 23.72 -22.07 14.61
CA GLN J 70 22.65 -21.06 14.58
C GLN J 70 23.11 -19.67 14.22
N ALA J 71 24.37 -19.53 13.85
CA ALA J 71 24.98 -18.21 13.63
C ALA J 71 26.31 -18.46 12.97
N PRO J 72 26.25 -18.87 11.70
CA PRO J 72 27.44 -19.44 11.03
C PRO J 72 28.41 -18.33 10.56
N ALA J 73 29.66 -18.66 10.26
CA ALA J 73 30.58 -17.65 9.76
C ALA J 73 30.51 -17.51 8.24
N THR J 74 30.92 -16.36 7.72
CA THR J 74 30.87 -16.10 6.32
C THR J 74 32.24 -16.22 5.72
N VAL J 75 32.34 -16.99 4.63
CA VAL J 75 33.51 -17.02 3.77
C VAL J 75 33.13 -16.37 2.44
N GLY J 76 33.97 -15.43 1.97
CA GLY J 76 33.79 -14.80 0.64
C GLY J 76 34.18 -15.80 -0.44
N LEU J 77 33.64 -15.66 -1.65
CA LEU J 77 34.00 -16.57 -2.76
C LEU J 77 34.12 -15.81 -4.06
N ALA J 78 35.15 -16.06 -4.86
CA ALA J 78 35.24 -15.35 -6.19
C ALA J 78 35.80 -16.17 -7.33
N PHE J 79 35.26 -15.97 -8.53
CA PHE J 79 35.54 -16.80 -9.71
C PHE J 79 36.36 -16.15 -10.89
N ARG J 80 36.14 -16.74 -12.09
CA ARG J 80 36.95 -16.57 -13.32
C ARG J 80 38.27 -17.29 -13.14
N ALA J 81 38.83 -17.78 -14.27
CA ALA J 81 40.00 -18.70 -14.37
C ALA J 81 41.41 -18.11 -14.20
N ASP J 82 41.69 -17.11 -15.06
CA ASP J 82 42.98 -16.37 -15.15
C ASP J 82 42.69 -14.90 -15.55
N ASP J 83 42.19 -14.69 -16.79
CA ASP J 83 41.95 -13.34 -17.35
C ASP J 83 41.22 -12.43 -16.34
N THR J 84 41.98 -11.78 -15.44
CA THR J 84 41.44 -11.23 -14.17
C THR J 84 40.68 -12.32 -13.36
N PHE J 85 40.89 -12.37 -12.04
CA PHE J 85 39.89 -12.99 -11.17
C PHE J 85 38.95 -11.85 -11.04
N GLU J 86 37.65 -12.13 -11.00
CA GLU J 86 36.58 -11.16 -10.64
C GLU J 86 36.74 -10.60 -9.25
N ALA J 87 36.28 -9.39 -9.01
CA ALA J 87 36.38 -8.88 -7.65
C ALA J 87 35.39 -9.60 -6.71
N LEU J 88 35.71 -9.60 -5.41
CA LEU J 88 34.84 -10.13 -4.38
C LEU J 88 33.66 -9.19 -4.19
N CYS J 89 32.47 -9.70 -4.45
CA CYS J 89 31.24 -8.92 -4.27
C CYS J 89 30.11 -9.79 -3.63
N ILE J 90 29.46 -9.31 -2.58
CA ILE J 90 28.47 -10.14 -1.90
C ILE J 90 27.22 -9.38 -1.64
N GLU J 91 26.16 -9.84 -2.26
CA GLU J 91 24.89 -9.14 -2.17
C GLU J 91 24.29 -9.24 -0.78
N PRO J 92 23.94 -8.10 -0.19
CA PRO J 92 23.28 -8.22 1.12
C PRO J 92 21.94 -9.00 1.09
N PHE J 93 21.44 -9.39 2.25
CA PHE J 93 20.11 -9.95 2.26
C PHE J 93 19.08 -8.78 2.23
N SER J 94 17.81 -9.10 2.02
CA SER J 94 16.75 -8.11 2.13
C SER J 94 16.70 -7.39 3.49
N SER J 95 16.03 -6.24 3.48
CA SER J 95 15.92 -5.43 4.68
C SER J 95 14.67 -5.78 5.44
N PRO J 96 14.79 -5.87 6.76
CA PRO J 96 13.59 -6.24 7.43
C PRO J 96 12.75 -4.96 7.44
N PRO J 97 11.40 -5.07 7.48
CA PRO J 97 10.48 -3.91 7.60
C PRO J 97 10.73 -3.13 8.90
N GLU J 98 10.34 -1.84 8.98
CA GLU J 98 10.71 -0.91 10.13
C GLU J 98 10.49 -1.38 11.60
N LEU J 99 9.46 -2.21 11.80
CA LEU J 99 9.15 -2.78 13.13
C LEU J 99 7.96 -2.07 13.72
N PRO J 100 6.87 -2.83 13.98
CA PRO J 100 5.62 -2.27 14.48
C PRO J 100 5.77 -1.56 15.80
N ASP J 101 4.91 -0.55 16.00
CA ASP J 101 4.89 0.20 17.27
C ASP J 101 4.68 -0.80 18.42
N VAL J 102 3.69 -1.70 18.26
CA VAL J 102 3.42 -2.79 19.20
C VAL J 102 4.67 -3.57 19.67
N MET J 103 5.87 -3.13 19.24
CA MET J 103 7.16 -3.72 19.65
C MET J 103 8.18 -2.60 20.09
N LYS J 104 8.88 -2.86 21.22
CA LYS J 104 9.88 -1.96 21.92
C LYS J 104 9.36 -1.14 23.12
N MET K 2 22.88 -35.21 -1.94
CA MET K 2 23.73 -34.34 -1.09
C MET K 2 23.17 -32.89 -0.94
N TYR K 3 22.88 -32.15 -2.02
CA TYR K 3 22.36 -30.76 -1.88
C TYR K 3 21.03 -30.42 -2.58
N VAL K 4 20.27 -29.49 -2.00
CA VAL K 4 19.03 -28.98 -2.60
C VAL K 4 19.30 -27.50 -2.70
N LYS K 5 18.61 -26.81 -3.62
CA LYS K 5 18.72 -25.36 -3.68
C LYS K 5 17.40 -24.69 -3.30
N LEU K 6 17.45 -23.54 -2.65
CA LEU K 6 16.24 -22.85 -2.25
C LEU K 6 16.29 -21.35 -2.52
N ILE K 7 15.34 -20.79 -3.25
CA ILE K 7 15.49 -19.44 -3.76
C ILE K 7 14.55 -18.46 -3.05
N SER K 8 15.03 -17.32 -2.60
CA SER K 8 14.14 -16.50 -1.85
C SER K 8 13.37 -15.73 -2.89
N SER K 9 12.24 -15.13 -2.46
CA SER K 9 11.47 -14.18 -3.29
C SER K 9 12.37 -13.22 -4.08
N ASP K 10 13.25 -12.48 -3.41
CA ASP K 10 14.11 -11.50 -4.06
C ASP K 10 15.34 -12.15 -4.73
N GLY K 11 15.24 -13.43 -5.08
CA GLY K 11 16.26 -14.09 -5.87
C GLY K 11 17.55 -14.62 -5.27
N HIS K 12 17.75 -14.47 -3.97
CA HIS K 12 18.89 -15.10 -3.34
C HIS K 12 18.71 -16.61 -3.37
N GLU K 13 19.76 -17.29 -3.81
CA GLU K 13 19.90 -18.77 -3.72
C GLU K 13 20.75 -19.33 -2.53
N PHE K 14 20.21 -20.37 -1.88
CA PHE K 14 20.75 -20.86 -0.65
C PHE K 14 20.93 -22.31 -0.93
N ILE K 15 22.14 -22.82 -0.95
CA ILE K 15 22.33 -24.24 -1.21
C ILE K 15 22.54 -24.80 0.17
N VAL K 16 21.96 -25.97 0.50
CA VAL K 16 21.95 -26.58 1.86
C VAL K 16 21.95 -28.07 1.70
N LYS K 17 22.33 -28.86 2.68
CA LYS K 17 22.20 -30.30 2.45
C LYS K 17 20.74 -30.70 2.35
N ARG K 18 20.50 -31.76 1.58
CA ARG K 18 19.16 -32.25 1.40
C ARG K 18 18.64 -32.56 2.81
N GLU K 19 19.34 -33.40 3.57
CA GLU K 19 18.81 -33.85 4.90
C GLU K 19 18.52 -32.76 5.93
N HIS K 20 19.21 -31.64 5.87
CA HIS K 20 18.75 -30.47 6.66
C HIS K 20 17.39 -29.99 6.15
N ALA K 21 17.25 -29.87 4.83
CA ALA K 21 16.02 -29.29 4.27
C ALA K 21 14.84 -30.16 4.61
N LEU K 22 15.08 -31.45 4.60
CA LEU K 22 14.09 -32.41 5.06
C LEU K 22 13.55 -32.15 6.47
N THR K 23 14.17 -31.24 7.21
CA THR K 23 13.56 -30.72 8.43
C THR K 23 12.21 -30.10 8.12
N SER K 24 12.09 -29.39 7.01
CA SER K 24 10.78 -28.88 6.71
C SER K 24 9.92 -30.02 6.22
N GLY K 25 8.84 -30.29 6.92
CA GLY K 25 7.91 -31.28 6.42
C GLY K 25 7.47 -30.83 5.01
N THR K 26 7.15 -29.55 4.88
CA THR K 26 6.67 -29.01 3.63
C THR K 26 7.73 -29.36 2.56
N ILE K 27 8.88 -28.66 2.56
CA ILE K 27 9.98 -29.04 1.71
C ILE K 27 10.14 -30.55 1.51
N LYS K 28 10.01 -31.31 2.59
CA LYS K 28 10.25 -32.75 2.57
C LYS K 28 9.37 -33.45 1.59
N ALA K 29 8.22 -32.87 1.29
CA ALA K 29 7.38 -33.48 0.26
C ALA K 29 7.49 -32.79 -1.06
N MET K 30 7.81 -31.48 -1.08
CA MET K 30 7.95 -30.62 -2.28
C MET K 30 9.04 -31.14 -3.21
N LEU K 31 9.73 -32.17 -2.74
CA LEU K 31 10.73 -32.90 -3.49
C LEU K 31 10.94 -34.14 -2.59
N SER K 32 11.25 -35.28 -3.18
CA SER K 32 10.92 -36.54 -2.52
C SER K 32 9.39 -36.53 -2.54
N GLY K 33 8.82 -36.22 -3.72
CA GLY K 33 7.37 -36.23 -3.97
C GLY K 33 7.02 -35.77 -5.38
N ASN K 43 17.05 -31.19 -6.14
CA ASN K 43 16.63 -30.16 -7.06
C ASN K 43 16.37 -28.79 -6.41
N GLU K 44 15.56 -27.97 -7.12
CA GLU K 44 15.27 -26.57 -6.79
C GLU K 44 13.92 -26.45 -6.09
N VAL K 45 13.73 -25.38 -5.34
CA VAL K 45 12.44 -25.02 -4.84
C VAL K 45 12.45 -23.52 -4.76
N ASN K 46 11.37 -22.90 -5.16
CA ASN K 46 11.34 -21.48 -5.35
C ASN K 46 10.32 -20.85 -4.39
N PHE K 47 10.69 -19.84 -3.61
CA PHE K 47 9.78 -19.33 -2.58
C PHE K 47 9.48 -17.89 -2.90
N ARG K 48 8.37 -17.62 -3.59
CA ARG K 48 8.09 -16.24 -3.92
C ARG K 48 7.46 -15.58 -2.73
N GLU K 49 7.19 -16.43 -1.76
CA GLU K 49 6.53 -16.02 -0.53
C GLU K 49 7.63 -15.45 0.41
N ILE K 50 8.72 -16.22 0.61
CA ILE K 50 9.79 -15.88 1.60
C ILE K 50 11.00 -15.07 1.10
N PRO K 51 11.22 -13.87 1.67
CA PRO K 51 12.41 -13.06 1.34
C PRO K 51 13.74 -13.57 2.02
N SER K 52 14.90 -13.14 1.51
CA SER K 52 16.23 -13.68 1.92
C SER K 52 16.61 -13.39 3.38
N HIS K 53 16.30 -12.18 3.88
CA HIS K 53 16.55 -11.92 5.28
C HIS K 53 15.81 -12.90 6.23
N VAL K 54 14.74 -13.58 5.74
CA VAL K 54 14.01 -14.62 6.47
C VAL K 54 14.56 -16.00 6.15
N LEU K 55 14.67 -16.31 4.87
CA LEU K 55 15.01 -17.68 4.47
C LEU K 55 16.42 -18.08 4.91
N SER K 56 17.26 -17.08 5.15
CA SER K 56 18.61 -17.37 5.67
C SER K 56 18.57 -17.87 7.14
N LYS K 57 17.75 -17.24 7.93
CA LYS K 57 17.53 -17.74 9.25
C LYS K 57 16.98 -19.15 9.23
N VAL K 58 16.00 -19.33 8.36
CA VAL K 58 15.33 -20.62 8.25
C VAL K 58 16.41 -21.64 8.08
N CYS K 59 17.42 -21.24 7.36
CA CYS K 59 18.49 -22.15 6.99
C CYS K 59 19.37 -22.36 8.16
N MET K 60 19.85 -21.34 8.85
CA MET K 60 20.49 -21.60 10.14
C MET K 60 19.65 -22.54 11.03
N TYR K 61 18.32 -22.31 11.13
CA TYR K 61 17.46 -23.20 11.87
C TYR K 61 17.68 -24.60 11.40
N PHE K 62 17.71 -24.85 10.11
CA PHE K 62 17.98 -26.22 9.72
C PHE K 62 19.24 -26.80 10.36
N THR K 63 20.34 -26.05 10.32
CA THR K 63 21.59 -26.65 10.72
C THR K 63 21.56 -26.84 12.23
N TYR K 64 21.05 -25.82 12.95
CA TYR K 64 20.76 -25.90 14.40
C TYR K 64 20.01 -27.17 14.85
N LYS K 65 18.89 -27.43 14.21
CA LYS K 65 18.03 -28.53 14.58
C LYS K 65 18.72 -29.82 14.32
N VAL K 66 19.50 -29.89 13.26
CA VAL K 66 20.17 -31.15 12.92
C VAL K 66 21.32 -31.34 13.87
N ARG K 67 21.99 -30.25 14.23
CA ARG K 67 23.18 -30.37 15.05
C ARG K 67 22.82 -30.87 16.42
N TYR K 68 21.71 -30.34 16.96
CA TYR K 68 21.35 -30.52 18.37
C TYR K 68 20.32 -31.58 18.77
N THR K 69 19.53 -32.13 17.85
CA THR K 69 18.47 -33.03 18.32
C THR K 69 19.00 -34.38 18.84
N ASN K 70 18.28 -34.95 19.81
CA ASN K 70 18.67 -36.26 20.35
C ASN K 70 20.21 -36.29 20.53
N SER K 71 20.73 -35.19 21.09
CA SER K 71 22.08 -35.04 21.64
C SER K 71 21.91 -34.58 23.09
N SER K 72 22.95 -34.81 23.92
CA SER K 72 22.98 -34.40 25.37
C SER K 72 24.10 -33.36 25.77
N THR K 73 24.99 -33.01 24.81
CA THR K 73 25.89 -31.84 24.92
C THR K 73 25.05 -30.57 24.82
N GLU K 74 25.06 -29.74 25.87
CA GLU K 74 24.21 -28.56 26.11
C GLU K 74 23.76 -27.68 24.92
N ILE K 75 22.45 -27.65 24.69
CA ILE K 75 21.80 -26.93 23.62
C ILE K 75 21.78 -25.43 23.93
N PRO K 76 22.17 -24.58 22.97
CA PRO K 76 22.14 -23.11 23.08
C PRO K 76 20.84 -22.54 22.58
N GLU K 77 20.59 -21.27 22.81
CA GLU K 77 19.30 -20.80 22.48
C GLU K 77 19.31 -20.63 20.99
N PHE K 78 18.26 -21.06 20.27
CA PHE K 78 18.10 -20.48 18.90
C PHE K 78 17.71 -18.97 18.97
N PRO K 79 18.50 -18.04 18.39
CA PRO K 79 18.20 -16.62 18.53
C PRO K 79 17.40 -15.98 17.36
N ILE K 80 16.53 -15.03 17.68
CA ILE K 80 15.72 -14.40 16.65
C ILE K 80 15.60 -12.92 16.99
N ALA K 81 16.28 -12.05 16.24
CA ALA K 81 16.12 -10.58 16.36
C ALA K 81 14.68 -10.15 16.24
N PRO K 82 14.24 -9.19 17.09
CA PRO K 82 12.87 -8.59 17.01
C PRO K 82 12.37 -8.30 15.57
N GLU K 83 13.24 -7.70 14.75
CA GLU K 83 12.86 -7.17 13.43
C GLU K 83 12.40 -8.24 12.41
N ILE K 84 12.53 -9.49 12.80
CA ILE K 84 12.54 -10.63 11.89
C ILE K 84 11.50 -11.66 12.37
N ALA K 85 10.96 -11.44 13.56
CA ALA K 85 10.13 -12.44 14.15
C ALA K 85 8.82 -12.71 13.46
N LEU K 86 8.14 -11.68 13.01
CA LEU K 86 6.88 -11.93 12.31
C LEU K 86 7.02 -12.78 11.06
N GLU K 87 8.07 -12.52 10.28
CA GLU K 87 8.18 -13.22 9.01
C GLU K 87 8.71 -14.61 9.20
N LEU K 88 9.58 -14.78 10.16
CA LEU K 88 10.04 -16.13 10.42
C LEU K 88 8.84 -16.99 10.85
N LEU K 89 7.93 -16.35 11.61
CA LEU K 89 6.83 -17.06 12.18
C LEU K 89 5.96 -17.53 11.02
N MET K 90 5.61 -16.59 10.14
CA MET K 90 4.82 -16.88 8.91
C MET K 90 5.49 -18.01 8.15
N ALA K 91 6.78 -17.86 7.89
CA ALA K 91 7.52 -18.84 7.10
C ALA K 91 7.52 -20.22 7.78
N ALA K 92 7.67 -20.21 9.12
CA ALA K 92 7.79 -21.44 9.87
C ALA K 92 6.43 -22.07 9.84
N ASN K 93 5.40 -21.23 9.92
CA ASN K 93 4.10 -21.82 9.82
C ASN K 93 3.92 -22.55 8.49
N PHE K 94 4.45 -21.93 7.41
CA PHE K 94 4.33 -22.53 6.09
C PHE K 94 5.23 -23.76 5.94
N LEU K 95 6.46 -23.66 6.42
CA LEU K 95 7.35 -24.80 6.19
C LEU K 95 7.11 -25.96 7.13
N ASP K 96 6.30 -25.71 8.17
CA ASP K 96 5.95 -26.73 9.14
C ASP K 96 7.19 -27.28 9.80
N CYS K 97 7.92 -26.38 10.46
CA CYS K 97 9.16 -26.76 11.08
C CYS K 97 9.41 -26.03 12.40
N LEU L 12 -1.91 -39.66 37.36
CA LEU L 12 -0.52 -39.02 37.19
C LEU L 12 -0.02 -38.16 38.42
N ARG L 13 0.31 -38.84 39.51
CA ARG L 13 0.61 -38.15 40.72
C ARG L 13 1.88 -38.71 41.37
N SER L 14 2.46 -38.03 42.36
CA SER L 14 3.58 -38.61 43.09
C SER L 14 3.04 -39.77 43.89
N VAL L 15 3.84 -40.81 44.03
CA VAL L 15 3.52 -41.86 44.96
C VAL L 15 3.98 -41.48 46.39
N ASN L 16 3.20 -41.78 47.40
CA ASN L 16 3.58 -41.29 48.71
C ASN L 16 4.35 -42.35 49.48
N SER L 17 5.66 -42.48 49.20
CA SER L 17 6.48 -43.55 49.83
C SER L 17 7.41 -42.80 50.68
N ARG L 18 7.44 -43.02 51.97
CA ARG L 18 8.23 -42.09 52.70
C ARG L 18 9.70 -42.49 52.69
N GLU L 19 10.16 -42.76 51.48
CA GLU L 19 11.52 -43.20 51.23
C GLU L 19 12.29 -42.11 50.60
N PRO L 20 13.09 -41.40 51.42
CA PRO L 20 13.84 -40.24 50.89
C PRO L 20 14.66 -40.57 49.67
N SER L 21 15.04 -39.53 48.95
CA SER L 21 15.99 -39.62 47.86
C SER L 21 16.51 -38.23 47.65
N GLN L 22 17.82 -38.10 47.58
CA GLN L 22 18.39 -36.77 47.34
C GLN L 22 18.71 -36.64 45.85
N VAL L 23 18.55 -35.44 45.34
CA VAL L 23 18.58 -35.27 43.95
C VAL L 23 19.36 -34.00 43.69
N ILE L 24 20.18 -33.96 42.69
CA ILE L 24 20.64 -32.63 42.31
C ILE L 24 19.88 -32.06 41.10
N PHE L 25 19.41 -30.82 41.25
CA PHE L 25 18.76 -30.08 40.18
C PHE L 25 19.80 -29.35 39.49
N CYS L 26 20.23 -29.86 38.35
CA CYS L 26 21.24 -29.14 37.59
C CYS L 26 20.67 -28.32 36.39
N ASN L 27 20.84 -27.00 36.39
CA ASN L 27 20.25 -26.25 35.26
C ASN L 27 21.22 -25.97 34.15
N ARG L 28 21.21 -26.78 33.10
CA ARG L 28 22.00 -26.53 31.90
C ARG L 28 21.17 -25.90 30.74
N SER L 29 20.69 -24.70 30.99
CA SER L 29 19.90 -23.98 30.01
C SER L 29 20.09 -22.50 30.33
N PRO L 30 19.76 -21.61 29.39
CA PRO L 30 19.91 -20.17 29.67
C PRO L 30 18.67 -19.51 30.32
N ARG L 31 17.72 -20.33 30.74
CA ARG L 31 16.48 -19.77 31.22
C ARG L 31 16.57 -19.82 32.71
N VAL L 32 15.87 -18.94 33.41
CA VAL L 32 15.51 -19.18 34.80
C VAL L 32 14.53 -20.32 34.86
N VAL L 33 14.83 -21.34 35.63
CA VAL L 33 14.05 -22.59 35.64
C VAL L 33 13.14 -22.66 36.83
N LEU L 34 12.05 -23.39 36.71
CA LEU L 34 11.07 -23.45 37.79
C LEU L 34 10.73 -24.87 37.92
N PRO L 35 11.30 -25.57 38.90
CA PRO L 35 10.91 -26.93 39.16
C PRO L 35 9.51 -26.91 39.77
N VAL L 36 8.81 -28.03 39.65
CA VAL L 36 7.37 -28.11 39.88
C VAL L 36 7.06 -29.54 40.22
N TRP L 37 6.63 -29.76 41.45
CA TRP L 37 6.43 -31.08 41.95
C TRP L 37 4.97 -31.48 41.76
N LEU L 38 4.74 -32.69 41.27
CA LEU L 38 3.38 -33.22 41.38
C LEU L 38 3.04 -33.85 42.74
N ASN L 39 2.24 -33.10 43.49
CA ASN L 39 1.32 -33.47 44.55
C ASN L 39 0.82 -34.87 44.56
N PHE L 40 0.26 -35.26 45.70
CA PHE L 40 -0.33 -36.57 45.80
C PHE L 40 -1.74 -36.54 45.21
N ASP L 41 -2.26 -35.34 44.95
CA ASP L 41 -3.54 -35.18 44.21
C ASP L 41 -3.43 -34.92 42.69
N GLY L 42 -2.22 -34.85 42.12
CA GLY L 42 -2.04 -34.43 40.72
C GLY L 42 -1.72 -32.94 40.51
N GLU L 43 -1.90 -32.11 41.56
CA GLU L 43 -1.61 -30.68 41.53
C GLU L 43 -0.14 -30.23 41.37
N PRO L 44 0.13 -29.52 40.27
CA PRO L 44 1.48 -29.00 40.13
C PRO L 44 1.78 -28.08 41.29
N GLN L 45 3.01 -28.16 41.82
CA GLN L 45 3.42 -27.29 42.91
C GLN L 45 4.80 -26.70 42.69
N PRO L 46 4.87 -25.38 42.64
CA PRO L 46 6.04 -24.55 42.44
C PRO L 46 7.09 -24.59 43.57
N TYR L 47 8.35 -24.63 43.17
CA TYR L 47 9.43 -24.67 44.08
C TYR L 47 10.44 -23.53 43.82
N PRO L 48 11.40 -23.37 44.73
CA PRO L 48 12.24 -22.19 44.45
C PRO L 48 12.99 -22.30 43.12
N THR L 49 13.23 -21.16 42.46
CA THR L 49 13.71 -21.10 41.07
C THR L 49 15.19 -21.27 41.06
N LEU L 50 15.74 -21.64 39.89
CA LEU L 50 17.18 -21.82 39.70
C LEU L 50 17.69 -20.85 38.68
N PRO L 51 18.71 -20.03 39.02
CA PRO L 51 19.10 -19.11 37.92
C PRO L 51 19.87 -19.91 36.90
N PRO L 52 20.02 -19.37 35.66
CA PRO L 52 20.67 -19.95 34.49
C PRO L 52 21.95 -20.74 34.67
N GLY L 53 22.78 -20.47 35.65
CA GLY L 53 24.01 -21.31 35.65
C GLY L 53 24.22 -22.48 36.61
N THR L 54 23.20 -22.82 37.40
CA THR L 54 23.44 -23.31 38.73
C THR L 54 22.83 -24.68 38.96
N GLY L 55 23.23 -25.33 40.05
CA GLY L 55 22.63 -26.59 40.49
C GLY L 55 22.29 -26.62 41.98
N ARG L 56 21.48 -27.58 42.41
CA ARG L 56 21.23 -27.63 43.83
C ARG L 56 20.79 -28.97 44.35
N ARG L 57 21.27 -29.30 45.55
CA ARG L 57 20.91 -30.58 46.17
C ARG L 57 19.57 -30.28 46.81
N ILE L 58 18.63 -31.22 46.66
CA ILE L 58 17.32 -31.06 47.22
C ILE L 58 16.78 -32.41 47.60
N HIS L 59 15.98 -32.46 48.67
CA HIS L 59 15.42 -33.71 49.28
C HIS L 59 14.05 -34.03 48.76
N SER L 60 13.82 -35.29 48.43
CA SER L 60 12.58 -35.73 47.79
C SER L 60 12.53 -37.24 48.01
N TYR L 61 11.73 -37.99 47.25
CA TYR L 61 11.34 -39.33 47.68
C TYR L 61 11.23 -40.35 46.56
N ARG L 62 11.58 -41.60 46.82
CA ARG L 62 11.31 -42.60 45.80
C ARG L 62 9.90 -42.34 45.25
N GLY L 63 9.74 -42.50 43.93
CA GLY L 63 8.47 -42.32 43.21
C GLY L 63 7.78 -40.96 43.15
N HIS L 64 8.45 -39.88 43.48
CA HIS L 64 7.81 -38.59 43.27
C HIS L 64 7.93 -38.05 41.87
N LEU L 65 7.01 -37.15 41.48
CA LEU L 65 7.10 -36.68 40.12
C LEU L 65 7.49 -35.25 40.00
N TRP L 66 8.38 -34.99 39.04
CA TRP L 66 8.75 -33.61 38.76
C TRP L 66 8.73 -33.24 37.28
N LEU L 67 8.52 -31.96 37.00
CA LEU L 67 8.73 -31.46 35.67
C LEU L 67 9.26 -30.05 35.87
N PHE L 68 9.81 -29.42 34.80
CA PHE L 68 10.52 -28.16 34.95
C PHE L 68 10.24 -27.18 33.82
N ARG L 69 9.82 -25.97 34.15
CA ARG L 69 9.39 -25.00 33.18
C ARG L 69 10.22 -23.73 33.31
N ASP L 70 10.30 -22.93 32.26
CA ASP L 70 10.78 -21.58 32.35
C ASP L 70 9.94 -20.78 33.39
N ALA L 71 10.62 -20.07 34.27
CA ALA L 71 9.93 -19.47 35.37
C ALA L 71 9.16 -18.20 34.98
N GLY L 72 9.53 -17.55 33.88
CA GLY L 72 8.86 -16.36 33.49
C GLY L 72 7.75 -16.55 32.46
N THR L 73 7.77 -17.67 31.73
CA THR L 73 6.96 -17.81 30.51
C THR L 73 6.34 -19.18 30.44
N HIS L 74 6.83 -20.08 31.30
CA HIS L 74 6.29 -21.41 31.38
C HIS L 74 6.66 -22.37 30.23
N ASP L 75 7.50 -21.93 29.29
CA ASP L 75 7.99 -22.82 28.21
C ASP L 75 8.45 -24.14 28.79
N GLY L 76 8.09 -25.25 28.16
CA GLY L 76 8.50 -26.61 28.60
C GLY L 76 9.98 -26.80 28.42
N LEU L 77 10.61 -27.59 29.30
CA LEU L 77 12.04 -27.82 29.29
C LEU L 77 12.22 -29.29 29.47
N LEU L 78 13.34 -29.88 29.07
CA LEU L 78 13.48 -31.34 29.20
C LEU L 78 14.27 -31.63 30.44
N VAL L 79 14.02 -32.81 31.05
CA VAL L 79 14.81 -33.18 32.20
C VAL L 79 15.45 -34.50 31.94
N ASN L 80 16.79 -34.54 31.98
CA ASN L 80 17.53 -35.72 31.51
C ASN L 80 16.82 -36.17 30.25
N GLN L 81 16.75 -35.32 29.24
CA GLN L 81 16.16 -35.65 27.93
C GLN L 81 14.67 -35.90 27.89
N THR L 82 14.04 -36.30 29.00
CA THR L 82 12.61 -36.65 28.99
C THR L 82 11.76 -35.52 29.63
N GLU L 83 10.47 -35.75 29.77
CA GLU L 83 9.57 -34.68 30.20
C GLU L 83 9.35 -34.66 31.72
N LEU L 84 9.41 -35.86 32.28
CA LEU L 84 9.11 -36.10 33.66
C LEU L 84 10.32 -36.70 34.37
N PHE L 85 10.49 -36.39 35.65
CA PHE L 85 11.63 -36.85 36.45
C PHE L 85 11.13 -37.52 37.72
N VAL L 86 11.49 -38.78 37.88
CA VAL L 86 11.04 -39.62 38.98
C VAL L 86 12.19 -40.10 39.86
N PRO L 87 12.35 -39.48 41.03
CA PRO L 87 13.52 -39.90 41.85
C PRO L 87 13.57 -41.45 42.19
N SER L 88 14.75 -42.04 42.19
CA SER L 88 14.90 -43.50 42.42
C SER L 88 15.57 -43.82 43.79
N LEU L 89 15.77 -45.10 44.12
CA LEU L 89 16.54 -45.49 45.33
C LEU L 89 17.98 -44.96 45.36
N ASN L 90 18.32 -44.36 46.50
CA ASN L 90 19.50 -43.49 46.57
C ASN L 90 20.85 -44.10 46.94
N VAL L 91 21.19 -44.10 48.24
CA VAL L 91 22.61 -44.25 48.75
C VAL L 91 23.35 -45.41 48.06
N ASP L 92 24.61 -45.19 47.66
CA ASP L 92 25.24 -45.87 46.49
C ASP L 92 25.44 -44.75 45.47
N GLY L 93 26.69 -44.57 44.98
CA GLY L 93 27.05 -43.59 43.91
C GLY L 93 26.49 -42.22 44.20
N GLN L 94 25.91 -42.14 45.40
CA GLN L 94 25.06 -41.11 46.00
C GLN L 94 23.95 -40.40 45.11
N PRO L 95 23.93 -39.07 45.06
CA PRO L 95 22.72 -38.42 44.52
C PRO L 95 22.44 -38.63 43.03
N ILE L 96 21.16 -38.57 42.67
CA ILE L 96 20.70 -38.66 41.28
C ILE L 96 20.67 -37.27 40.67
N PHE L 97 21.22 -37.16 39.46
CA PHE L 97 21.14 -35.94 38.67
C PHE L 97 19.91 -35.78 37.80
N ALA L 98 19.34 -34.59 37.91
CA ALA L 98 18.35 -34.05 36.99
C ALA L 98 18.99 -32.93 36.15
N ASN L 99 19.40 -33.30 34.95
CA ASN L 99 19.91 -32.32 33.96
C ASN L 99 18.78 -31.69 33.19
N ILE L 100 18.67 -30.38 33.34
CA ILE L 100 17.54 -29.61 32.85
C ILE L 100 18.12 -28.87 31.71
N THR L 101 17.59 -29.10 30.50
CA THR L 101 18.14 -28.54 29.25
C THR L 101 17.01 -27.94 28.46
N LEU L 102 17.29 -27.06 27.52
CA LEU L 102 16.25 -26.61 26.59
C LEU L 102 16.05 -27.68 25.58
N PRO L 103 14.81 -27.88 25.13
CA PRO L 103 14.60 -28.75 23.99
C PRO L 103 15.01 -28.12 22.66
N VAL L 104 15.06 -28.92 21.61
CA VAL L 104 15.07 -28.33 20.29
C VAL L 104 13.64 -27.87 20.00
N TYR L 105 13.37 -26.60 20.28
CA TYR L 105 12.04 -26.08 20.01
C TYR L 105 11.82 -26.06 18.49
N THR L 106 10.64 -26.46 18.01
CA THR L 106 10.38 -26.23 16.61
C THR L 106 10.56 -24.76 16.38
N LEU L 107 10.96 -24.39 15.17
CA LEU L 107 11.07 -22.96 14.83
C LEU L 107 9.78 -22.15 14.98
N LYS L 108 8.63 -22.71 14.57
CA LYS L 108 7.27 -22.02 14.83
C LYS L 108 7.11 -21.67 16.30
N GLU L 109 7.46 -22.66 17.15
CA GLU L 109 7.39 -22.50 18.58
C GLU L 109 8.35 -21.49 19.04
N ARG L 110 9.53 -21.43 18.43
CA ARG L 110 10.53 -20.45 18.89
C ARG L 110 10.10 -19.04 18.62
N CYS L 111 9.55 -18.78 17.45
CA CYS L 111 9.10 -17.42 17.14
C CYS L 111 7.94 -17.04 18.04
N LEU L 112 7.05 -17.99 18.33
CA LEU L 112 5.92 -17.61 19.14
C LEU L 112 6.48 -17.05 20.45
N GLN L 113 7.63 -17.59 20.94
CA GLN L 113 8.18 -17.24 22.25
C GLN L 113 8.70 -15.86 22.20
N VAL L 114 9.37 -15.56 21.11
CA VAL L 114 10.03 -14.25 20.97
C VAL L 114 9.01 -13.13 20.85
N VAL L 115 8.00 -13.35 19.99
CA VAL L 115 6.95 -12.37 19.81
C VAL L 115 6.18 -12.15 21.12
N ARG L 116 5.79 -13.25 21.78
CA ARG L 116 5.16 -13.12 23.09
C ARG L 116 6.08 -12.31 24.02
N SER L 117 7.39 -12.49 23.89
CA SER L 117 8.30 -11.75 24.75
C SER L 117 8.20 -10.25 24.43
N LEU L 118 7.61 -9.92 23.29
CA LEU L 118 7.76 -8.57 22.80
C LEU L 118 6.48 -7.82 22.63
N VAL L 119 5.35 -8.53 22.65
CA VAL L 119 4.05 -7.83 22.57
C VAL L 119 3.08 -8.17 23.72
N LYS L 120 2.55 -7.13 24.39
CA LYS L 120 1.60 -7.26 25.53
C LYS L 120 0.38 -7.98 25.02
N PRO L 121 -0.23 -8.88 25.81
CA PRO L 121 -1.29 -9.76 25.25
C PRO L 121 -2.54 -9.03 24.76
N GLU L 122 -2.80 -7.84 25.32
CA GLU L 122 -3.87 -7.01 24.81
C GLU L 122 -3.51 -6.46 23.41
N ASN L 123 -2.22 -6.46 23.07
CA ASN L 123 -1.73 -5.98 21.77
C ASN L 123 -1.65 -7.01 20.58
N TYR L 124 -1.75 -8.32 20.88
CA TYR L 124 -1.70 -9.43 19.86
C TYR L 124 -2.61 -9.25 18.65
N ARG L 125 -3.82 -8.74 18.92
CA ARG L 125 -4.82 -8.45 17.88
C ARG L 125 -4.33 -7.45 16.85
N ARG L 126 -3.60 -6.44 17.31
CA ARG L 126 -3.06 -5.46 16.38
C ARG L 126 -1.95 -6.01 15.45
N LEU L 127 -1.51 -7.27 15.63
CA LEU L 127 -0.42 -7.83 14.82
C LEU L 127 -0.95 -8.16 13.45
N ASP L 128 -0.17 -7.87 12.41
CA ASP L 128 -0.68 -8.10 11.07
C ASP L 128 -0.37 -9.52 10.55
N ILE L 129 -1.12 -10.45 11.09
CA ILE L 129 -0.87 -11.84 10.82
C ILE L 129 -2.19 -12.59 10.75
N VAL L 130 -2.18 -13.77 10.17
CA VAL L 130 -3.37 -14.57 10.04
C VAL L 130 -4.06 -14.96 11.36
N ARG L 131 -5.35 -15.23 11.28
CA ARG L 131 -6.16 -15.52 12.44
C ARG L 131 -5.80 -16.80 13.21
N SER L 132 -5.09 -17.73 12.60
CA SER L 132 -4.85 -18.93 13.34
C SER L 132 -3.53 -18.76 14.10
N LEU L 133 -2.79 -17.69 13.79
CA LEU L 133 -1.54 -17.39 14.47
C LEU L 133 -1.76 -16.50 15.70
N TYR L 134 -2.74 -15.62 15.63
CA TYR L 134 -3.31 -14.99 16.83
C TYR L 134 -3.65 -16.11 17.82
N GLU L 135 -4.46 -17.06 17.39
CA GLU L 135 -4.88 -18.17 18.26
C GLU L 135 -3.69 -19.03 18.74
N ASP L 136 -2.66 -19.12 17.90
CA ASP L 136 -1.43 -19.74 18.30
C ASP L 136 -0.64 -18.89 19.33
N LEU L 137 -0.66 -17.57 19.19
CA LEU L 137 -0.01 -16.71 20.16
C LEU L 137 -0.59 -16.81 21.58
N GLU L 138 -1.89 -17.08 21.67
CA GLU L 138 -2.65 -16.92 22.93
C GLU L 138 -2.65 -18.19 23.69
N ASP L 139 -2.64 -19.31 22.99
CA ASP L 139 -2.29 -20.59 23.57
C ASP L 139 -0.89 -20.60 24.20
N HIS L 140 -0.69 -19.69 25.18
CA HIS L 140 0.40 -19.69 26.20
C HIS L 140 0.67 -21.08 26.75
N PRO L 141 1.95 -21.45 26.87
CA PRO L 141 2.19 -22.81 27.32
C PRO L 141 1.80 -22.83 28.79
N ASN L 142 1.40 -24.00 29.29
CA ASN L 142 0.57 -24.06 30.49
C ASN L 142 0.57 -25.49 31.08
N VAL L 143 0.95 -25.59 32.35
CA VAL L 143 1.26 -26.88 32.94
C VAL L 143 0.04 -27.74 33.11
N GLN L 144 -1.08 -27.14 33.57
CA GLN L 144 -2.30 -27.96 33.69
C GLN L 144 -2.59 -28.54 32.31
N LYS L 145 -2.63 -27.67 31.29
CA LYS L 145 -2.78 -28.10 29.87
C LYS L 145 -1.84 -29.23 29.48
N ASP L 146 -0.53 -28.96 29.58
CA ASP L 146 0.51 -29.94 29.24
C ASP L 146 0.30 -31.19 30.08
N LEU L 147 -0.22 -31.06 31.29
CA LEU L 147 -0.47 -32.24 32.10
C LEU L 147 -1.63 -33.05 31.60
N GLU L 148 -2.71 -32.38 31.16
CA GLU L 148 -3.83 -33.10 30.54
C GLU L 148 -3.26 -33.92 29.37
N ARG L 149 -2.52 -33.24 28.47
CA ARG L 149 -1.93 -33.86 27.28
C ARG L 149 -1.16 -35.18 27.58
N LEU L 150 -0.19 -35.12 28.51
CA LEU L 150 0.67 -36.28 28.88
C LEU L 150 -0.12 -37.48 29.31
N THR L 151 -1.13 -37.23 30.14
CA THR L 151 -2.05 -38.24 30.67
C THR L 151 -2.79 -38.89 29.49
N GLN L 152 -3.31 -38.06 28.59
CA GLN L 152 -4.10 -38.57 27.48
C GLN L 152 -3.26 -39.49 26.61
N GLU L 153 -1.93 -39.35 26.68
CA GLU L 153 -1.04 -40.27 25.95
C GLU L 153 -0.24 -41.13 26.92
CAA ZTD M . -15.41 -32.13 11.47
CAW ZTD M . -15.11 -31.26 10.23
CAK ZTD M . -15.32 -29.94 10.18
NAQ ZTD M . -14.64 -31.75 9.08
OAT ZTD M . -14.51 -30.66 8.27
CAZ ZTD M . -14.97 -29.52 8.96
CAM ZTD M . -14.98 -28.07 8.37
CAU ZTD M . -13.49 -27.67 8.10
OAB ZTD M . -12.75 -27.55 9.07
N ZTD M . -12.89 -27.49 6.88
CD2 ZTD M . -13.48 -27.78 5.58
CG ZTD M . -12.27 -28.18 4.72
OD1 ZTD M . -11.84 -29.54 4.96
CB ZTD M . -11.24 -27.18 5.20
CA ZTD M . -11.45 -27.22 6.70
C ZTD M . -11.10 -25.92 7.35
O ZTD M . -11.89 -24.99 7.26
NAR ZTD M . -9.92 -25.90 8.02
CAL ZTD M . -9.43 -24.75 8.80
CAX ZTD M . -8.73 -23.70 7.96
CAE ZTD M . -8.11 -24.04 6.74
CAG ZTD M . -7.48 -23.03 5.98
CAF ZTD M . -8.71 -22.36 8.39
CAH ZTD M . -8.09 -21.35 7.62
CAY ZTD M . -7.46 -21.70 6.42
CBA ZTD M . -6.78 -20.62 5.58
CAI ZTD M . -5.52 -18.44 5.84
OAD ZTD M . -6.50 -20.89 4.40
OAS ZTD M . -6.62 -19.35 6.12
CAA ZTD N . -30.50 10.63 19.16
CAW ZTD N . -30.71 11.63 17.99
CAK ZTD N . -30.78 12.97 18.07
NAQ ZTD N . -30.84 11.22 16.73
OAT ZTD N . -31.00 12.41 15.99
CAZ ZTD N . -30.96 13.47 16.85
CAM ZTD N . -31.08 14.94 16.33
CAU ZTD N . -29.62 15.40 16.10
OAB ZTD N . -28.94 15.48 17.11
N ZTD N . -28.95 15.68 14.94
CD2 ZTD N . -29.43 15.49 13.57
CG ZTD N . -28.11 15.24 12.74
OD1 ZTD N . -27.69 13.86 12.60
CB ZTD N . -27.03 16.08 13.45
CA ZTD N . -27.49 16.04 14.90
C ZTD N . -27.12 17.34 15.66
O ZTD N . -27.99 18.15 15.98
NAR ZTD N . -25.83 17.43 16.02
CAL ZTD N . -25.35 18.53 16.87
CAX ZTD N . -24.75 19.76 16.15
CAE ZTD N . -24.01 19.58 14.98
CAG ZTD N . -23.44 20.66 14.29
CAF ZTD N . -24.91 21.06 16.68
CAH ZTD N . -24.32 22.14 15.99
CAY ZTD N . -23.59 21.95 14.79
CBA ZTD N . -22.90 23.11 13.99
CAI ZTD N . -21.73 25.27 14.09
OAD ZTD N . -22.38 22.88 12.89
OAS ZTD N . -22.78 24.36 14.59
CAA ZTD O . -8.96 5.62 62.01
CAW ZTD O . -9.26 6.61 60.87
CAK ZTD O . -9.04 7.95 60.89
NAQ ZTD O . -9.77 6.21 59.70
OAT ZTD O . -9.88 7.40 58.93
CAZ ZTD O . -9.44 8.44 59.69
CAM ZTD O . -9.43 9.86 59.12
CAU ZTD O . -7.96 10.25 58.82
OAB ZTD O . -7.18 10.34 59.75
N ZTD O . -7.46 10.55 57.61
CD2 ZTD O . -8.12 10.50 56.28
CG ZTD O . -6.99 10.36 55.24
OD1 ZTD O . -6.78 9.02 54.76
CB ZTD O . -5.74 10.84 55.95
CA ZTD O . -6.04 10.89 57.46
C ZTD O . -5.71 12.28 58.05
O ZTD O . -6.57 13.17 58.11
NAR ZTD O . -4.44 12.38 58.48
CAL ZTD O . -3.79 13.59 59.06
CAX ZTD O . -3.21 14.50 57.93
CAE ZTD O . -2.92 14.00 56.63
CAG ZTD O . -2.42 14.86 55.65
CAF ZTD O . -2.97 15.86 58.19
CAH ZTD O . -2.47 16.71 57.21
CAY ZTD O . -2.19 16.21 55.94
CBA ZTD O . -1.63 17.15 54.86
CAI ZTD O . -1.53 17.83 52.51
OAD ZTD O . -0.94 18.12 55.20
OAS ZTD O . -1.83 16.86 53.52
CAA ZTD P . 7.38 -37.56 53.65
CAW ZTD P . 7.01 -36.57 52.56
CAK ZTD P . 7.22 -35.22 52.57
NAQ ZTD P . 6.45 -36.98 51.42
OAT ZTD P . 6.30 -35.77 50.71
CAZ ZTD P . 6.75 -34.72 51.43
CAM ZTD P . 6.67 -33.32 50.89
CAU ZTD P . 8.09 -32.95 50.57
OAB ZTD P . 8.78 -32.55 51.49
N ZTD P . 8.63 -33.05 49.34
CD2 ZTD P . 7.83 -33.38 48.12
CG ZTD P . 8.83 -33.39 47.00
OD1 ZTD P . 9.31 -34.74 46.97
CB ZTD P . 9.92 -32.45 47.45
CA ZTD P . 10.00 -32.65 48.98
C ZTD P . 10.30 -31.31 49.63
O ZTD P . 9.45 -30.41 49.69
NAR ZTD P . 11.55 -31.14 50.09
CAL ZTD P . 11.99 -29.87 50.71
CAX ZTD P . 12.57 -28.95 49.64
CAE ZTD P . 12.87 -29.48 48.36
CAG ZTD P . 13.43 -28.67 47.38
CAF ZTD P . 12.83 -27.59 49.93
CAH ZTD P . 13.40 -26.78 48.94
CAY ZTD P . 13.70 -27.33 47.67
CBA ZTD P . 14.27 -26.47 46.58
CAI ZTD P . 14.08 -26.04 44.23
OAD ZTD P . 14.57 -25.28 46.81
OAS ZTD P . 14.37 -27.02 45.32
#